data_6C8Q
#
_entry.id   6C8Q
#
_cell.length_a   85.445
_cell.length_b   85.165
_cell.length_c   175.811
_cell.angle_alpha   90.00
_cell.angle_beta   94.54
_cell.angle_gamma   90.00
#
_symmetry.space_group_name_H-M   'P 1 21 1'
#
loop_
_entity.id
_entity.type
_entity.pdbx_description
1 polymer 'NH(3)-dependent NAD(+) synthetase'
2 non-polymer NICOTINAMIDE-ADENINE-DINUCLEOTIDE
3 water water
#
_entity_poly.entity_id   1
_entity_poly.type   'polypeptide(L)'
_entity_poly.pdbx_seq_one_letter_code
;MTTLQEKIIQELGVLPTIDPKEEVRKSIDFLKAYLTKHPFLKTFVLGISGGQDSTLAGRLAQLAMTEMREETGDMSYQFI
AIRLPYGEQADEADAQAALAFIQPDVSLRVDIKPAVDAMVGSLENAGVQISDFNKGNMKARQRMITQYAVAGENAGAVIG
TDHAAENVTAFFTKYGDGGADILPLFRLNKRQGKALLKELGAPEALYLKIPTADLEDDKPLVADEVALGVTYDAIDDYLE
GKKVSETDQQTIENWYKKGQHKRHLPITIFDDFWK
;
_entity_poly.pdbx_strand_id   A,B,C,D,E,F,G,H
#
loop_
_chem_comp.id
_chem_comp.type
_chem_comp.name
_chem_comp.formula
NAD non-polymer NICOTINAMIDE-ADENINE-DINUCLEOTIDE 'C21 H27 N7 O14 P2'
#
# COMPACT_ATOMS: atom_id res chain seq x y z
N THR A 2 9.88 18.97 26.69
CA THR A 2 10.48 17.68 27.00
C THR A 2 9.94 16.58 26.10
N THR A 3 10.78 15.58 25.82
CA THR A 3 10.40 14.46 24.96
C THR A 3 9.92 13.29 25.81
N LEU A 4 9.37 12.28 25.12
CA LEU A 4 8.94 11.08 25.82
C LEU A 4 10.12 10.35 26.45
N GLN A 5 11.26 10.33 25.76
CA GLN A 5 12.44 9.69 26.30
C GLN A 5 12.91 10.39 27.57
N GLU A 6 12.98 11.72 27.54
CA GLU A 6 13.38 12.47 28.73
C GLU A 6 12.39 12.23 29.88
N LYS A 7 11.10 12.18 29.56
CA LYS A 7 10.09 11.90 30.59
C LYS A 7 10.27 10.51 31.19
N ILE A 8 10.41 9.50 30.32
CA ILE A 8 10.56 8.13 30.80
C ILE A 8 11.80 8.01 31.68
N ILE A 9 12.89 8.67 31.30
CA ILE A 9 14.10 8.64 32.11
C ILE A 9 13.85 9.26 33.47
N GLN A 10 13.14 10.39 33.50
CA GLN A 10 12.82 11.03 34.78
C GLN A 10 11.89 10.16 35.61
N GLU A 11 10.92 9.52 34.97
CA GLU A 11 9.99 8.65 35.70
C GLU A 11 10.72 7.48 36.36
N LEU A 12 11.69 6.89 35.65
CA LEU A 12 12.42 5.75 36.18
C LEU A 12 13.70 6.15 36.90
N GLY A 13 14.08 7.42 36.87
CA GLY A 13 15.23 7.91 37.60
C GLY A 13 16.53 7.23 37.24
N VAL A 14 16.80 7.07 35.95
CA VAL A 14 18.03 6.44 35.48
C VAL A 14 19.08 7.52 35.24
N LEU A 15 20.28 7.29 35.76
CA LEU A 15 21.34 8.23 35.45
C LEU A 15 22.19 7.72 34.30
N PRO A 16 22.63 8.61 33.40
CA PRO A 16 23.49 8.16 32.29
C PRO A 16 24.77 7.49 32.74
N THR A 17 25.20 7.71 33.99
CA THR A 17 26.40 7.08 34.52
C THR A 17 26.28 7.04 36.04
N ILE A 18 26.78 5.95 36.63
CA ILE A 18 26.63 5.70 38.06
C ILE A 18 27.99 5.44 38.68
N ASP A 19 28.02 5.46 40.01
CA ASP A 19 29.13 4.97 40.81
C ASP A 19 28.69 3.63 41.40
N PRO A 20 29.12 2.50 40.83
CA PRO A 20 28.59 1.21 41.30
C PRO A 20 28.81 0.96 42.78
N LYS A 21 29.95 1.38 43.33
CA LYS A 21 30.17 1.26 44.76
C LYS A 21 29.18 2.11 45.54
N GLU A 22 28.92 3.34 45.06
CA GLU A 22 27.96 4.20 45.74
C GLU A 22 26.54 3.68 45.59
N GLU A 23 26.20 3.14 44.43
CA GLU A 23 24.84 2.63 44.20
C GLU A 23 24.54 1.44 45.11
N VAL A 24 25.54 0.60 45.37
CA VAL A 24 25.36 -0.50 46.31
C VAL A 24 24.99 0.02 47.69
N ARG A 25 25.67 1.09 48.13
CA ARG A 25 25.33 1.68 49.42
C ARG A 25 23.96 2.34 49.39
N LYS A 26 23.62 3.00 48.27
CA LYS A 26 22.28 3.58 48.14
C LYS A 26 21.22 2.51 48.24
N SER A 27 21.46 1.36 47.60
CA SER A 27 20.48 0.27 47.65
C SER A 27 20.36 -0.29 49.06
N ILE A 28 21.48 -0.48 49.75
CA ILE A 28 21.46 -1.12 51.06
C ILE A 28 20.87 -0.18 52.10
N ASP A 29 21.32 1.07 52.12
CA ASP A 29 20.80 2.03 53.10
C ASP A 29 19.31 2.25 52.93
N PHE A 30 18.83 2.24 51.68
CA PHE A 30 17.40 2.34 51.43
C PHE A 30 16.64 1.18 52.07
N LEU A 31 17.14 -0.04 51.89
CA LEU A 31 16.52 -1.19 52.54
C LEU A 31 16.55 -1.05 54.05
N LYS A 32 17.74 -0.80 54.62
CA LYS A 32 17.87 -0.69 56.07
C LYS A 32 16.96 0.40 56.62
N ALA A 33 16.86 1.54 55.92
CA ALA A 33 15.99 2.62 56.37
C ALA A 33 14.53 2.15 56.46
N TYR A 34 14.12 1.26 55.57
CA TYR A 34 12.74 0.79 55.62
C TYR A 34 12.48 -0.10 56.83
N LEU A 35 13.43 -0.98 57.16
CA LEU A 35 13.27 -1.82 58.34
C LEU A 35 13.13 -0.97 59.60
N THR A 36 14.02 0.01 59.76
CA THR A 36 14.03 0.82 60.98
C THR A 36 12.71 1.54 61.18
N LYS A 37 12.11 2.03 60.10
CA LYS A 37 10.83 2.72 60.19
C LYS A 37 9.65 1.78 60.38
N HIS A 38 9.85 0.47 60.15
CA HIS A 38 8.78 -0.53 60.30
C HIS A 38 9.34 -1.67 61.14
N PRO A 39 9.33 -1.52 62.48
CA PRO A 39 9.93 -2.54 63.34
C PRO A 39 9.23 -3.89 63.28
N PHE A 40 8.00 -3.94 62.77
CA PHE A 40 7.31 -5.22 62.62
CA PHE A 40 7.31 -5.23 62.64
C PHE A 40 7.87 -6.08 61.51
N LEU A 41 8.76 -5.53 60.68
CA LEU A 41 9.39 -6.29 59.60
C LEU A 41 10.74 -6.79 60.08
N LYS A 42 10.92 -8.12 60.06
CA LYS A 42 12.13 -8.74 60.56
C LYS A 42 12.95 -9.45 59.49
N THR A 43 12.32 -9.96 58.43
CA THR A 43 13.02 -10.74 57.43
C THR A 43 12.77 -10.19 56.03
N PHE A 44 13.63 -10.60 55.11
CA PHE A 44 13.48 -10.32 53.69
C PHE A 44 13.38 -11.63 52.94
N VAL A 45 12.42 -11.71 52.01
CA VAL A 45 12.14 -12.92 51.27
C VAL A 45 12.32 -12.63 49.78
N LEU A 46 12.94 -13.57 49.07
CA LEU A 46 13.13 -13.43 47.64
C LEU A 46 13.30 -14.80 47.01
N GLY A 47 12.68 -14.99 45.85
CA GLY A 47 12.92 -16.19 45.06
C GLY A 47 14.19 -16.03 44.25
N ILE A 48 15.07 -17.02 44.35
CA ILE A 48 16.35 -17.01 43.64
C ILE A 48 16.21 -17.90 42.41
N SER A 49 16.21 -17.29 41.24
CA SER A 49 16.06 -18.01 39.98
C SER A 49 17.39 -18.31 39.29
N GLY A 50 18.48 -17.73 39.78
CA GLY A 50 19.77 -17.87 39.13
C GLY A 50 20.09 -16.79 38.13
N GLY A 51 19.17 -15.85 37.89
CA GLY A 51 19.40 -14.79 36.93
C GLY A 51 20.07 -13.57 37.56
N GLN A 52 20.48 -12.66 36.69
CA GLN A 52 21.20 -11.46 37.12
C GLN A 52 20.40 -10.66 38.14
N ASP A 53 19.11 -10.45 37.88
CA ASP A 53 18.29 -9.58 38.71
C ASP A 53 18.15 -10.14 40.13
N SER A 54 17.66 -11.38 40.25
CA SER A 54 17.44 -11.95 41.57
C SER A 54 18.74 -12.24 42.30
N THR A 55 19.86 -12.38 41.59
CA THR A 55 21.15 -12.54 42.24
C THR A 55 21.59 -11.24 42.88
N LEU A 56 21.50 -10.12 42.14
CA LEU A 56 21.91 -8.84 42.67
C LEU A 56 20.99 -8.38 43.79
N ALA A 57 19.67 -8.48 43.57
CA ALA A 57 18.72 -8.10 44.61
C ALA A 57 18.87 -8.98 45.85
N GLY A 58 19.23 -10.26 45.67
CA GLY A 58 19.42 -11.13 46.81
C GLY A 58 20.66 -10.79 47.61
N ARG A 59 21.76 -10.49 46.92
CA ARG A 59 23.00 -10.14 47.62
C ARG A 59 22.83 -8.84 48.39
N LEU A 60 22.20 -7.83 47.77
CA LEU A 60 21.96 -6.57 48.46
C LEU A 60 21.05 -6.77 49.65
N ALA A 61 20.05 -7.66 49.52
CA ALA A 61 19.16 -7.94 50.65
C ALA A 61 19.91 -8.63 51.78
N GLN A 62 20.75 -9.61 51.45
CA GLN A 62 21.50 -10.31 52.48
C GLN A 62 22.51 -9.39 53.15
N LEU A 63 23.21 -8.57 52.37
CA LEU A 63 24.15 -7.62 52.94
C LEU A 63 23.46 -6.61 53.85
N ALA A 64 22.21 -6.25 53.53
CA ALA A 64 21.47 -5.34 54.39
C ALA A 64 21.17 -5.98 55.74
N MET A 65 20.69 -7.23 55.73
CA MET A 65 20.33 -7.90 56.98
C MET A 65 21.56 -8.16 57.84
N THR A 66 22.69 -8.48 57.21
CA THR A 66 23.92 -8.69 57.98
C THR A 66 24.32 -7.42 58.72
N GLU A 67 24.18 -6.27 58.07
CA GLU A 67 24.48 -5.01 58.74
C GLU A 67 23.45 -4.71 59.83
N MET A 68 22.18 -5.03 59.57
CA MET A 68 21.12 -4.77 60.55
C MET A 68 21.40 -5.50 61.87
N ARG A 69 21.62 -6.81 61.80
CA ARG A 69 21.80 -7.60 63.02
C ARG A 69 23.11 -7.29 63.72
N GLU A 70 24.09 -6.69 63.02
CA GLU A 70 25.31 -6.27 63.68
C GLU A 70 25.14 -4.92 64.35
N GLU A 71 24.42 -4.00 63.70
CA GLU A 71 24.19 -2.68 64.29
C GLU A 71 23.21 -2.76 65.45
N THR A 72 22.14 -3.53 65.30
CA THR A 72 21.08 -3.60 66.30
C THR A 72 21.25 -4.76 67.28
N GLY A 73 22.14 -5.70 67.01
CA GLY A 73 22.25 -6.91 67.81
C GLY A 73 21.07 -7.85 67.69
N ASP A 74 19.98 -7.44 67.05
CA ASP A 74 18.79 -8.28 66.90
C ASP A 74 19.06 -9.36 65.87
N MET A 75 19.10 -10.62 66.32
CA MET A 75 19.34 -11.74 65.41
C MET A 75 18.11 -12.13 64.63
N SER A 76 16.95 -11.50 64.88
CA SER A 76 15.76 -11.80 64.09
C SER A 76 15.92 -11.35 62.65
N TYR A 77 16.77 -10.35 62.39
CA TYR A 77 16.97 -9.84 61.05
C TYR A 77 17.70 -10.87 60.20
N GLN A 78 16.97 -11.50 59.28
CA GLN A 78 17.55 -12.49 58.39
C GLN A 78 17.00 -12.28 56.98
N PHE A 79 17.72 -12.82 56.00
CA PHE A 79 17.26 -12.86 54.63
C PHE A 79 16.98 -14.31 54.25
N ILE A 80 15.83 -14.56 53.64
CA ILE A 80 15.38 -15.89 53.31
C ILE A 80 15.36 -16.03 51.79
N ALA A 81 16.19 -16.93 51.28
CA ALA A 81 16.23 -17.25 49.85
C ALA A 81 15.40 -18.49 49.59
N ILE A 82 14.58 -18.44 48.54
CA ILE A 82 13.71 -19.55 48.17
C ILE A 82 14.00 -19.94 46.74
N ARG A 83 14.40 -21.19 46.53
CA ARG A 83 14.44 -21.76 45.19
C ARG A 83 13.05 -22.22 44.81
N LEU A 84 12.57 -21.77 43.64
CA LEU A 84 11.20 -22.02 43.19
C LEU A 84 11.20 -22.71 41.84
N PRO A 85 11.62 -23.98 41.78
CA PRO A 85 11.62 -24.69 40.51
C PRO A 85 10.22 -25.18 40.14
N TYR A 86 9.98 -25.29 38.83
CA TYR A 86 8.77 -25.92 38.31
C TYR A 86 9.13 -27.35 37.96
N GLY A 87 8.82 -28.27 38.87
CA GLY A 87 9.12 -29.68 38.66
C GLY A 87 10.32 -30.12 39.48
N GLU A 88 10.51 -31.44 39.51
CA GLU A 88 11.55 -32.05 40.31
C GLU A 88 12.80 -32.41 39.51
N GLN A 89 12.74 -32.36 38.18
CA GLN A 89 13.91 -32.55 37.34
C GLN A 89 14.36 -31.24 36.69
N ALA A 90 13.93 -30.11 37.22
CA ALA A 90 14.36 -28.82 36.69
C ALA A 90 15.79 -28.54 37.12
N ASP A 91 16.63 -28.12 36.17
CA ASP A 91 18.04 -27.87 36.44
C ASP A 91 18.16 -26.69 37.41
N GLU A 92 18.80 -26.93 38.55
CA GLU A 92 19.01 -25.91 39.58
C GLU A 92 20.46 -25.50 39.71
N ALA A 93 21.31 -25.87 38.76
CA ALA A 93 22.73 -25.53 38.84
C ALA A 93 22.93 -24.01 38.83
N ASP A 94 22.19 -23.30 37.97
CA ASP A 94 22.30 -21.85 37.96
C ASP A 94 21.81 -21.24 39.26
N ALA A 95 20.72 -21.79 39.82
CA ALA A 95 20.16 -21.24 41.04
C ALA A 95 21.14 -21.32 42.20
N GLN A 96 21.73 -22.49 42.41
CA GLN A 96 22.66 -22.66 43.52
C GLN A 96 24.03 -22.05 43.25
N ALA A 97 24.35 -21.72 42.00
CA ALA A 97 25.52 -20.89 41.75
C ALA A 97 25.33 -19.49 42.32
N ALA A 98 24.12 -18.94 42.18
CA ALA A 98 23.81 -17.66 42.82
C ALA A 98 23.76 -17.80 44.33
N LEU A 99 23.23 -18.92 44.82
CA LEU A 99 23.16 -19.15 46.27
C LEU A 99 24.54 -19.11 46.91
N ALA A 100 25.54 -19.70 46.24
CA ALA A 100 26.89 -19.71 46.78
C ALA A 100 27.45 -18.30 46.90
N PHE A 101 27.02 -17.38 46.04
CA PHE A 101 27.50 -16.01 46.11
C PHE A 101 26.72 -15.20 47.14
N ILE A 102 25.41 -15.42 47.24
CA ILE A 102 24.59 -14.64 48.16
C ILE A 102 24.89 -15.03 49.60
N GLN A 103 25.09 -16.33 49.86
CA GLN A 103 25.23 -16.87 51.20
C GLN A 103 24.05 -16.43 52.07
N PRO A 104 22.85 -16.94 51.81
CA PRO A 104 21.68 -16.50 52.58
C PRO A 104 21.61 -17.16 53.94
N ASP A 105 20.98 -16.45 54.88
CA ASP A 105 20.78 -17.01 56.21
C ASP A 105 19.87 -18.22 56.17
N VAL A 106 18.81 -18.16 55.36
CA VAL A 106 17.87 -19.26 55.19
C VAL A 106 17.79 -19.59 53.71
N SER A 107 17.87 -20.88 53.38
CA SER A 107 17.78 -21.34 52.00
C SER A 107 16.71 -22.42 51.93
N LEU A 108 15.58 -22.09 51.30
CA LEU A 108 14.45 -23.01 51.16
C LEU A 108 14.27 -23.39 49.70
N ARG A 109 13.55 -24.49 49.48
CA ARG A 109 13.19 -24.94 48.15
C ARG A 109 11.75 -25.42 48.17
N VAL A 110 10.89 -24.76 47.40
CA VAL A 110 9.48 -25.12 47.28
C VAL A 110 9.18 -25.35 45.81
N ASP A 111 8.72 -26.55 45.49
CA ASP A 111 8.32 -26.89 44.13
C ASP A 111 6.93 -26.33 43.86
N ILE A 112 6.79 -25.55 42.78
CA ILE A 112 5.51 -24.94 42.44
C ILE A 112 4.70 -25.76 41.45
N LYS A 113 5.23 -26.89 40.97
CA LYS A 113 4.54 -27.66 39.95
C LYS A 113 3.23 -28.28 40.46
N PRO A 114 3.18 -28.85 41.67
CA PRO A 114 1.89 -29.40 42.14
C PRO A 114 0.77 -28.37 42.18
N ALA A 115 1.05 -27.16 42.67
CA ALA A 115 0.02 -26.14 42.73
C ALA A 115 -0.39 -25.67 41.34
N VAL A 116 0.60 -25.40 40.49
CA VAL A 116 0.31 -24.91 39.14
C VAL A 116 -0.46 -25.97 38.35
N ASP A 117 -0.03 -27.23 38.42
CA ASP A 117 -0.73 -28.29 37.71
C ASP A 117 -2.13 -28.51 38.26
N ALA A 118 -2.32 -28.32 39.56
CA ALA A 118 -3.65 -28.47 40.15
C ALA A 118 -4.56 -27.34 39.71
N MET A 119 -4.03 -26.12 39.63
CA MET A 119 -4.81 -24.97 39.17
C MET A 119 -5.15 -25.09 37.69
N VAL A 120 -4.19 -25.56 36.89
CA VAL A 120 -4.46 -25.79 35.47
C VAL A 120 -5.57 -26.82 35.32
N GLY A 121 -5.49 -27.91 36.08
CA GLY A 121 -6.51 -28.94 36.01
C GLY A 121 -7.88 -28.42 36.42
N SER A 122 -7.94 -27.63 37.50
CA SER A 122 -9.21 -27.06 37.92
C SER A 122 -9.75 -26.08 36.88
N LEU A 123 -8.85 -25.45 36.10
CA LEU A 123 -9.31 -24.56 35.03
C LEU A 123 -9.82 -25.37 33.84
N GLU A 124 -9.10 -26.43 33.46
CA GLU A 124 -9.56 -27.29 32.38
C GLU A 124 -10.90 -27.93 32.72
N ASN A 125 -11.17 -28.14 34.01
CA ASN A 125 -12.46 -28.66 34.45
C ASN A 125 -13.61 -27.71 34.13
N ALA A 126 -13.31 -26.45 33.79
CA ALA A 126 -14.33 -25.48 33.42
C ALA A 126 -14.22 -25.08 31.95
N GLY A 127 -13.52 -25.86 31.14
CA GLY A 127 -13.37 -25.58 29.73
C GLY A 127 -12.30 -24.58 29.37
N VAL A 128 -11.47 -24.17 30.33
CA VAL A 128 -10.44 -23.17 30.10
C VAL A 128 -9.11 -23.89 29.92
N GLN A 129 -8.63 -23.94 28.68
CA GLN A 129 -7.33 -24.52 28.37
C GLN A 129 -6.28 -23.41 28.40
N ILE A 130 -5.21 -23.63 29.15
CA ILE A 130 -4.19 -22.60 29.37
C ILE A 130 -3.07 -22.78 28.35
N SER A 131 -2.77 -21.70 27.62
CA SER A 131 -1.73 -21.73 26.61
C SER A 131 -0.36 -21.90 27.25
N ASP A 132 0.67 -22.01 26.41
CA ASP A 132 2.03 -22.15 26.91
C ASP A 132 2.51 -20.87 27.59
N PHE A 133 2.25 -19.72 26.96
CA PHE A 133 2.72 -18.45 27.53
C PHE A 133 1.91 -18.06 28.74
N ASN A 134 0.60 -18.25 28.70
CA ASN A 134 -0.24 -17.97 29.87
C ASN A 134 0.20 -18.81 31.06
N LYS A 135 0.52 -20.08 30.82
CA LYS A 135 1.04 -20.94 31.89
C LYS A 135 2.31 -20.37 32.50
N GLY A 136 3.13 -19.69 31.69
CA GLY A 136 4.29 -19.01 32.25
C GLY A 136 3.90 -17.91 33.22
N ASN A 137 2.90 -17.11 32.84
CA ASN A 137 2.38 -16.09 33.75
C ASN A 137 1.80 -16.73 35.02
N MET A 138 1.19 -17.91 34.87
CA MET A 138 0.67 -18.61 36.04
C MET A 138 1.80 -19.04 36.97
N LYS A 139 2.96 -19.41 36.41
CA LYS A 139 4.09 -19.80 37.23
C LYS A 139 4.64 -18.61 38.01
N ALA A 140 4.73 -17.44 37.36
CA ALA A 140 5.24 -16.26 38.04
C ALA A 140 4.32 -15.82 39.17
N ARG A 141 3.01 -15.95 38.96
CA ARG A 141 2.06 -15.59 40.01
C ARG A 141 2.07 -16.62 41.14
N GLN A 142 2.28 -17.89 40.81
CA GLN A 142 2.40 -18.90 41.86
C GLN A 142 3.67 -18.71 42.67
N ARG A 143 4.75 -18.26 42.01
CA ARG A 143 5.96 -17.92 42.76
C ARG A 143 5.73 -16.69 43.65
N MET A 144 4.87 -15.77 43.21
CA MET A 144 4.50 -14.64 44.06
C MET A 144 3.79 -15.13 45.32
N ILE A 145 2.91 -16.13 45.19
CA ILE A 145 2.17 -16.62 46.34
C ILE A 145 3.12 -17.27 47.34
N THR A 146 4.10 -18.03 46.85
CA THR A 146 5.01 -18.75 47.73
C THR A 146 5.85 -17.78 48.56
N GLN A 147 6.44 -16.77 47.91
CA GLN A 147 7.24 -15.80 48.63
C GLN A 147 6.40 -15.05 49.66
N TYR A 148 5.14 -14.76 49.33
CA TYR A 148 4.29 -14.04 50.27
C TYR A 148 3.77 -14.94 51.38
N ALA A 149 3.65 -16.24 51.12
CA ALA A 149 3.31 -17.17 52.18
C ALA A 149 4.44 -17.27 53.20
N VAL A 150 5.69 -17.26 52.74
CA VAL A 150 6.83 -17.35 53.65
C VAL A 150 6.98 -16.05 54.43
N ALA A 151 6.82 -14.90 53.76
CA ALA A 151 6.87 -13.63 54.47
C ALA A 151 5.74 -13.50 55.47
N GLY A 152 4.56 -13.99 55.12
CA GLY A 152 3.42 -13.96 56.02
C GLY A 152 3.60 -14.80 57.27
N GLU A 153 4.65 -15.61 57.34
CA GLU A 153 4.97 -16.38 58.53
C GLU A 153 6.15 -15.81 59.31
N ASN A 154 7.06 -15.12 58.64
CA ASN A 154 8.30 -14.65 59.25
C ASN A 154 8.37 -13.13 59.36
N ALA A 155 7.20 -12.46 59.41
CA ALA A 155 7.12 -11.01 59.53
C ALA A 155 8.02 -10.31 58.52
N GLY A 156 7.96 -10.79 57.27
CA GLY A 156 8.90 -10.39 56.25
C GLY A 156 8.30 -9.45 55.20
N ALA A 157 9.19 -8.92 54.39
CA ALA A 157 8.84 -8.13 53.21
C ALA A 157 9.42 -8.81 51.98
N VAL A 158 8.67 -8.76 50.88
CA VAL A 158 9.02 -9.48 49.66
C VAL A 158 9.87 -8.57 48.79
N ILE A 159 11.11 -8.97 48.54
CA ILE A 159 12.00 -8.21 47.66
C ILE A 159 11.54 -8.36 46.22
N GLY A 160 11.59 -7.27 45.47
CA GLY A 160 11.26 -7.27 44.05
C GLY A 160 12.50 -7.00 43.22
N THR A 161 12.55 -7.63 42.04
CA THR A 161 13.70 -7.51 41.15
C THR A 161 13.45 -6.56 39.98
N ASP A 162 12.35 -5.81 40.01
CA ASP A 162 12.06 -4.90 38.92
C ASP A 162 13.09 -3.76 38.88
N HIS A 163 13.53 -3.45 37.67
CA HIS A 163 14.53 -2.40 37.45
C HIS A 163 14.08 -1.56 36.26
N ALA A 164 14.95 -0.65 35.82
CA ALA A 164 14.58 0.31 34.78
C ALA A 164 14.37 -0.39 33.44
N ALA A 165 15.34 -1.22 33.02
CA ALA A 165 15.24 -1.87 31.72
C ALA A 165 14.00 -2.76 31.62
N GLU A 166 13.60 -3.39 32.73
CA GLU A 166 12.40 -4.20 32.74
C GLU A 166 11.14 -3.36 32.79
N ASN A 167 11.21 -2.15 33.35
CA ASN A 167 10.01 -1.36 33.59
C ASN A 167 9.56 -0.61 32.33
N VAL A 168 10.51 -0.15 31.51
CA VAL A 168 10.12 0.50 30.25
C VAL A 168 9.28 -0.45 29.41
N THR A 169 9.69 -1.70 29.33
CA THR A 169 9.04 -2.70 28.50
C THR A 169 7.92 -3.42 29.23
N ALA A 170 7.73 -3.16 30.53
CA ALA A 170 6.76 -3.90 31.35
C ALA A 170 6.96 -5.40 31.19
N PHE A 171 8.22 -5.81 31.10
CA PHE A 171 8.60 -7.20 30.87
C PHE A 171 8.54 -7.97 32.19
N PHE A 172 7.33 -8.09 32.71
CA PHE A 172 7.10 -8.85 33.94
C PHE A 172 5.61 -9.20 34.01
N THR A 173 5.32 -10.23 34.80
CA THR A 173 3.94 -10.66 34.99
C THR A 173 3.24 -9.77 36.01
N LYS A 174 2.10 -9.22 35.64
CA LYS A 174 1.30 -8.42 36.55
C LYS A 174 0.88 -9.25 37.75
N TYR A 175 1.26 -8.80 38.94
CA TYR A 175 1.04 -9.53 40.20
C TYR A 175 1.70 -10.90 40.16
N GLY A 176 2.75 -11.03 39.35
CA GLY A 176 3.60 -12.20 39.37
C GLY A 176 4.95 -11.84 39.97
N ASP A 177 5.98 -11.72 39.14
CA ASP A 177 7.23 -11.17 39.63
C ASP A 177 7.14 -9.68 39.87
N GLY A 178 6.17 -9.00 39.26
CA GLY A 178 5.91 -7.61 39.56
C GLY A 178 5.24 -7.38 40.89
N GLY A 179 4.74 -8.44 41.53
CA GLY A 179 4.14 -8.33 42.84
C GLY A 179 5.16 -8.48 43.95
N ALA A 180 5.52 -7.37 44.59
CA ALA A 180 6.53 -7.38 45.64
C ALA A 180 6.29 -6.21 46.57
N ASP A 181 7.08 -6.15 47.64
CA ASP A 181 6.94 -5.14 48.67
C ASP A 181 7.90 -3.96 48.49
N ILE A 182 9.16 -4.23 48.13
CA ILE A 182 10.17 -3.18 48.04
C ILE A 182 11.11 -3.52 46.88
N LEU A 183 11.62 -2.48 46.23
CA LEU A 183 12.38 -2.61 44.98
C LEU A 183 13.77 -2.01 45.14
N PRO A 184 14.76 -2.83 45.56
CA PRO A 184 16.12 -2.29 45.72
C PRO A 184 16.82 -1.96 44.41
N LEU A 185 16.41 -2.56 43.29
CA LEU A 185 17.09 -2.33 42.02
C LEU A 185 16.46 -1.22 41.19
N PHE A 186 15.29 -0.72 41.57
CA PHE A 186 14.60 0.30 40.81
C PHE A 186 15.46 1.56 40.68
N ARG A 187 15.84 1.87 39.44
CA ARG A 187 16.56 3.06 38.94
C ARG A 187 17.68 2.63 38.01
N LEU A 188 18.08 1.36 38.09
CA LEU A 188 19.21 0.83 37.35
C LEU A 188 18.73 0.13 36.07
N ASN A 189 19.48 0.31 34.99
CA ASN A 189 19.19 -0.41 33.75
C ASN A 189 19.92 -1.74 33.78
N LYS A 190 19.92 -2.46 32.65
CA LYS A 190 20.45 -3.82 32.63
C LYS A 190 21.95 -3.84 32.88
N ARG A 191 22.71 -3.05 32.11
CA ARG A 191 24.16 -3.08 32.24
C ARG A 191 24.61 -2.46 33.55
N GLN A 192 23.87 -1.49 34.08
CA GLN A 192 24.19 -0.94 35.39
C GLN A 192 24.05 -2.01 36.46
N GLY A 193 23.04 -2.87 36.34
CA GLY A 193 22.91 -4.00 37.25
C GLY A 193 24.12 -4.91 37.20
N LYS A 194 24.66 -5.13 35.99
CA LYS A 194 25.89 -5.92 35.87
C LYS A 194 27.05 -5.24 36.58
N ALA A 195 27.13 -3.92 36.50
CA ALA A 195 28.22 -3.20 37.14
C ALA A 195 28.17 -3.36 38.66
N LEU A 196 26.98 -3.33 39.24
CA LEU A 196 26.85 -3.54 40.68
C LEU A 196 27.26 -4.97 41.06
N LEU A 197 26.85 -5.95 40.26
CA LEU A 197 27.27 -7.33 40.51
C LEU A 197 28.79 -7.45 40.43
N LYS A 198 29.41 -6.76 39.48
CA LYS A 198 30.86 -6.74 39.40
C LYS A 198 31.47 -6.06 40.62
N GLU A 199 30.84 -4.98 41.09
CA GLU A 199 31.33 -4.28 42.27
C GLU A 199 31.26 -5.16 43.52
N LEU A 200 30.25 -6.01 43.61
CA LEU A 200 30.07 -6.87 44.78
C LEU A 200 30.91 -8.14 44.73
N GLY A 201 31.80 -8.26 43.74
CA GLY A 201 32.65 -9.43 43.65
C GLY A 201 31.96 -10.69 43.17
N ALA A 202 30.86 -10.56 42.44
CA ALA A 202 30.17 -11.74 41.94
C ALA A 202 31.00 -12.39 40.84
N PRO A 203 31.07 -13.71 40.81
CA PRO A 203 31.74 -14.39 39.69
C PRO A 203 31.13 -13.96 38.37
N GLU A 204 32.00 -13.74 37.38
CA GLU A 204 31.58 -13.17 36.11
C GLU A 204 30.55 -14.02 35.39
N ALA A 205 30.47 -15.31 35.72
CA ALA A 205 29.51 -16.21 35.08
C ALA A 205 28.07 -15.95 35.52
N LEU A 206 27.84 -15.02 36.45
CA LEU A 206 26.49 -14.77 36.96
C LEU A 206 25.76 -13.65 36.22
N TYR A 207 26.46 -12.84 35.43
CA TYR A 207 25.80 -11.81 34.63
C TYR A 207 26.10 -11.90 33.14
N LEU A 208 27.30 -12.31 32.74
CA LEU A 208 27.56 -12.67 31.36
C LEU A 208 27.29 -14.16 31.19
N LYS A 209 27.63 -14.73 30.05
CA LYS A 209 27.47 -16.16 29.83
C LYS A 209 28.56 -16.71 28.91
N GLU A 216 35.52 -8.73 19.05
CA GLU A 216 35.02 -9.93 18.40
C GLU A 216 33.67 -9.69 17.73
N ASP A 217 33.00 -10.77 17.33
CA ASP A 217 31.73 -10.68 16.64
C ASP A 217 30.65 -10.15 17.58
N ASP A 218 29.47 -9.91 17.02
CA ASP A 218 28.33 -9.44 17.80
C ASP A 218 27.99 -10.42 18.91
N LYS A 219 27.49 -9.87 20.01
CA LYS A 219 27.08 -10.70 21.14
C LYS A 219 25.75 -11.38 20.83
N PRO A 220 25.58 -12.66 21.19
CA PRO A 220 24.34 -13.37 20.88
C PRO A 220 23.17 -12.81 21.68
N LEU A 221 21.97 -13.22 21.26
CA LEU A 221 20.74 -12.74 21.87
C LEU A 221 20.29 -13.68 22.98
N VAL A 222 19.66 -13.10 24.00
CA VAL A 222 19.06 -13.85 25.07
C VAL A 222 17.55 -13.91 24.85
N ALA A 223 16.87 -14.77 25.60
CA ALA A 223 15.45 -15.01 25.38
C ALA A 223 14.64 -13.72 25.51
N ASP A 224 15.00 -12.88 26.48
CA ASP A 224 14.23 -11.65 26.71
C ASP A 224 14.29 -10.73 25.50
N GLU A 225 15.43 -10.69 24.81
CA GLU A 225 15.59 -9.80 23.67
C GLU A 225 14.84 -10.31 22.44
N VAL A 226 14.74 -11.64 22.28
CA VAL A 226 13.97 -12.19 21.17
C VAL A 226 12.50 -11.85 21.33
N ALA A 227 11.97 -11.95 22.55
CA ALA A 227 10.57 -11.60 22.79
C ALA A 227 10.32 -10.12 22.54
N LEU A 228 11.27 -9.26 22.93
CA LEU A 228 11.04 -7.82 22.87
C LEU A 228 11.25 -7.26 21.48
N GLY A 229 12.13 -7.86 20.68
CA GLY A 229 12.48 -7.27 19.40
C GLY A 229 13.43 -6.10 19.51
N VAL A 230 14.13 -5.97 20.64
CA VAL A 230 15.11 -4.90 20.85
C VAL A 230 16.07 -5.38 21.93
N THR A 231 17.33 -5.02 21.78
CA THR A 231 18.39 -5.51 22.65
C THR A 231 18.45 -4.69 23.95
N TYR A 232 19.07 -5.29 24.97
CA TYR A 232 19.25 -4.59 26.24
C TYR A 232 20.21 -3.43 26.10
N ASP A 233 21.15 -3.49 25.13
CA ASP A 233 22.06 -2.38 24.92
C ASP A 233 21.32 -1.15 24.40
N ALA A 234 20.39 -1.34 23.46
CA ALA A 234 19.58 -0.22 23.00
C ALA A 234 18.66 0.29 24.10
N ILE A 235 18.07 -0.62 24.89
CA ILE A 235 17.23 -0.22 26.00
C ILE A 235 18.03 0.58 27.02
N ASP A 236 19.25 0.13 27.31
CA ASP A 236 20.08 0.86 28.27
C ASP A 236 20.55 2.19 27.69
N ASP A 237 20.97 2.20 26.42
CA ASP A 237 21.35 3.45 25.76
C ASP A 237 20.19 4.45 25.79
N TYR A 238 18.97 3.96 25.56
CA TYR A 238 17.80 4.82 25.59
C TYR A 238 17.61 5.43 26.98
N LEU A 239 17.70 4.61 28.02
CA LEU A 239 17.49 5.09 29.38
C LEU A 239 18.63 5.99 29.86
N GLU A 240 19.81 5.86 29.26
CA GLU A 240 20.92 6.74 29.58
C GLU A 240 20.88 8.05 28.82
N GLY A 241 19.81 8.29 28.06
CA GLY A 241 19.68 9.51 27.29
C GLY A 241 20.39 9.51 25.96
N LYS A 242 20.96 8.39 25.55
CA LYS A 242 21.67 8.34 24.28
C LYS A 242 20.70 8.17 23.13
N LYS A 243 21.16 8.54 21.93
CA LYS A 243 20.35 8.43 20.73
C LYS A 243 20.40 7.01 20.20
N VAL A 244 19.24 6.39 20.05
CA VAL A 244 19.12 5.08 19.44
C VAL A 244 18.46 5.24 18.07
N SER A 245 18.45 4.16 17.30
CA SER A 245 17.85 4.21 15.98
C SER A 245 16.35 4.48 16.08
N GLU A 246 15.80 5.04 14.99
CA GLU A 246 14.36 5.32 14.97
C GLU A 246 13.55 4.05 15.13
N THR A 247 14.04 2.93 14.57
CA THR A 247 13.33 1.67 14.68
C THR A 247 13.35 1.16 16.12
N ASP A 248 14.53 1.15 16.74
CA ASP A 248 14.63 0.67 18.11
C ASP A 248 13.90 1.59 19.08
N GLN A 249 13.91 2.89 18.83
CA GLN A 249 13.16 3.82 19.68
C GLN A 249 11.66 3.55 19.59
N GLN A 250 11.16 3.25 18.40
CA GLN A 250 9.75 2.93 18.25
C GLN A 250 9.39 1.65 19.00
N THR A 251 10.26 0.64 18.94
CA THR A 251 10.02 -0.60 19.66
C THR A 251 9.94 -0.36 21.16
N ILE A 252 10.86 0.44 21.70
CA ILE A 252 10.92 0.66 23.13
C ILE A 252 9.70 1.43 23.61
N GLU A 253 9.36 2.53 22.92
CA GLU A 253 8.23 3.35 23.35
C GLU A 253 6.90 2.65 23.13
N ASN A 254 6.84 1.73 22.16
CA ASN A 254 5.63 0.93 21.98
C ASN A 254 5.40 0.01 23.17
N TRP A 255 6.45 -0.66 23.62
CA TRP A 255 6.34 -1.46 24.84
C TRP A 255 5.92 -0.62 26.03
N TYR A 256 6.42 0.62 26.09
CA TYR A 256 6.10 1.50 27.21
C TYR A 256 4.59 1.78 27.27
N LYS A 257 4.03 2.26 26.16
CA LYS A 257 2.59 2.55 26.13
C LYS A 257 1.78 1.27 26.29
N LYS A 258 2.26 0.16 25.74
CA LYS A 258 1.54 -1.10 25.84
C LYS A 258 1.40 -1.56 27.28
N GLY A 259 2.40 -1.28 28.11
CA GLY A 259 2.39 -1.77 29.49
C GLY A 259 2.14 -0.70 30.54
N GLN A 260 1.44 0.38 30.16
CA GLN A 260 1.14 1.43 31.12
C GLN A 260 0.30 0.91 32.28
N HIS A 261 -0.63 -0.01 31.99
CA HIS A 261 -1.51 -0.56 33.02
C HIS A 261 -0.74 -1.34 34.08
N LYS A 262 0.45 -1.85 33.75
CA LYS A 262 1.27 -2.52 34.75
C LYS A 262 2.05 -1.55 35.61
N ARG A 263 2.27 -0.32 35.13
CA ARG A 263 3.02 0.68 35.87
C ARG A 263 2.14 1.51 36.81
N HIS A 264 0.86 1.20 36.89
CA HIS A 264 -0.06 1.96 37.74
C HIS A 264 -0.86 1.00 38.61
N LEU A 265 -1.46 1.57 39.65
CA LEU A 265 -2.41 0.84 40.47
C LEU A 265 -3.63 0.49 39.63
N PRO A 266 -4.51 -0.38 40.14
CA PRO A 266 -5.76 -0.65 39.41
C PRO A 266 -6.49 0.64 39.06
N ILE A 267 -7.01 0.68 37.84
CA ILE A 267 -7.50 1.93 37.26
C ILE A 267 -8.84 2.30 37.89
N THR A 268 -8.93 3.52 38.42
CA THR A 268 -10.15 4.07 38.98
C THR A 268 -10.75 5.09 38.02
N ILE A 269 -11.93 5.60 38.39
CA ILE A 269 -12.62 6.57 37.56
C ILE A 269 -11.93 7.91 37.52
N PHE A 270 -10.96 8.15 38.42
CA PHE A 270 -10.25 9.41 38.47
C PHE A 270 -8.98 9.43 37.63
N ASP A 271 -8.51 8.28 37.17
CA ASP A 271 -7.26 8.22 36.42
C ASP A 271 -7.42 8.86 35.05
N ASP A 272 -6.31 9.41 34.55
CA ASP A 272 -6.30 10.04 33.24
C ASP A 272 -5.11 9.62 32.38
N PHE A 273 -4.20 8.80 32.90
CA PHE A 273 -3.02 8.42 32.13
C PHE A 273 -3.38 7.58 30.92
N TRP A 274 -4.47 6.82 30.99
CA TRP A 274 -4.84 5.90 29.91
C TRP A 274 -5.63 6.57 28.80
N LYS A 275 -6.23 7.73 29.05
CA LYS A 275 -7.03 8.40 28.04
C LYS A 275 -6.16 9.04 26.98
N MET B 1 -3.44 24.20 56.65
CA MET B 1 -3.37 22.80 57.10
C MET B 1 -4.76 22.14 56.99
N THR B 2 -4.77 20.88 56.53
CA THR B 2 -6.00 20.12 56.29
C THR B 2 -5.96 18.81 57.06
N THR B 3 -7.11 18.44 57.61
CA THR B 3 -7.16 17.27 58.49
C THR B 3 -6.76 16.01 57.70
N LEU B 4 -6.45 14.96 58.45
CA LEU B 4 -6.24 13.66 57.83
C LEU B 4 -7.53 13.13 57.23
N GLN B 5 -8.66 13.39 57.90
CA GLN B 5 -9.95 12.97 57.37
C GLN B 5 -10.24 13.63 56.01
N GLU B 6 -9.89 14.91 55.88
CA GLU B 6 -10.09 15.59 54.61
C GLU B 6 -9.16 15.06 53.53
N LYS B 7 -7.91 14.73 53.90
CA LYS B 7 -6.99 14.16 52.93
C LYS B 7 -7.48 12.80 52.43
N ILE B 8 -7.94 11.95 53.36
CA ILE B 8 -8.39 10.61 52.98
C ILE B 8 -9.61 10.69 52.08
N ILE B 9 -10.56 11.57 52.41
CA ILE B 9 -11.76 11.72 51.59
C ILE B 9 -11.40 12.22 50.19
N GLN B 10 -10.47 13.17 50.12
CA GLN B 10 -10.01 13.65 48.82
C GLN B 10 -9.26 12.56 48.06
N GLU B 11 -8.43 11.78 48.77
CA GLU B 11 -7.66 10.73 48.13
C GLU B 11 -8.57 9.65 47.55
N LEU B 12 -9.59 9.24 48.32
CA LEU B 12 -10.50 8.19 47.89
C LEU B 12 -11.68 8.72 47.08
N GLY B 13 -11.88 10.04 47.03
CA GLY B 13 -12.91 10.62 46.20
C GLY B 13 -14.33 10.33 46.63
N VAL B 14 -14.57 10.25 47.94
CA VAL B 14 -15.92 10.00 48.45
C VAL B 14 -16.71 11.29 48.47
N LEU B 15 -17.99 11.21 48.11
CA LEU B 15 -18.90 12.35 48.16
C LEU B 15 -19.87 12.18 49.32
N PRO B 16 -20.15 13.25 50.07
CA PRO B 16 -21.08 13.13 51.20
C PRO B 16 -22.49 12.76 50.79
N THR B 17 -22.89 13.09 49.58
CA THR B 17 -24.16 12.64 49.01
C THR B 17 -23.96 12.36 47.54
N ILE B 18 -24.70 11.37 47.03
CA ILE B 18 -24.55 10.91 45.66
C ILE B 18 -25.92 10.79 45.03
N ASP B 19 -25.91 10.56 43.71
CA ASP B 19 -27.12 10.26 42.94
C ASP B 19 -26.97 8.84 42.41
N PRO B 20 -27.64 7.85 43.02
CA PRO B 20 -27.39 6.45 42.63
C PRO B 20 -27.59 6.17 41.16
N LYS B 21 -28.60 6.79 40.54
CA LYS B 21 -28.82 6.60 39.11
C LYS B 21 -27.64 7.17 38.31
N GLU B 22 -27.18 8.36 38.66
CA GLU B 22 -26.05 8.95 37.97
C GLU B 22 -24.78 8.15 38.22
N GLU B 23 -24.57 7.71 39.47
CA GLU B 23 -23.37 6.95 39.79
C GLU B 23 -23.36 5.60 39.09
N VAL B 24 -24.54 5.02 38.83
CA VAL B 24 -24.60 3.81 38.02
C VAL B 24 -24.10 4.10 36.61
N ARG B 25 -24.52 5.23 36.04
CA ARG B 25 -24.05 5.62 34.71
C ARG B 25 -22.56 5.91 34.71
N LYS B 26 -22.05 6.57 35.75
CA LYS B 26 -20.64 6.95 35.79
C LYS B 26 -19.74 5.73 35.81
N SER B 27 -20.17 4.64 36.44
CA SER B 27 -19.38 3.41 36.42
C SER B 27 -19.50 2.71 35.08
N ILE B 28 -20.71 2.61 34.53
CA ILE B 28 -20.91 1.93 33.26
C ILE B 28 -20.16 2.66 32.14
N ASP B 29 -20.29 3.99 32.09
CA ASP B 29 -19.60 4.77 31.07
C ASP B 29 -18.09 4.68 31.22
N PHE B 30 -17.61 4.62 32.46
CA PHE B 30 -16.18 4.50 32.71
C PHE B 30 -15.64 3.18 32.16
N LEU B 31 -16.37 2.08 32.38
CA LEU B 31 -15.94 0.79 31.86
C LEU B 31 -15.98 0.77 30.33
N LYS B 32 -17.04 1.34 29.75
CA LYS B 32 -17.14 1.36 28.29
C LYS B 32 -16.09 2.25 27.66
N ALA B 33 -15.80 3.40 28.29
CA ALA B 33 -14.79 4.30 27.76
C ALA B 33 -13.41 3.65 27.77
N TYR B 34 -13.13 2.82 28.76
CA TYR B 34 -11.83 2.14 28.80
C TYR B 34 -11.74 1.08 27.72
N LEU B 35 -12.82 0.32 27.51
CA LEU B 35 -12.85 -0.66 26.43
C LEU B 35 -12.70 0.02 25.07
N THR B 36 -13.40 1.14 24.86
CA THR B 36 -13.31 1.86 23.60
C THR B 36 -11.88 2.31 23.33
N LYS B 37 -11.18 2.77 24.38
CA LYS B 37 -9.80 3.20 24.21
C LYS B 37 -8.85 2.04 23.98
N HIS B 38 -9.25 0.82 24.33
CA HIS B 38 -8.38 -0.35 24.26
C HIS B 38 -9.10 -1.45 23.50
N PRO B 39 -9.06 -1.41 22.16
CA PRO B 39 -9.84 -2.37 21.36
C PRO B 39 -9.37 -3.81 21.50
N PHE B 40 -8.20 -4.04 22.09
CA PHE B 40 -7.73 -5.41 22.30
CA PHE B 40 -7.72 -5.41 22.30
C PHE B 40 -8.41 -6.08 23.48
N LEU B 41 -9.08 -5.31 24.34
CA LEU B 41 -9.83 -5.86 25.45
C LEU B 41 -11.24 -6.20 24.97
N LYS B 42 -11.67 -7.43 25.22
CA LYS B 42 -12.95 -7.91 24.76
C LYS B 42 -13.87 -8.45 25.85
N THR B 43 -13.33 -8.80 27.02
CA THR B 43 -14.14 -9.41 28.06
C THR B 43 -13.82 -8.80 29.41
N PHE B 44 -14.77 -8.95 30.33
CA PHE B 44 -14.59 -8.64 31.73
C PHE B 44 -14.64 -9.93 32.53
N VAL B 45 -13.79 -10.03 33.55
CA VAL B 45 -13.66 -11.25 34.36
C VAL B 45 -13.75 -10.86 35.83
N LEU B 46 -14.63 -11.52 36.57
CA LEU B 46 -14.82 -11.22 37.98
C LEU B 46 -15.24 -12.48 38.72
N GLY B 47 -14.67 -12.67 39.92
CA GLY B 47 -15.14 -13.72 40.79
C GLY B 47 -16.42 -13.30 41.49
N ILE B 48 -17.40 -14.21 41.50
CA ILE B 48 -18.71 -13.94 42.09
C ILE B 48 -18.81 -14.78 43.35
N SER B 49 -18.89 -14.11 44.50
CA SER B 49 -18.97 -14.77 45.79
C SER B 49 -20.34 -14.69 46.44
N GLY B 50 -21.19 -13.77 46.00
CA GLY B 50 -22.50 -13.55 46.58
C GLY B 50 -22.59 -12.31 47.44
N GLY B 51 -21.47 -11.78 47.89
CA GLY B 51 -21.46 -10.59 48.73
C GLY B 51 -21.87 -9.34 47.97
N GLN B 52 -21.93 -8.24 48.72
CA GLN B 52 -22.42 -6.98 48.16
C GLN B 52 -21.48 -6.45 47.09
N ASP B 53 -20.17 -6.46 47.35
CA ASP B 53 -19.22 -5.80 46.47
C ASP B 53 -19.15 -6.47 45.11
N SER B 54 -18.97 -7.80 45.08
CA SER B 54 -18.82 -8.49 43.80
C SER B 54 -20.13 -8.51 43.03
N THR B 55 -21.27 -8.49 43.71
CA THR B 55 -22.56 -8.47 43.02
C THR B 55 -22.77 -7.14 42.30
N LEU B 56 -22.50 -6.03 43.00
CA LEU B 56 -22.66 -4.72 42.38
C LEU B 56 -21.65 -4.53 41.25
N ALA B 57 -20.40 -4.97 41.47
CA ALA B 57 -19.39 -4.86 40.42
C ALA B 57 -19.72 -5.76 39.23
N GLY B 58 -20.23 -6.96 39.50
CA GLY B 58 -20.58 -7.86 38.42
C GLY B 58 -21.72 -7.36 37.56
N ARG B 59 -22.77 -6.85 38.20
CA ARG B 59 -23.91 -6.32 37.45
C ARG B 59 -23.49 -5.12 36.61
N LEU B 60 -22.68 -4.22 37.16
CA LEU B 60 -22.23 -3.06 36.42
C LEU B 60 -21.41 -3.46 35.21
N ALA B 61 -20.52 -4.45 35.37
CA ALA B 61 -19.73 -4.93 34.24
C ALA B 61 -20.61 -5.64 33.21
N GLN B 62 -21.58 -6.42 33.68
CA GLN B 62 -22.47 -7.12 32.76
C GLN B 62 -23.34 -6.13 31.98
N LEU B 63 -23.85 -5.09 32.65
CA LEU B 63 -24.64 -4.08 31.97
C LEU B 63 -23.80 -3.33 30.94
N ALA B 64 -22.56 -2.99 31.29
CA ALA B 64 -21.70 -2.27 30.36
C ALA B 64 -21.43 -3.08 29.11
N MET B 65 -21.25 -4.40 29.27
CA MET B 65 -21.01 -5.25 28.11
C MET B 65 -22.25 -5.37 27.23
N THR B 66 -23.44 -5.36 27.83
CA THR B 66 -24.67 -5.39 27.04
C THR B 66 -24.77 -4.14 26.16
N GLU B 67 -24.48 -2.97 26.73
CA GLU B 67 -24.47 -1.74 25.94
C GLU B 67 -23.36 -1.78 24.90
N MET B 68 -22.21 -2.34 25.26
CA MET B 68 -21.10 -2.45 24.31
C MET B 68 -21.51 -3.27 23.08
N ARG B 69 -22.27 -4.35 23.29
CA ARG B 69 -22.73 -5.16 22.17
C ARG B 69 -23.75 -4.40 21.33
N GLU B 70 -24.70 -3.73 21.99
CA GLU B 70 -25.76 -3.04 21.25
C GLU B 70 -25.23 -1.84 20.48
N GLU B 71 -24.17 -1.20 20.98
CA GLU B 71 -23.64 -0.02 20.29
C GLU B 71 -22.71 -0.39 19.15
N THR B 72 -21.94 -1.48 19.29
CA THR B 72 -20.93 -1.83 18.30
C THR B 72 -21.31 -3.02 17.42
N GLY B 73 -22.22 -3.88 17.87
CA GLY B 73 -22.53 -5.08 17.12
C GLY B 73 -21.48 -6.16 17.21
N ASP B 74 -20.49 -6.00 18.09
CA ASP B 74 -19.43 -6.98 18.27
C ASP B 74 -19.83 -7.95 19.38
N MET B 75 -20.21 -9.17 19.00
CA MET B 75 -20.72 -10.13 19.96
C MET B 75 -19.64 -10.72 20.87
N SER B 76 -18.35 -10.40 20.64
CA SER B 76 -17.30 -10.91 21.51
C SER B 76 -17.24 -10.19 22.85
N TYR B 77 -17.86 -9.03 22.96
CA TYR B 77 -17.89 -8.28 24.22
C TYR B 77 -18.76 -9.04 25.22
N GLN B 78 -18.13 -9.76 26.13
CA GLN B 78 -18.83 -10.59 27.10
C GLN B 78 -18.28 -10.35 28.50
N PHE B 79 -19.12 -10.60 29.50
CA PHE B 79 -18.69 -10.62 30.89
C PHE B 79 -18.60 -12.06 31.36
N ILE B 80 -17.48 -12.41 31.98
CA ILE B 80 -17.24 -13.75 32.48
C ILE B 80 -17.28 -13.72 34.00
N ALA B 81 -18.20 -14.47 34.57
CA ALA B 81 -18.33 -14.63 36.01
C ALA B 81 -17.84 -16.01 36.41
N ILE B 82 -17.02 -16.08 37.45
CA ILE B 82 -16.45 -17.34 37.92
C ILE B 82 -16.78 -17.49 39.39
N ARG B 83 -17.43 -18.60 39.73
CA ARG B 83 -17.52 -19.02 41.13
C ARG B 83 -16.19 -19.65 41.52
N LEU B 84 -15.61 -19.17 42.60
CA LEU B 84 -14.28 -19.59 43.05
C LEU B 84 -14.35 -20.20 44.44
N PRO B 85 -15.04 -21.33 44.60
CA PRO B 85 -15.20 -21.91 45.94
C PRO B 85 -13.93 -22.60 46.39
N TYR B 86 -13.84 -22.79 47.70
CA TYR B 86 -12.77 -23.57 48.32
C TYR B 86 -13.42 -24.88 48.80
N GLY B 87 -13.29 -25.92 47.99
CA GLY B 87 -13.89 -27.19 48.31
C GLY B 87 -15.35 -27.25 47.95
N GLU B 88 -15.99 -28.35 48.36
CA GLU B 88 -17.39 -28.60 48.06
C GLU B 88 -18.32 -28.20 49.19
N GLN B 89 -17.86 -28.26 50.44
CA GLN B 89 -18.72 -27.93 51.58
C GLN B 89 -19.18 -26.48 51.54
N ALA B 90 -18.41 -25.61 50.89
CA ALA B 90 -18.75 -24.20 50.82
C ALA B 90 -20.12 -24.01 50.18
N ASP B 91 -21.01 -23.31 50.89
CA ASP B 91 -22.37 -23.12 50.43
C ASP B 91 -22.39 -22.23 49.19
N GLU B 92 -23.16 -22.64 48.18
CA GLU B 92 -23.26 -21.92 46.92
C GLU B 92 -24.52 -21.07 46.81
N ALA B 93 -25.41 -21.14 47.80
CA ALA B 93 -26.71 -20.50 47.68
C ALA B 93 -26.59 -18.99 47.49
N ASP B 94 -25.71 -18.35 48.26
CA ASP B 94 -25.59 -16.90 48.17
C ASP B 94 -24.93 -16.46 46.88
N ALA B 95 -23.89 -17.16 46.45
CA ALA B 95 -23.27 -16.86 45.16
C ALA B 95 -24.23 -17.15 44.01
N GLN B 96 -25.11 -18.13 44.17
CA GLN B 96 -26.08 -18.45 43.12
C GLN B 96 -27.09 -17.34 42.95
N ALA B 97 -27.54 -16.73 44.06
CA ALA B 97 -28.51 -15.64 43.96
C ALA B 97 -27.89 -14.40 43.31
N ALA B 98 -26.58 -14.22 43.45
CA ALA B 98 -25.93 -13.12 42.75
C ALA B 98 -25.95 -13.34 41.25
N LEU B 99 -25.69 -14.57 40.81
CA LEU B 99 -25.71 -14.87 39.38
C LEU B 99 -27.11 -14.74 38.79
N ALA B 100 -28.14 -15.03 39.59
CA ALA B 100 -29.51 -14.88 39.10
C ALA B 100 -29.84 -13.42 38.82
N PHE B 101 -29.28 -12.50 39.61
CA PHE B 101 -29.53 -11.07 39.39
C PHE B 101 -28.63 -10.51 38.31
N ILE B 102 -27.37 -10.94 38.27
CA ILE B 102 -26.44 -10.43 37.27
C ILE B 102 -26.81 -10.92 35.87
N GLN B 103 -27.14 -12.21 35.75
CA GLN B 103 -27.40 -12.87 34.47
C GLN B 103 -26.20 -12.68 33.55
N PRO B 104 -25.09 -13.36 33.81
CA PRO B 104 -23.87 -13.12 33.04
C PRO B 104 -23.91 -13.78 31.67
N ASP B 105 -23.00 -13.34 30.81
CA ASP B 105 -22.83 -13.99 29.52
C ASP B 105 -22.19 -15.36 29.67
N VAL B 106 -21.11 -15.43 30.47
CA VAL B 106 -20.40 -16.67 30.73
C VAL B 106 -20.31 -16.85 32.24
N SER B 107 -20.67 -18.05 32.71
CA SER B 107 -20.64 -18.38 34.14
C SER B 107 -19.77 -19.62 34.32
N LEU B 108 -18.61 -19.44 34.96
CA LEU B 108 -17.67 -20.52 35.18
C LEU B 108 -17.61 -20.87 36.66
N ARG B 109 -17.04 -22.04 36.94
CA ARG B 109 -16.85 -22.52 38.30
C ARG B 109 -15.50 -23.20 38.40
N VAL B 110 -14.60 -22.62 39.20
CA VAL B 110 -13.25 -23.16 39.37
C VAL B 110 -12.99 -23.33 40.86
N ASP B 111 -12.72 -24.55 41.28
CA ASP B 111 -12.42 -24.85 42.67
C ASP B 111 -10.93 -24.60 42.93
N ILE B 112 -10.63 -23.67 43.85
CA ILE B 112 -9.24 -23.34 44.15
C ILE B 112 -8.60 -24.28 45.16
N LYS B 113 -9.37 -25.16 45.79
CA LYS B 113 -8.82 -25.99 46.85
C LYS B 113 -7.71 -26.92 46.40
N PRO B 114 -7.80 -27.61 45.24
CA PRO B 114 -6.65 -28.43 44.82
C PRO B 114 -5.35 -27.64 44.71
N ALA B 115 -5.40 -26.46 44.08
CA ALA B 115 -4.20 -25.65 43.95
C ALA B 115 -3.70 -25.17 45.32
N VAL B 116 -4.62 -24.69 46.15
CA VAL B 116 -4.24 -24.16 47.46
C VAL B 116 -3.62 -25.27 48.31
N ASP B 117 -4.27 -26.43 48.37
CA ASP B 117 -3.76 -27.52 49.19
C ASP B 117 -2.41 -28.02 48.68
N ALA B 118 -2.22 -28.02 47.36
CA ALA B 118 -0.92 -28.38 46.81
C ALA B 118 0.14 -27.37 47.22
N MET B 119 -0.21 -26.08 47.21
CA MET B 119 0.73 -25.05 47.66
C MET B 119 1.11 -25.28 49.12
N VAL B 120 0.12 -25.56 49.97
CA VAL B 120 0.40 -25.80 51.39
C VAL B 120 1.27 -27.04 51.56
N GLY B 121 0.94 -28.11 50.83
CA GLY B 121 1.74 -29.32 50.92
C GLY B 121 3.19 -29.11 50.53
N SER B 122 3.41 -28.38 49.42
CA SER B 122 4.77 -28.10 49.00
C SER B 122 5.49 -27.20 50.01
N LEU B 123 4.76 -26.28 50.64
CA LEU B 123 5.38 -25.40 51.63
C LEU B 123 5.70 -26.15 52.90
N GLU B 124 4.73 -26.91 53.43
CA GLU B 124 4.99 -27.76 54.59
C GLU B 124 6.08 -28.78 54.28
N ASN B 125 6.22 -29.18 53.00
CA ASN B 125 7.30 -30.07 52.60
C ASN B 125 8.66 -29.43 52.85
N ALA B 126 8.73 -28.10 52.83
CA ALA B 126 9.98 -27.38 53.03
C ALA B 126 10.14 -26.86 54.46
N GLY B 127 9.27 -27.26 55.37
CA GLY B 127 9.33 -26.81 56.75
C GLY B 127 8.58 -25.54 57.06
N VAL B 128 7.70 -25.09 56.17
CA VAL B 128 6.97 -23.86 56.33
C VAL B 128 5.53 -24.21 56.69
N GLN B 129 5.20 -24.12 57.98
CA GLN B 129 3.80 -24.26 58.40
C GLN B 129 3.01 -23.03 57.98
N ILE B 130 1.75 -23.25 57.64
CA ILE B 130 0.88 -22.18 57.14
C ILE B 130 -0.30 -22.06 58.09
N SER B 131 -0.39 -20.93 58.79
CA SER B 131 -1.50 -20.68 59.69
C SER B 131 -2.78 -20.45 58.90
N ASP B 132 -3.90 -20.44 59.63
CA ASP B 132 -5.20 -20.27 58.99
C ASP B 132 -5.37 -18.88 58.40
N PHE B 133 -4.79 -17.86 59.02
CA PHE B 133 -4.87 -16.52 58.48
C PHE B 133 -3.99 -16.38 57.23
N ASN B 134 -2.75 -16.89 57.30
CA ASN B 134 -1.90 -16.89 56.12
C ASN B 134 -2.51 -17.72 55.00
N LYS B 135 -3.19 -18.82 55.36
CA LYS B 135 -3.91 -19.60 54.36
C LYS B 135 -5.07 -18.81 53.77
N GLY B 136 -5.66 -17.90 54.55
CA GLY B 136 -6.72 -17.07 54.01
C GLY B 136 -6.23 -16.15 52.90
N ASN B 137 -5.08 -15.51 53.10
CA ASN B 137 -4.50 -14.68 52.05
C ASN B 137 -4.10 -15.53 50.84
N MET B 138 -3.66 -16.77 51.06
CA MET B 138 -3.30 -17.64 49.95
C MET B 138 -4.51 -17.95 49.08
N LYS B 139 -5.69 -18.08 49.69
CA LYS B 139 -6.90 -18.31 48.92
C LYS B 139 -7.24 -17.11 48.03
N ALA B 140 -7.11 -15.90 48.56
CA ALA B 140 -7.41 -14.71 47.78
C ALA B 140 -6.43 -14.53 46.62
N ARG B 141 -5.19 -14.97 46.79
CA ARG B 141 -4.22 -14.89 45.70
C ARG B 141 -4.44 -15.97 44.68
N GLN B 142 -4.84 -17.17 45.12
CA GLN B 142 -5.19 -18.23 44.17
C GLN B 142 -6.39 -17.83 43.34
N ARG B 143 -7.35 -17.14 43.95
CA ARG B 143 -8.49 -16.63 43.20
C ARG B 143 -8.05 -15.59 42.18
N MET B 144 -7.09 -14.75 42.56
CA MET B 144 -6.53 -13.78 41.61
C MET B 144 -5.91 -14.50 40.43
N ILE B 145 -5.19 -15.60 40.68
CA ILE B 145 -4.56 -16.35 39.60
C ILE B 145 -5.62 -16.92 38.66
N THR B 146 -6.71 -17.45 39.22
CA THR B 146 -7.76 -18.00 38.37
C THR B 146 -8.34 -16.94 37.44
N GLN B 147 -8.63 -15.76 37.99
CA GLN B 147 -9.26 -14.71 37.21
C GLN B 147 -8.34 -14.21 36.10
N TYR B 148 -7.06 -14.04 36.41
CA TYR B 148 -6.13 -13.57 35.39
C TYR B 148 -5.82 -14.65 34.36
N ALA B 149 -5.96 -15.93 34.74
CA ALA B 149 -5.82 -17.01 33.76
C ALA B 149 -6.96 -16.95 32.75
N VAL B 150 -8.19 -16.79 33.24
CA VAL B 150 -9.34 -16.67 32.34
C VAL B 150 -9.20 -15.41 31.47
N ALA B 151 -8.76 -14.30 32.08
CA ALA B 151 -8.59 -13.06 31.33
C ALA B 151 -7.46 -13.18 30.31
N GLY B 152 -6.39 -13.89 30.67
CA GLY B 152 -5.29 -14.08 29.74
C GLY B 152 -5.64 -14.93 28.54
N GLU B 153 -6.67 -15.77 28.66
CA GLU B 153 -7.12 -16.58 27.55
C GLU B 153 -8.18 -15.89 26.69
N ASN B 154 -8.89 -14.91 27.24
CA ASN B 154 -10.07 -14.34 26.60
C ASN B 154 -9.91 -12.86 26.29
N ALA B 155 -8.67 -12.36 26.24
CA ALA B 155 -8.39 -10.94 25.99
C ALA B 155 -9.21 -10.05 26.91
N GLY B 156 -9.17 -10.37 28.21
CA GLY B 156 -10.04 -9.76 29.18
C GLY B 156 -9.29 -8.94 30.22
N ALA B 157 -10.05 -8.11 30.91
CA ALA B 157 -9.56 -7.31 32.03
C ALA B 157 -10.28 -7.76 33.30
N VAL B 158 -9.54 -7.85 34.38
CA VAL B 158 -10.08 -8.35 35.64
C VAL B 158 -10.76 -7.21 36.38
N ILE B 159 -12.04 -7.39 36.70
CA ILE B 159 -12.79 -6.39 37.45
C ILE B 159 -12.39 -6.47 38.92
N GLY B 160 -12.21 -5.31 39.55
CA GLY B 160 -11.87 -5.23 40.95
C GLY B 160 -13.04 -4.72 41.77
N THR B 161 -13.13 -5.18 43.02
CA THR B 161 -14.24 -4.85 43.90
C THR B 161 -13.86 -3.85 44.99
N ASP B 162 -12.66 -3.27 44.93
CA ASP B 162 -12.24 -2.34 45.96
C ASP B 162 -13.05 -1.06 45.91
N HIS B 163 -13.44 -0.57 47.07
CA HIS B 163 -14.20 0.67 47.19
C HIS B 163 -13.59 1.50 48.32
N ALA B 164 -14.28 2.57 48.71
CA ALA B 164 -13.73 3.51 49.68
C ALA B 164 -13.68 2.89 51.08
N ALA B 165 -14.77 2.24 51.49
CA ALA B 165 -14.80 1.64 52.83
C ALA B 165 -13.78 0.52 52.97
N GLU B 166 -13.38 -0.10 51.86
CA GLU B 166 -12.36 -1.13 51.89
C GLU B 166 -10.95 -0.56 51.79
N ASN B 167 -10.79 0.61 51.15
CA ASN B 167 -9.47 1.18 50.95
C ASN B 167 -8.95 1.88 52.20
N VAL B 168 -9.83 2.48 53.00
CA VAL B 168 -9.39 3.13 54.23
C VAL B 168 -8.72 2.11 55.15
N THR B 169 -9.38 0.99 55.40
CA THR B 169 -8.89 -0.03 56.30
C THR B 169 -7.92 -1.00 55.62
N ALA B 170 -7.71 -0.86 54.31
CA ALA B 170 -6.89 -1.80 53.54
C ALA B 170 -7.33 -3.23 53.80
N PHE B 171 -8.65 -3.44 53.86
CA PHE B 171 -9.22 -4.74 54.20
C PHE B 171 -9.29 -5.64 52.97
N PHE B 172 -8.11 -5.93 52.42
CA PHE B 172 -7.99 -6.81 51.27
C PHE B 172 -6.59 -7.39 51.25
N THR B 173 -6.44 -8.50 50.52
CA THR B 173 -5.16 -9.18 50.41
C THR B 173 -4.31 -8.52 49.34
N LYS B 174 -3.08 -8.15 49.70
CA LYS B 174 -2.14 -7.57 48.75
C LYS B 174 -1.88 -8.55 47.62
N TYR B 175 -2.20 -8.14 46.39
CA TYR B 175 -2.11 -8.98 45.20
C TYR B 175 -3.00 -10.21 45.29
N GLY B 176 -4.00 -10.19 46.17
CA GLY B 176 -5.06 -11.16 46.17
C GLY B 176 -6.29 -10.58 45.50
N ASP B 177 -7.37 -10.36 46.26
CA ASP B 177 -8.51 -9.65 45.72
C ASP B 177 -8.21 -8.16 45.49
N GLY B 178 -7.06 -7.68 45.97
CA GLY B 178 -6.59 -6.35 45.62
C GLY B 178 -5.89 -6.27 44.27
N GLY B 179 -5.51 -7.41 43.71
CA GLY B 179 -4.92 -7.45 42.38
C GLY B 179 -5.96 -7.48 41.30
N ALA B 180 -6.17 -6.34 40.63
CA ALA B 180 -7.19 -6.24 39.60
C ALA B 180 -6.77 -5.17 38.60
N ASP B 181 -7.50 -5.11 37.48
CA ASP B 181 -7.16 -4.21 36.39
C ASP B 181 -7.95 -2.90 36.44
N ILE B 182 -9.23 -2.94 36.81
CA ILE B 182 -10.08 -1.77 36.75
C ILE B 182 -11.09 -1.82 37.88
N LEU B 183 -11.34 -0.67 38.51
CA LEU B 183 -12.13 -0.58 39.74
C LEU B 183 -13.38 0.25 39.51
N PRO B 184 -14.50 -0.38 39.14
CA PRO B 184 -15.73 0.39 38.88
C PRO B 184 -16.36 0.96 40.14
N LEU B 185 -16.06 0.41 41.32
CA LEU B 185 -16.67 0.84 42.56
C LEU B 185 -15.83 1.85 43.34
N PHE B 186 -14.63 2.17 42.87
CA PHE B 186 -13.78 3.11 43.58
C PHE B 186 -14.43 4.49 43.61
N ARG B 187 -14.71 4.97 44.84
CA ARG B 187 -15.24 6.27 45.25
C ARG B 187 -16.46 6.05 46.16
N LEU B 188 -17.04 4.86 46.11
CA LEU B 188 -18.25 4.56 46.86
C LEU B 188 -17.91 3.94 48.22
N ASN B 189 -18.66 4.33 49.25
CA ASN B 189 -18.50 3.70 50.55
C ASN B 189 -19.28 2.39 50.57
N LYS B 190 -19.58 1.87 51.76
CA LYS B 190 -20.33 0.62 51.82
C LYS B 190 -21.82 0.87 51.59
N ARG B 191 -22.39 1.89 52.24
CA ARG B 191 -23.82 2.14 52.09
C ARG B 191 -24.16 2.69 50.72
N GLN B 192 -23.27 3.51 50.13
CA GLN B 192 -23.47 3.95 48.76
C GLN B 192 -23.47 2.77 47.80
N GLY B 193 -22.66 1.74 48.11
CA GLY B 193 -22.74 0.51 47.33
C GLY B 193 -24.10 -0.15 47.45
N LYS B 194 -24.70 -0.11 48.64
CA LYS B 194 -26.06 -0.63 48.79
C LYS B 194 -27.05 0.20 48.00
N ALA B 195 -26.86 1.53 47.97
CA ALA B 195 -27.79 2.40 47.27
C ALA B 195 -27.80 2.13 45.78
N LEU B 196 -26.63 1.90 45.18
CA LEU B 196 -26.58 1.58 43.76
C LEU B 196 -27.22 0.22 43.49
N LEU B 197 -27.01 -0.75 44.38
CA LEU B 197 -27.65 -2.05 44.22
C LEU B 197 -29.17 -1.93 44.26
N LYS B 198 -29.68 -1.00 45.07
CA LYS B 198 -31.12 -0.75 45.07
C LYS B 198 -31.54 -0.11 43.76
N GLU B 199 -30.76 0.86 43.26
CA GLU B 199 -31.05 1.49 41.98
C GLU B 199 -31.06 0.48 40.85
N LEU B 200 -30.21 -0.55 40.93
CA LEU B 200 -30.14 -1.59 39.91
C LEU B 200 -31.18 -2.69 40.08
N GLY B 201 -32.07 -2.56 41.05
CA GLY B 201 -33.13 -3.54 41.22
C GLY B 201 -32.66 -4.90 41.72
N ALA B 202 -31.65 -4.92 42.57
CA ALA B 202 -31.24 -6.19 43.17
C ALA B 202 -32.19 -6.57 44.31
N PRO B 203 -32.46 -7.87 44.48
CA PRO B 203 -33.32 -8.30 45.58
C PRO B 203 -32.70 -7.95 46.93
N GLU B 204 -33.57 -7.67 47.89
CA GLU B 204 -33.14 -7.18 49.20
C GLU B 204 -32.32 -8.20 49.97
N ALA B 205 -32.45 -9.48 49.65
CA ALA B 205 -31.63 -10.50 50.30
C ALA B 205 -30.15 -10.39 49.95
N LEU B 206 -29.80 -9.54 48.99
CA LEU B 206 -28.42 -9.39 48.54
C LEU B 206 -27.68 -8.24 49.21
N TYR B 207 -28.37 -7.35 49.91
CA TYR B 207 -27.70 -6.17 50.44
C TYR B 207 -28.35 -5.55 51.67
N LEU B 208 -29.48 -6.07 52.16
CA LEU B 208 -30.15 -5.43 53.29
C LEU B 208 -29.61 -5.89 54.63
N LYS B 209 -30.06 -7.06 55.08
CA LYS B 209 -29.74 -7.58 56.41
C LYS B 209 -30.18 -6.58 57.49
N LYS B 219 -27.87 -7.29 68.94
CA LYS B 219 -27.54 -7.09 67.53
C LYS B 219 -26.55 -8.15 67.04
N PRO B 220 -26.75 -8.62 65.82
CA PRO B 220 -25.84 -9.64 65.27
C PRO B 220 -24.49 -9.05 64.93
N LEU B 221 -23.49 -9.93 64.90
CA LEU B 221 -22.10 -9.55 64.63
C LEU B 221 -21.74 -9.93 63.19
N VAL B 222 -21.17 -8.97 62.47
CA VAL B 222 -20.64 -9.21 61.13
C VAL B 222 -19.14 -9.37 61.22
N ALA B 223 -18.59 -10.34 60.49
CA ALA B 223 -17.20 -10.73 60.65
C ALA B 223 -16.24 -9.58 60.38
N ASP B 224 -16.55 -8.77 59.36
CA ASP B 224 -15.65 -7.66 59.00
C ASP B 224 -15.48 -6.69 60.15
N GLU B 225 -16.60 -6.20 60.70
CA GLU B 225 -16.53 -5.21 61.78
C GLU B 225 -15.93 -5.79 63.05
N VAL B 226 -16.06 -7.10 63.26
CA VAL B 226 -15.45 -7.73 64.43
C VAL B 226 -13.92 -7.68 64.33
N ALA B 227 -13.38 -7.98 63.16
CA ALA B 227 -11.93 -7.91 62.98
C ALA B 227 -11.45 -6.47 62.93
N LEU B 228 -12.22 -5.58 62.29
CA LEU B 228 -11.80 -4.19 62.13
C LEU B 228 -11.92 -3.39 63.42
N GLY B 229 -12.71 -3.86 64.39
CA GLY B 229 -12.92 -3.10 65.60
C GLY B 229 -13.66 -1.80 65.37
N VAL B 230 -14.46 -1.73 64.31
CA VAL B 230 -15.24 -0.54 64.00
C VAL B 230 -16.31 -0.94 62.99
N THR B 231 -17.45 -0.26 63.05
CA THR B 231 -18.56 -0.62 62.18
C THR B 231 -18.41 0.04 60.81
N TYR B 232 -19.15 -0.51 59.84
CA TYR B 232 -19.18 0.08 58.51
C TYR B 232 -19.93 1.41 58.51
N ASP B 233 -20.96 1.53 59.34
CA ASP B 233 -21.68 2.79 59.44
C ASP B 233 -20.77 3.91 59.92
N ALA B 234 -19.84 3.59 60.82
CA ALA B 234 -18.87 4.59 61.27
C ALA B 234 -17.85 4.89 60.18
N ILE B 235 -17.41 3.86 59.45
CA ILE B 235 -16.49 4.09 58.33
C ILE B 235 -17.16 4.94 57.26
N ASP B 236 -18.43 4.66 56.98
CA ASP B 236 -19.14 5.43 55.95
C ASP B 236 -19.46 6.84 56.43
N ASP B 237 -19.77 7.00 57.73
CA ASP B 237 -19.90 8.35 58.28
C ASP B 237 -18.58 9.10 58.19
N TYR B 238 -17.47 8.40 58.45
CA TYR B 238 -16.16 9.03 58.37
C TYR B 238 -15.85 9.47 56.94
N LEU B 239 -16.12 8.61 55.97
CA LEU B 239 -15.83 8.93 54.57
C LEU B 239 -16.80 9.96 54.01
N GLU B 240 -17.95 10.17 54.64
CA GLU B 240 -18.90 11.18 54.23
C GLU B 240 -18.63 12.53 54.86
N GLY B 241 -17.54 12.67 55.61
CA GLY B 241 -17.17 13.94 56.19
C GLY B 241 -17.80 14.27 57.53
N LYS B 242 -18.52 13.33 58.13
CA LYS B 242 -19.14 13.57 59.42
C LYS B 242 -18.13 13.35 60.55
N LYS B 243 -18.51 13.80 61.75
CA LYS B 243 -17.69 13.60 62.93
C LYS B 243 -18.07 12.28 63.58
N VAL B 244 -17.05 11.50 63.97
CA VAL B 244 -17.24 10.23 64.61
C VAL B 244 -16.57 10.26 65.98
N SER B 245 -16.84 9.23 66.77
CA SER B 245 -16.27 9.16 68.12
C SER B 245 -14.75 9.10 68.06
N GLU B 246 -14.12 9.65 69.11
CA GLU B 246 -12.66 9.64 69.18
C GLU B 246 -12.11 8.21 69.11
N THR B 247 -12.85 7.24 69.66
CA THR B 247 -12.43 5.85 69.58
C THR B 247 -12.48 5.35 68.13
N ASP B 248 -13.59 5.61 67.44
CA ASP B 248 -13.74 5.12 66.07
C ASP B 248 -12.79 5.84 65.12
N GLN B 249 -12.60 7.14 65.30
CA GLN B 249 -11.68 7.88 64.45
C GLN B 249 -10.25 7.34 64.59
N GLN B 250 -9.83 7.04 65.81
CA GLN B 250 -8.50 6.46 66.02
C GLN B 250 -8.39 5.10 65.36
N THR B 251 -9.42 4.27 65.48
CA THR B 251 -9.40 2.94 64.88
C THR B 251 -9.24 3.03 63.36
N ILE B 252 -9.99 3.93 62.72
CA ILE B 252 -9.96 4.03 61.27
C ILE B 252 -8.60 4.55 60.80
N GLU B 253 -8.16 5.68 61.36
CA GLU B 253 -6.91 6.28 60.93
C GLU B 253 -5.72 5.38 61.22
N ASN B 254 -5.82 4.50 62.22
CA ASN B 254 -4.77 3.53 62.45
C ASN B 254 -4.69 2.51 61.32
N TRP B 255 -5.85 2.04 60.85
CA TRP B 255 -5.86 1.14 59.70
C TRP B 255 -5.31 1.82 58.46
N TYR B 256 -5.62 3.11 58.29
CA TYR B 256 -5.17 3.82 57.09
C TYR B 256 -3.66 3.91 57.04
N LYS B 257 -3.01 4.19 58.16
CA LYS B 257 -1.56 4.28 58.17
C LYS B 257 -0.91 2.92 58.03
N LYS B 258 -1.51 1.88 58.61
CA LYS B 258 -0.94 0.54 58.52
C LYS B 258 -1.00 -0.01 57.11
N GLY B 259 -2.04 0.32 56.35
CA GLY B 259 -2.20 -0.23 55.02
C GLY B 259 -1.74 0.69 53.90
N GLN B 260 -0.83 1.62 54.20
CA GLN B 260 -0.35 2.53 53.18
C GLN B 260 0.42 1.79 52.10
N HIS B 261 1.15 0.73 52.47
CA HIS B 261 1.89 -0.04 51.49
C HIS B 261 0.98 -0.78 50.52
N LYS B 262 -0.29 -0.99 50.88
CA LYS B 262 -1.25 -1.59 49.96
C LYS B 262 -1.83 -0.57 48.98
N ARG B 263 -1.76 0.73 49.30
CA ARG B 263 -2.27 1.77 48.43
C ARG B 263 -1.23 2.35 47.50
N HIS B 264 -0.01 1.83 47.50
CA HIS B 264 1.04 2.34 46.65
C HIS B 264 1.70 1.19 45.90
N LEU B 265 2.34 1.53 44.78
CA LEU B 265 3.18 0.58 44.06
C LEU B 265 4.31 0.13 44.98
N PRO B 266 4.99 -0.96 44.63
CA PRO B 266 6.13 -1.41 45.44
C PRO B 266 7.12 -0.28 45.69
N ILE B 267 7.67 -0.28 46.91
CA ILE B 267 8.48 0.85 47.37
C ILE B 267 9.75 0.96 46.52
N THR B 268 9.98 2.13 45.96
CA THR B 268 11.25 2.47 45.33
C THR B 268 12.00 3.47 46.20
N ILE B 269 13.27 3.67 45.88
CA ILE B 269 14.12 4.58 46.62
C ILE B 269 13.65 6.04 46.50
N PHE B 270 12.77 6.33 45.54
CA PHE B 270 12.29 7.70 45.32
C PHE B 270 11.05 8.03 46.13
N ASP B 271 10.39 7.04 46.73
CA ASP B 271 9.18 7.30 47.49
C ASP B 271 9.51 7.94 48.83
N ASP B 272 8.54 8.68 49.38
CA ASP B 272 8.69 9.32 50.68
C ASP B 272 7.47 9.17 51.59
N PHE B 273 6.38 8.58 51.11
CA PHE B 273 5.17 8.50 51.93
C PHE B 273 5.36 7.65 53.16
N TRP B 274 6.29 6.69 53.12
CA TRP B 274 6.55 5.83 54.26
C TRP B 274 7.49 6.46 55.29
N LYS B 275 8.19 7.53 54.92
CA LYS B 275 9.18 8.14 55.80
C LYS B 275 8.52 8.98 56.89
N MET C 1 -21.74 -14.95 6.76
CA MET C 1 -20.67 -13.99 6.53
C MET C 1 -19.31 -14.62 6.84
N THR C 2 -18.29 -14.25 6.06
CA THR C 2 -16.98 -14.85 6.19
C THR C 2 -16.17 -14.13 7.27
N THR C 3 -15.53 -14.91 8.13
CA THR C 3 -14.65 -14.35 9.16
C THR C 3 -13.26 -14.10 8.59
N LEU C 4 -12.45 -13.38 9.38
CA LEU C 4 -11.06 -13.17 8.98
C LEU C 4 -10.34 -14.51 8.86
N GLN C 5 -10.52 -15.39 9.85
CA GLN C 5 -9.86 -16.69 9.82
C GLN C 5 -10.19 -17.47 8.57
N GLU C 6 -11.47 -17.45 8.15
CA GLU C 6 -11.85 -18.17 6.93
C GLU C 6 -11.20 -17.57 5.69
N LYS C 7 -10.92 -16.26 5.71
CA LYS C 7 -10.22 -15.65 4.58
C LYS C 7 -8.75 -16.04 4.56
N ILE C 8 -8.12 -16.11 5.72
CA ILE C 8 -6.72 -16.54 5.79
C ILE C 8 -6.58 -17.95 5.24
N ILE C 9 -7.44 -18.86 5.70
CA ILE C 9 -7.36 -20.26 5.30
C ILE C 9 -7.53 -20.39 3.79
N GLN C 10 -8.45 -19.60 3.21
CA GLN C 10 -8.63 -19.62 1.76
C GLN C 10 -7.41 -19.03 1.05
N GLU C 11 -6.91 -17.90 1.55
CA GLU C 11 -5.79 -17.23 0.90
C GLU C 11 -4.54 -18.10 0.93
N LEU C 12 -4.29 -18.78 2.03
CA LEU C 12 -3.12 -19.66 2.14
C LEU C 12 -3.41 -21.07 1.68
N GLY C 13 -4.68 -21.45 1.54
CA GLY C 13 -5.03 -22.76 1.01
C GLY C 13 -4.60 -23.91 1.89
N VAL C 14 -4.95 -23.87 3.17
CA VAL C 14 -4.57 -24.89 4.14
C VAL C 14 -5.72 -25.88 4.26
N LEU C 15 -5.38 -27.17 4.23
CA LEU C 15 -6.40 -28.18 4.46
C LEU C 15 -6.36 -28.63 5.93
N PRO C 16 -7.53 -28.83 6.54
CA PRO C 16 -7.54 -29.26 7.95
C PRO C 16 -6.94 -30.64 8.16
N THR C 17 -6.98 -31.50 7.15
CA THR C 17 -6.36 -32.82 7.23
C THR C 17 -5.83 -33.18 5.85
N ILE C 18 -4.59 -33.66 5.78
CA ILE C 18 -3.92 -33.89 4.51
C ILE C 18 -3.44 -35.33 4.44
N ASP C 19 -3.26 -35.80 3.20
CA ASP C 19 -2.59 -37.07 2.94
C ASP C 19 -1.11 -36.78 2.75
N PRO C 20 -0.22 -37.21 3.66
CA PRO C 20 1.20 -36.88 3.49
C PRO C 20 1.81 -37.42 2.21
N LYS C 21 1.46 -38.66 1.82
CA LYS C 21 1.98 -39.22 0.58
C LYS C 21 1.45 -38.46 -0.63
N GLU C 22 0.17 -38.09 -0.62
CA GLU C 22 -0.39 -37.33 -1.72
C GLU C 22 0.21 -35.93 -1.82
N GLU C 23 0.44 -35.29 -0.67
CA GLU C 23 1.02 -33.95 -0.69
C GLU C 23 2.46 -33.95 -1.17
N VAL C 24 3.19 -35.04 -0.93
CA VAL C 24 4.54 -35.14 -1.47
C VAL C 24 4.50 -35.20 -3.01
N ARG C 25 3.54 -35.95 -3.55
CA ARG C 25 3.40 -36.01 -5.01
C ARG C 25 2.96 -34.67 -5.57
N LYS C 26 2.06 -33.97 -4.87
CA LYS C 26 1.59 -32.66 -5.35
C LYS C 26 2.73 -31.67 -5.44
N SER C 27 3.68 -31.73 -4.52
CA SER C 27 4.81 -30.81 -4.56
C SER C 27 5.78 -31.19 -5.67
N ILE C 28 6.03 -32.49 -5.85
CA ILE C 28 6.99 -32.93 -6.86
C ILE C 28 6.43 -32.72 -8.26
N ASP C 29 5.16 -33.06 -8.48
CA ASP C 29 4.56 -32.83 -9.79
C ASP C 29 4.48 -31.34 -10.12
N PHE C 30 4.28 -30.49 -9.11
CA PHE C 30 4.23 -29.05 -9.33
C PHE C 30 5.59 -28.52 -9.77
N LEU C 31 6.66 -28.93 -9.08
CA LEU C 31 8.00 -28.54 -9.50
C LEU C 31 8.33 -29.06 -10.89
N LYS C 32 7.96 -30.32 -11.16
CA LYS C 32 8.22 -30.90 -12.48
C LYS C 32 7.42 -30.19 -13.56
N ALA C 33 6.18 -29.79 -13.24
CA ALA C 33 5.35 -29.11 -14.23
C ALA C 33 5.93 -27.75 -14.62
N TYR C 34 6.53 -27.05 -13.66
CA TYR C 34 7.11 -25.75 -13.97
C TYR C 34 8.34 -25.89 -14.86
N LEU C 35 9.13 -26.94 -14.65
CA LEU C 35 10.33 -27.15 -15.47
C LEU C 35 9.95 -27.57 -16.89
N THR C 36 8.89 -28.35 -17.03
CA THR C 36 8.43 -28.74 -18.37
C THR C 36 7.98 -27.53 -19.16
N LYS C 37 7.34 -26.56 -18.48
CA LYS C 37 6.88 -25.34 -19.11
C LYS C 37 8.02 -24.36 -19.41
N HIS C 38 9.20 -24.57 -18.83
CA HIS C 38 10.32 -23.65 -19.00
C HIS C 38 11.57 -24.46 -19.34
N PRO C 39 11.88 -24.63 -20.63
CA PRO C 39 13.07 -25.40 -21.00
C PRO C 39 14.38 -24.73 -20.62
N PHE C 40 14.38 -23.41 -20.40
CA PHE C 40 15.61 -22.73 -20.02
C PHE C 40 16.00 -23.01 -18.58
N LEU C 41 15.05 -23.38 -17.73
CA LEU C 41 15.34 -23.72 -16.35
C LEU C 41 15.80 -25.17 -16.27
N LYS C 42 17.02 -25.38 -15.78
CA LYS C 42 17.60 -26.71 -15.70
C LYS C 42 17.97 -27.14 -14.29
N THR C 43 18.03 -26.23 -13.33
CA THR C 43 18.50 -26.56 -11.99
C THR C 43 17.64 -25.88 -10.94
N PHE C 44 17.66 -26.45 -9.74
CA PHE C 44 17.05 -25.86 -8.56
C PHE C 44 18.13 -25.52 -7.55
N VAL C 45 18.04 -24.32 -6.97
CA VAL C 45 19.02 -23.83 -6.00
C VAL C 45 18.30 -23.55 -4.70
N LEU C 46 18.88 -24.01 -3.59
CA LEU C 46 18.26 -23.80 -2.29
C LEU C 46 19.32 -23.85 -1.21
N GLY C 47 19.29 -22.86 -0.31
CA GLY C 47 20.20 -22.86 0.82
C GLY C 47 19.76 -23.86 1.87
N ILE C 48 20.69 -24.71 2.31
CA ILE C 48 20.41 -25.75 3.29
C ILE C 48 20.98 -25.32 4.63
N SER C 49 20.12 -25.26 5.65
CA SER C 49 20.52 -24.80 6.97
C SER C 49 20.30 -25.83 8.06
N GLY C 50 19.69 -26.98 7.77
CA GLY C 50 19.37 -27.98 8.76
C GLY C 50 17.96 -27.89 9.31
N GLY C 51 17.30 -26.74 9.15
CA GLY C 51 15.97 -26.57 9.67
C GLY C 51 14.94 -27.42 8.93
N GLN C 52 13.75 -27.50 9.53
CA GLN C 52 12.70 -28.35 8.98
C GLN C 52 12.26 -27.91 7.59
N ASP C 53 12.15 -26.59 7.38
CA ASP C 53 11.58 -26.09 6.14
C ASP C 53 12.50 -26.35 4.95
N SER C 54 13.78 -25.97 5.06
CA SER C 54 14.70 -26.14 3.95
C SER C 54 15.04 -27.60 3.72
N THR C 55 15.01 -28.43 4.77
CA THR C 55 15.22 -29.86 4.60
C THR C 55 14.11 -30.47 3.76
N LEU C 56 12.86 -30.13 4.08
CA LEU C 56 11.72 -30.67 3.34
C LEU C 56 11.72 -30.18 1.89
N ALA C 57 11.84 -28.86 1.70
CA ALA C 57 11.84 -28.30 0.35
C ALA C 57 13.05 -28.75 -0.44
N GLY C 58 14.18 -28.98 0.23
CA GLY C 58 15.36 -29.46 -0.48
C GLY C 58 15.20 -30.88 -0.98
N ARG C 59 14.65 -31.77 -0.13
CA ARG C 59 14.43 -33.15 -0.54
C ARG C 59 13.40 -33.22 -1.67
N LEU C 60 12.35 -32.40 -1.59
CA LEU C 60 11.36 -32.38 -2.66
C LEU C 60 11.96 -31.92 -3.98
N ALA C 61 12.81 -30.89 -3.93
CA ALA C 61 13.49 -30.44 -5.14
C ALA C 61 14.46 -31.48 -5.66
N GLN C 62 15.07 -32.26 -4.76
CA GLN C 62 16.00 -33.29 -5.20
C GLN C 62 15.27 -34.47 -5.83
N LEU C 63 14.14 -34.87 -5.24
CA LEU C 63 13.36 -35.97 -5.82
C LEU C 63 12.75 -35.56 -7.15
N ALA C 64 12.33 -34.30 -7.28
CA ALA C 64 11.77 -33.82 -8.53
C ALA C 64 12.81 -33.84 -9.64
N MET C 65 14.05 -33.49 -9.32
CA MET C 65 15.11 -33.50 -10.32
C MET C 65 15.57 -34.91 -10.65
N THR C 66 15.53 -35.83 -9.67
CA THR C 66 15.88 -37.22 -9.95
C THR C 66 14.88 -37.84 -10.93
N GLU C 67 13.59 -37.56 -10.73
CA GLU C 67 12.57 -38.10 -11.63
C GLU C 67 12.66 -37.46 -13.01
N MET C 68 12.76 -36.14 -13.07
CA MET C 68 12.82 -35.44 -14.35
C MET C 68 14.03 -35.88 -15.16
N ARG C 69 15.16 -36.09 -14.48
CA ARG C 69 16.37 -36.53 -15.16
C ARG C 69 16.21 -37.92 -15.78
N GLU C 70 15.41 -38.77 -15.15
CA GLU C 70 15.29 -40.15 -15.62
C GLU C 70 14.29 -40.28 -16.75
N GLU C 71 13.16 -39.57 -16.68
CA GLU C 71 12.15 -39.70 -17.72
C GLU C 71 12.45 -38.85 -18.95
N THR C 72 13.37 -37.90 -18.86
CA THR C 72 13.79 -37.12 -20.01
C THR C 72 15.16 -37.49 -20.54
N GLY C 73 16.00 -38.14 -19.73
CA GLY C 73 17.35 -38.45 -20.15
C GLY C 73 18.29 -37.27 -20.20
N ASP C 74 17.85 -36.10 -19.72
CA ASP C 74 18.67 -34.89 -19.73
C ASP C 74 19.41 -34.81 -18.39
N MET C 75 20.69 -35.20 -18.39
CA MET C 75 21.47 -35.21 -17.16
C MET C 75 21.78 -33.81 -16.65
N SER C 76 21.50 -32.76 -17.43
CA SER C 76 21.73 -31.40 -16.96
C SER C 76 20.72 -30.97 -15.90
N TYR C 77 19.67 -31.75 -15.67
CA TYR C 77 18.69 -31.46 -14.62
C TYR C 77 19.29 -31.89 -13.28
N GLN C 78 19.73 -30.92 -12.49
CA GLN C 78 20.35 -31.17 -11.20
C GLN C 78 19.77 -30.25 -10.15
N PHE C 79 19.96 -30.63 -8.89
CA PHE C 79 19.61 -29.80 -7.74
C PHE C 79 20.89 -29.39 -7.03
N ILE C 80 20.98 -28.11 -6.67
CA ILE C 80 22.20 -27.55 -6.07
C ILE C 80 21.87 -27.08 -4.67
N ALA C 81 22.52 -27.68 -3.68
CA ALA C 81 22.38 -27.28 -2.28
C ALA C 81 23.57 -26.42 -1.88
N ILE C 82 23.30 -25.34 -1.15
CA ILE C 82 24.34 -24.42 -0.71
C ILE C 82 24.23 -24.27 0.80
N ARG C 83 25.33 -24.57 1.50
CA ARG C 83 25.46 -24.20 2.90
C ARG C 83 25.87 -22.74 2.98
N LEU C 84 25.14 -21.95 3.75
CA LEU C 84 25.34 -20.50 3.84
C LEU C 84 25.55 -20.09 5.30
N PRO C 85 26.72 -20.38 5.85
CA PRO C 85 26.99 -19.98 7.24
C PRO C 85 27.51 -18.55 7.31
N TYR C 86 27.26 -17.92 8.46
CA TYR C 86 27.85 -16.63 8.78
C TYR C 86 29.10 -16.90 9.61
N GLY C 87 30.25 -16.90 8.96
CA GLY C 87 31.47 -17.28 9.64
C GLY C 87 31.49 -18.76 9.94
N GLU C 88 32.52 -19.17 10.68
CA GLU C 88 32.66 -20.57 11.03
C GLU C 88 31.94 -20.88 12.34
N GLN C 89 32.42 -21.91 13.04
CA GLN C 89 31.72 -22.56 14.16
C GLN C 89 30.22 -22.60 13.91
N ALA C 90 29.42 -22.01 14.81
CA ALA C 90 27.98 -22.31 14.87
C ALA C 90 27.84 -23.81 15.00
N ASP C 91 27.31 -24.50 13.98
CA ASP C 91 27.48 -25.94 13.86
C ASP C 91 27.02 -26.46 12.50
N GLU C 92 27.90 -27.17 11.81
CA GLU C 92 27.57 -27.77 10.52
C GLU C 92 26.74 -29.04 10.65
N ALA C 93 26.69 -29.65 11.84
CA ALA C 93 26.10 -30.97 11.99
C ALA C 93 24.64 -31.01 11.56
N ASP C 94 23.90 -29.94 11.84
CA ASP C 94 22.49 -29.91 11.47
C ASP C 94 22.31 -29.80 9.96
N ALA C 95 23.08 -28.93 9.31
CA ALA C 95 23.04 -28.84 7.85
C ALA C 95 23.61 -30.11 7.21
N GLN C 96 24.65 -30.68 7.82
CA GLN C 96 25.20 -31.93 7.30
C GLN C 96 24.19 -33.08 7.44
N ALA C 97 23.50 -33.14 8.59
CA ALA C 97 22.48 -34.16 8.78
C ALA C 97 21.36 -34.02 7.75
N ALA C 98 20.99 -32.77 7.42
CA ALA C 98 20.01 -32.55 6.37
C ALA C 98 20.56 -32.90 5.00
N LEU C 99 21.84 -32.59 4.76
CA LEU C 99 22.45 -32.91 3.47
C LEU C 99 22.56 -34.41 3.28
N ALA C 100 22.83 -35.15 4.36
CA ALA C 100 22.91 -36.60 4.25
C ALA C 100 21.57 -37.21 3.85
N PHE C 101 20.47 -36.60 4.26
CA PHE C 101 19.15 -37.10 3.89
C PHE C 101 18.78 -36.69 2.48
N ILE C 102 19.02 -35.42 2.12
CA ILE C 102 18.63 -34.93 0.80
C ILE C 102 19.43 -35.62 -0.30
N GLN C 103 20.73 -35.83 -0.08
CA GLN C 103 21.65 -36.36 -1.06
C GLN C 103 21.61 -35.50 -2.32
N PRO C 104 22.12 -34.28 -2.27
CA PRO C 104 22.01 -33.38 -3.42
C PRO C 104 23.02 -33.72 -4.50
N ASP C 105 22.64 -33.41 -5.75
CA ASP C 105 23.54 -33.61 -6.87
C ASP C 105 24.78 -32.72 -6.74
N VAL C 106 24.59 -31.48 -6.32
CA VAL C 106 25.66 -30.53 -6.10
C VAL C 106 25.52 -29.94 -4.70
N SER C 107 26.63 -29.87 -3.97
CA SER C 107 26.64 -29.34 -2.61
C SER C 107 27.77 -28.34 -2.50
N LEU C 108 27.43 -27.07 -2.25
CA LEU C 108 28.39 -25.99 -2.17
C LEU C 108 28.45 -25.41 -0.77
N ARG C 109 29.51 -24.66 -0.50
CA ARG C 109 29.69 -23.93 0.75
C ARG C 109 30.14 -22.51 0.41
N VAL C 110 29.33 -21.52 0.80
CA VAL C 110 29.63 -20.12 0.57
C VAL C 110 29.48 -19.37 1.89
N ASP C 111 30.56 -18.77 2.35
CA ASP C 111 30.53 -17.96 3.57
C ASP C 111 30.00 -16.57 3.25
N ILE C 112 28.89 -16.19 3.90
CA ILE C 112 28.32 -14.86 3.68
C ILE C 112 28.94 -13.81 4.57
N LYS C 113 29.69 -14.20 5.60
CA LYS C 113 30.25 -13.22 6.53
C LYS C 113 31.17 -12.20 5.86
N PRO C 114 32.12 -12.59 4.99
CA PRO C 114 32.93 -11.55 4.33
C PRO C 114 32.12 -10.49 3.61
N ALA C 115 31.04 -10.89 2.94
CA ALA C 115 30.19 -9.91 2.26
C ALA C 115 29.36 -9.12 3.26
N VAL C 116 28.81 -9.78 4.28
CA VAL C 116 28.03 -9.08 5.29
C VAL C 116 28.92 -8.11 6.07
N ASP C 117 30.09 -8.58 6.49
CA ASP C 117 31.01 -7.73 7.24
C ASP C 117 31.42 -6.51 6.44
N ALA C 118 31.70 -6.68 5.15
CA ALA C 118 32.08 -5.55 4.31
C ALA C 118 30.91 -4.58 4.15
N MET C 119 29.69 -5.11 4.04
CA MET C 119 28.52 -4.24 3.92
C MET C 119 28.30 -3.43 5.18
N VAL C 120 28.43 -4.07 6.36
CA VAL C 120 28.31 -3.35 7.62
C VAL C 120 29.38 -2.27 7.72
N GLY C 121 30.60 -2.59 7.30
CA GLY C 121 31.68 -1.61 7.38
C GLY C 121 31.44 -0.41 6.49
N SER C 122 31.06 -0.65 5.24
CA SER C 122 30.73 0.45 4.34
C SER C 122 29.58 1.28 4.90
N LEU C 123 28.61 0.64 5.54
CA LEU C 123 27.51 1.37 6.14
C LEU C 123 27.97 2.15 7.37
N GLU C 124 28.82 1.56 8.20
CA GLU C 124 29.35 2.27 9.35
C GLU C 124 30.19 3.47 8.93
N ASN C 125 30.81 3.41 7.74
CA ASN C 125 31.55 4.55 7.22
C ASN C 125 30.64 5.73 6.91
N ALA C 126 29.35 5.49 6.70
CA ALA C 126 28.38 6.55 6.46
C ALA C 126 27.64 6.96 7.73
N GLY C 127 28.10 6.49 8.89
CA GLY C 127 27.44 6.82 10.13
C GLY C 127 26.21 6.00 10.45
N VAL C 128 26.03 4.86 9.78
CA VAL C 128 24.88 3.99 9.98
C VAL C 128 25.40 2.68 10.56
N GLN C 129 25.13 2.44 11.84
CA GLN C 129 25.47 1.18 12.48
C GLN C 129 24.25 0.27 12.49
N ILE C 130 24.47 -1.02 12.28
CA ILE C 130 23.39 -1.98 12.08
C ILE C 130 23.14 -2.72 13.39
N SER C 131 21.87 -2.71 13.83
CA SER C 131 21.49 -3.40 15.04
C SER C 131 21.57 -4.92 14.83
N ASP C 132 21.37 -5.66 15.92
CA ASP C 132 21.47 -7.11 15.85
C ASP C 132 20.39 -7.71 14.96
N PHE C 133 19.15 -7.22 15.11
CA PHE C 133 18.06 -7.75 14.30
C PHE C 133 18.18 -7.33 12.84
N ASN C 134 18.43 -6.04 12.61
CA ASN C 134 18.62 -5.55 11.25
CA ASN C 134 18.60 -5.56 11.24
C ASN C 134 19.78 -6.24 10.56
N LYS C 135 20.78 -6.67 11.33
CA LYS C 135 21.88 -7.45 10.76
C LYS C 135 21.41 -8.85 10.40
N GLY C 136 20.48 -9.42 11.18
CA GLY C 136 19.89 -10.69 10.80
C GLY C 136 19.16 -10.62 9.48
N ASN C 137 18.47 -9.50 9.23
CA ASN C 137 17.85 -9.29 7.93
C ASN C 137 18.89 -9.12 6.83
N MET C 138 20.03 -8.50 7.16
CA MET C 138 21.10 -8.35 6.18
C MET C 138 21.69 -9.70 5.80
N LYS C 139 21.86 -10.59 6.78
CA LYS C 139 22.35 -11.94 6.49
C LYS C 139 21.37 -12.69 5.60
N ALA C 140 20.07 -12.55 5.87
CA ALA C 140 19.06 -13.25 5.08
C ALA C 140 19.06 -12.78 3.63
N ARG C 141 19.23 -11.47 3.42
CA ARG C 141 19.28 -10.94 2.06
C ARG C 141 20.57 -11.31 1.35
N GLN C 142 21.68 -11.41 2.09
CA GLN C 142 22.93 -11.85 1.48
C GLN C 142 22.87 -13.32 1.09
N ARG C 143 22.13 -14.13 1.84
CA ARG C 143 21.90 -15.52 1.44
C ARG C 143 21.06 -15.57 0.17
N MET C 144 20.08 -14.68 0.06
CA MET C 144 19.30 -14.57 -1.17
C MET C 144 20.19 -14.28 -2.36
N ILE C 145 21.15 -13.36 -2.19
CA ILE C 145 22.04 -12.98 -3.29
C ILE C 145 22.87 -14.18 -3.73
N THR C 146 23.33 -14.98 -2.77
CA THR C 146 24.18 -16.13 -3.12
C THR C 146 23.40 -17.15 -3.92
N GLN C 147 22.18 -17.48 -3.50
CA GLN C 147 21.39 -18.47 -4.21
C GLN C 147 21.06 -18.01 -5.63
N TYR C 148 20.81 -16.71 -5.81
CA TYR C 148 20.52 -16.21 -7.15
C TYR C 148 21.77 -16.08 -8.00
N ALA C 149 22.93 -15.83 -7.37
CA ALA C 149 24.19 -15.85 -8.10
C ALA C 149 24.49 -17.24 -8.64
N VAL C 150 24.33 -18.26 -7.79
CA VAL C 150 24.51 -19.64 -8.24
C VAL C 150 23.45 -19.99 -9.28
N ALA C 151 22.22 -19.54 -9.09
CA ALA C 151 21.19 -19.75 -10.09
C ALA C 151 21.50 -19.00 -11.38
N GLY C 152 22.11 -17.81 -11.26
CA GLY C 152 22.45 -17.03 -12.43
C GLY C 152 23.54 -17.65 -13.29
N GLU C 153 24.29 -18.61 -12.74
CA GLU C 153 25.34 -19.29 -13.49
C GLU C 153 24.94 -20.68 -13.97
N ASN C 154 23.89 -21.26 -13.40
CA ASN C 154 23.50 -22.63 -13.71
C ASN C 154 22.10 -22.73 -14.31
N ALA C 155 21.58 -21.64 -14.89
CA ALA C 155 20.25 -21.61 -15.49
C ALA C 155 19.21 -22.19 -14.55
N GLY C 156 19.16 -21.65 -13.33
CA GLY C 156 18.34 -22.24 -12.31
C GLY C 156 17.28 -21.34 -11.69
N ALA C 157 16.35 -21.95 -10.97
CA ALA C 157 15.34 -21.24 -10.21
C ALA C 157 15.61 -21.43 -8.73
N VAL C 158 15.28 -20.40 -7.94
CA VAL C 158 15.57 -20.41 -6.51
C VAL C 158 14.35 -20.95 -5.77
N ILE C 159 14.55 -22.10 -5.11
CA ILE C 159 13.48 -22.70 -4.31
C ILE C 159 13.24 -21.87 -3.06
N GLY C 160 11.97 -21.66 -2.73
CA GLY C 160 11.58 -20.97 -1.52
C GLY C 160 11.04 -21.95 -0.49
N THR C 161 11.17 -21.57 0.78
CA THR C 161 10.71 -22.41 1.89
C THR C 161 9.48 -21.84 2.58
N ASP C 162 8.84 -20.84 1.99
CA ASP C 162 7.69 -20.19 2.63
C ASP C 162 6.50 -21.14 2.66
N HIS C 163 5.85 -21.23 3.82
CA HIS C 163 4.67 -22.06 4.02
C HIS C 163 3.61 -21.23 4.75
N ALA C 164 2.49 -21.89 5.06
CA ALA C 164 1.35 -21.16 5.62
C ALA C 164 1.65 -20.64 7.02
N ALA C 165 2.33 -21.42 7.86
CA ALA C 165 2.64 -20.99 9.20
C ALA C 165 3.59 -19.80 9.20
N GLU C 166 4.54 -19.79 8.26
CA GLU C 166 5.45 -18.65 8.13
C GLU C 166 4.78 -17.47 7.45
N ASN C 167 3.82 -17.72 6.55
CA ASN C 167 3.20 -16.65 5.79
C ASN C 167 2.13 -15.92 6.59
N VAL C 168 1.37 -16.64 7.43
CA VAL C 168 0.29 -16.01 8.17
C VAL C 168 0.83 -14.98 9.15
N THR C 169 2.02 -15.21 9.70
CA THR C 169 2.68 -14.24 10.56
C THR C 169 3.73 -13.42 9.82
N ALA C 170 3.96 -13.70 8.54
CA ALA C 170 4.97 -13.02 7.74
C ALA C 170 6.34 -13.09 8.41
N PHE C 171 6.65 -14.25 8.99
CA PHE C 171 7.89 -14.44 9.74
C PHE C 171 9.06 -14.77 8.79
N PHE C 172 9.35 -13.80 7.92
CA PHE C 172 10.47 -13.91 7.01
C PHE C 172 10.96 -12.51 6.65
N THR C 173 12.18 -12.44 6.14
CA THR C 173 12.76 -11.17 5.74
C THR C 173 12.31 -10.80 4.33
N LYS C 174 11.83 -9.56 4.17
CA LYS C 174 11.34 -9.10 2.88
C LYS C 174 12.49 -9.07 1.87
N TYR C 175 12.31 -9.77 0.75
CA TYR C 175 13.31 -9.90 -0.31
C TYR C 175 14.59 -10.56 0.19
N GLY C 176 14.51 -11.28 1.31
CA GLY C 176 15.61 -12.09 1.79
C GLY C 176 15.31 -13.56 1.59
N ASP C 177 14.93 -14.26 2.66
CA ASP C 177 14.43 -15.62 2.50
C ASP C 177 13.05 -15.65 1.87
N GLY C 178 12.32 -14.54 1.92
CA GLY C 178 11.08 -14.43 1.17
C GLY C 178 11.29 -14.27 -0.33
N GLY C 179 12.48 -13.81 -0.74
CA GLY C 179 12.80 -13.67 -2.14
C GLY C 179 13.19 -14.98 -2.78
N ALA C 180 12.27 -15.58 -3.53
CA ALA C 180 12.53 -16.85 -4.20
C ALA C 180 11.69 -16.92 -5.47
N ASP C 181 11.91 -17.97 -6.25
CA ASP C 181 11.24 -18.14 -7.53
C ASP C 181 10.02 -19.05 -7.47
N ILE C 182 9.99 -20.02 -6.58
CA ILE C 182 8.90 -20.99 -6.54
C ILE C 182 8.85 -21.59 -5.14
N LEU C 183 7.63 -21.79 -4.63
CA LEU C 183 7.38 -22.23 -3.26
C LEU C 183 6.71 -23.59 -3.26
N PRO C 184 7.49 -24.67 -3.15
CA PRO C 184 6.88 -26.02 -3.12
C PRO C 184 6.14 -26.33 -1.83
N LEU C 185 6.33 -25.55 -0.77
CA LEU C 185 5.70 -25.82 0.52
C LEU C 185 4.47 -24.97 0.80
N PHE C 186 4.15 -24.02 -0.08
CA PHE C 186 3.00 -23.15 0.14
C PHE C 186 1.71 -23.96 0.13
N ARG C 187 1.03 -23.98 1.29
CA ARG C 187 -0.27 -24.56 1.61
C ARG C 187 -0.17 -25.39 2.89
N LEU C 188 1.04 -25.73 3.28
CA LEU C 188 1.29 -26.56 4.45
C LEU C 188 1.59 -25.69 5.66
N ASN C 189 1.11 -26.12 6.84
CA ASN C 189 1.45 -25.45 8.08
C ASN C 189 2.70 -26.13 8.67
N LYS C 190 3.01 -25.83 9.93
CA LYS C 190 4.23 -26.35 10.52
C LYS C 190 4.15 -27.86 10.73
N ARG C 191 3.08 -28.32 11.39
CA ARG C 191 2.97 -29.75 11.69
C ARG C 191 2.74 -30.59 10.44
N GLN C 192 2.18 -30.00 9.37
CA GLN C 192 2.05 -30.76 8.12
C GLN C 192 3.39 -30.88 7.42
N GLY C 193 4.31 -29.96 7.67
CA GLY C 193 5.66 -30.11 7.14
C GLY C 193 6.38 -31.30 7.75
N LYS C 194 6.29 -31.43 9.08
CA LYS C 194 6.88 -32.58 9.75
C LYS C 194 6.18 -33.88 9.33
N ALA C 195 4.91 -33.79 8.93
CA ALA C 195 4.22 -34.97 8.42
C ALA C 195 4.81 -35.43 7.09
N LEU C 196 5.14 -34.49 6.21
CA LEU C 196 5.74 -34.85 4.93
C LEU C 196 7.15 -35.39 5.12
N LEU C 197 7.90 -34.81 6.05
CA LEU C 197 9.26 -35.30 6.31
C LEU C 197 9.24 -36.72 6.86
N LYS C 198 8.25 -37.03 7.71
CA LYS C 198 8.09 -38.40 8.20
C LYS C 198 7.72 -39.35 7.08
N GLU C 199 6.82 -38.91 6.18
CA GLU C 199 6.47 -39.72 5.03
C GLU C 199 7.68 -39.98 4.14
N LEU C 200 8.55 -38.97 3.99
CA LEU C 200 9.75 -39.11 3.18
C LEU C 200 10.83 -39.93 3.87
N GLY C 201 10.63 -40.34 5.12
CA GLY C 201 11.62 -41.15 5.80
C GLY C 201 12.79 -40.38 6.35
N ALA C 202 12.62 -39.10 6.65
CA ALA C 202 13.72 -38.34 7.22
C ALA C 202 13.92 -38.73 8.69
N PRO C 203 15.17 -38.86 9.14
CA PRO C 203 15.43 -39.05 10.57
C PRO C 203 14.71 -38.01 11.41
N GLU C 204 13.95 -38.49 12.40
CA GLU C 204 13.09 -37.64 13.21
C GLU C 204 13.86 -36.58 14.00
N ALA C 205 15.20 -36.66 14.04
CA ALA C 205 15.99 -35.60 14.64
C ALA C 205 16.04 -34.35 13.77
N LEU C 206 15.50 -34.39 12.55
CA LEU C 206 15.60 -33.25 11.65
C LEU C 206 14.39 -32.31 11.73
N TYR C 207 13.27 -32.76 12.27
CA TYR C 207 12.15 -31.87 12.54
C TYR C 207 11.91 -31.68 14.03
N LEU C 208 12.90 -32.00 14.86
CA LEU C 208 12.83 -31.75 16.30
C LEU C 208 14.22 -31.62 16.90
N LYS C 219 6.35 -28.97 24.18
CA LYS C 219 6.07 -28.07 25.30
C LYS C 219 7.19 -27.05 25.57
N PRO C 220 8.47 -27.45 25.47
CA PRO C 220 9.54 -26.44 25.51
C PRO C 220 9.37 -25.43 24.40
N LEU C 221 9.79 -24.20 24.67
CA LEU C 221 9.55 -23.12 23.73
CA LEU C 221 9.58 -23.08 23.76
C LEU C 221 10.60 -23.10 22.63
N VAL C 222 10.19 -22.58 21.47
CA VAL C 222 11.03 -22.45 20.29
C VAL C 222 11.30 -20.97 20.07
N ALA C 223 12.51 -20.66 19.59
CA ALA C 223 12.90 -19.27 19.39
C ALA C 223 11.90 -18.51 18.55
N ASP C 224 11.40 -19.13 17.46
CA ASP C 224 10.39 -18.49 16.64
C ASP C 224 9.15 -18.14 17.45
N GLU C 225 8.72 -19.05 18.34
CA GLU C 225 7.53 -18.81 19.14
C GLU C 225 7.77 -17.72 20.18
N VAL C 226 8.98 -17.67 20.74
CA VAL C 226 9.31 -16.61 21.70
C VAL C 226 9.20 -15.24 21.05
N ALA C 227 9.59 -15.15 19.77
CA ALA C 227 9.51 -13.87 19.06
C ALA C 227 8.06 -13.52 18.71
N LEU C 228 7.29 -14.51 18.25
CA LEU C 228 5.93 -14.24 17.78
C LEU C 228 4.95 -14.02 18.92
N GLY C 229 5.18 -14.65 20.07
CA GLY C 229 4.22 -14.58 21.16
C GLY C 229 3.10 -15.59 21.06
N VAL C 230 3.25 -16.60 20.21
CA VAL C 230 2.23 -17.64 20.05
C VAL C 230 2.91 -18.88 19.50
N THR C 231 2.50 -20.04 20.00
CA THR C 231 3.13 -21.29 19.61
C THR C 231 2.72 -21.69 18.19
N TYR C 232 3.49 -22.62 17.62
CA TYR C 232 3.18 -23.12 16.28
C TYR C 232 1.94 -24.01 16.29
N ASP C 233 1.69 -24.70 17.39
CA ASP C 233 0.48 -25.52 17.49
C ASP C 233 -0.77 -24.66 17.42
N ALA C 234 -0.74 -23.49 18.07
CA ALA C 234 -1.87 -22.57 17.98
C ALA C 234 -2.03 -22.02 16.57
N ILE C 235 -0.90 -21.66 15.94
CA ILE C 235 -0.95 -21.21 14.54
C ILE C 235 -1.50 -22.31 13.65
N ASP C 236 -1.01 -23.54 13.83
CA ASP C 236 -1.46 -24.66 13.00
C ASP C 236 -2.93 -24.97 13.26
N ASP C 237 -3.35 -24.94 14.52
CA ASP C 237 -4.77 -25.13 14.84
C ASP C 237 -5.62 -24.06 14.17
N TYR C 238 -5.18 -22.80 14.26
CA TYR C 238 -5.93 -21.70 13.68
C TYR C 238 -6.06 -21.85 12.17
N LEU C 239 -4.98 -22.30 11.51
CA LEU C 239 -5.00 -22.47 10.06
C LEU C 239 -5.77 -23.71 9.63
N GLU C 240 -5.97 -24.67 10.53
CA GLU C 240 -6.75 -25.86 10.24
C GLU C 240 -8.24 -25.67 10.52
N GLY C 241 -8.66 -24.44 10.79
CA GLY C 241 -10.07 -24.17 11.04
C GLY C 241 -10.54 -24.44 12.45
N LYS C 242 -9.63 -24.69 13.39
CA LYS C 242 -9.99 -24.94 14.77
C LYS C 242 -10.07 -23.64 15.55
N LYS C 243 -10.93 -23.62 16.57
CA LYS C 243 -11.07 -22.45 17.42
C LYS C 243 -9.91 -22.38 18.40
N VAL C 244 -9.15 -21.29 18.34
CA VAL C 244 -8.10 -21.03 19.30
C VAL C 244 -8.60 -20.00 20.30
N SER C 245 -7.83 -19.78 21.36
CA SER C 245 -8.19 -18.79 22.36
C SER C 245 -8.29 -17.41 21.73
N GLU C 246 -9.13 -16.56 22.32
CA GLU C 246 -9.28 -15.19 21.83
C GLU C 246 -7.94 -14.46 21.82
N THR C 247 -7.09 -14.74 22.81
CA THR C 247 -5.79 -14.08 22.89
C THR C 247 -4.87 -14.55 21.77
N ASP C 248 -4.78 -15.87 21.56
CA ASP C 248 -3.95 -16.39 20.48
C ASP C 248 -4.47 -15.97 19.11
N GLN C 249 -5.79 -15.81 18.97
CA GLN C 249 -6.36 -15.40 17.70
C GLN C 249 -5.95 -13.96 17.37
N GLN C 250 -6.04 -13.06 18.35
CA GLN C 250 -5.66 -11.67 18.11
C GLN C 250 -4.18 -11.55 17.76
N THR C 251 -3.34 -12.31 18.44
CA THR C 251 -1.90 -12.27 18.15
C THR C 251 -1.62 -12.72 16.72
N ILE C 252 -2.23 -13.83 16.32
CA ILE C 252 -2.05 -14.33 14.95
C ILE C 252 -2.53 -13.29 13.94
N GLU C 253 -3.74 -12.77 14.14
CA GLU C 253 -4.32 -11.84 13.19
C GLU C 253 -3.60 -10.50 13.22
N ASN C 254 -2.99 -10.14 14.35
CA ASN C 254 -2.20 -8.91 14.40
C ASN C 254 -0.94 -9.03 13.55
N TRP C 255 -0.26 -10.18 13.63
CA TRP C 255 0.88 -10.41 12.76
C TRP C 255 0.48 -10.43 11.29
N TYR C 256 -0.75 -10.88 11.00
CA TYR C 256 -1.20 -10.94 9.61
C TYR C 256 -1.31 -9.55 9.01
N LYS C 257 -1.97 -8.63 9.72
CA LYS C 257 -2.13 -7.28 9.20
C LYS C 257 -0.81 -6.54 9.13
N LYS C 258 0.08 -6.80 10.10
CA LYS C 258 1.38 -6.12 10.11
C LYS C 258 2.23 -6.51 8.91
N GLY C 259 2.14 -7.75 8.46
CA GLY C 259 2.96 -8.22 7.37
C GLY C 259 2.27 -8.22 6.03
N GLN C 260 1.18 -7.44 5.90
CA GLN C 260 0.44 -7.40 4.65
C GLN C 260 1.29 -6.88 3.50
N HIS C 261 2.21 -5.96 3.78
CA HIS C 261 3.07 -5.42 2.73
C HIS C 261 4.05 -6.46 2.21
N LYS C 262 4.27 -7.55 2.94
CA LYS C 262 5.13 -8.63 2.48
C LYS C 262 4.39 -9.65 1.62
N ARG C 263 3.05 -9.65 1.66
CA ARG C 263 2.25 -10.56 0.87
C ARG C 263 1.78 -9.93 -0.45
N HIS C 264 2.31 -8.77 -0.81
CA HIS C 264 1.91 -8.09 -2.02
C HIS C 264 3.14 -7.57 -2.75
N LEU C 265 2.95 -7.27 -4.04
CA LEU C 265 3.97 -6.61 -4.82
C LEU C 265 4.20 -5.20 -4.28
N PRO C 266 5.29 -4.55 -4.68
CA PRO C 266 5.49 -3.16 -4.26
C PRO C 266 4.28 -2.29 -4.59
N ILE C 267 3.87 -1.48 -3.61
CA ILE C 267 2.58 -0.80 -3.68
C ILE C 267 2.60 0.22 -4.80
N THR C 268 1.59 0.17 -5.66
CA THR C 268 1.36 1.16 -6.71
C THR C 268 0.14 2.00 -6.35
N ILE C 269 -0.06 3.06 -7.14
CA ILE C 269 -1.16 3.99 -6.90
C ILE C 269 -2.52 3.32 -7.10
N PHE C 270 -2.56 2.16 -7.74
CA PHE C 270 -3.80 1.46 -8.01
C PHE C 270 -4.17 0.45 -6.93
N ASP C 271 -3.30 0.24 -5.94
CA ASP C 271 -3.57 -0.76 -4.90
C ASP C 271 -4.61 -0.24 -3.91
N ASP C 272 -5.35 -1.18 -3.31
CA ASP C 272 -6.36 -0.85 -2.32
C ASP C 272 -6.26 -1.66 -1.04
N PHE C 273 -5.40 -2.67 -0.98
CA PHE C 273 -5.39 -3.58 0.17
C PHE C 273 -4.96 -2.88 1.45
N TRP C 274 -4.17 -1.82 1.35
CA TRP C 274 -3.64 -1.15 2.54
C TRP C 274 -4.57 -0.07 3.07
N LYS C 275 -5.54 0.39 2.29
CA LYS C 275 -6.44 1.45 2.72
C LYS C 275 -7.45 0.95 3.73
N THR D 2 27.48 -38.63 -28.65
CA THR D 2 27.78 -37.41 -29.39
C THR D 2 26.88 -36.27 -28.92
N THR D 3 27.50 -35.21 -28.40
CA THR D 3 26.75 -34.07 -27.85
C THR D 3 26.20 -33.19 -28.97
N LEU D 4 25.78 -31.98 -28.60
CA LEU D 4 25.56 -30.91 -29.56
C LEU D 4 26.80 -30.03 -29.69
N GLN D 5 27.56 -29.89 -28.61
CA GLN D 5 28.80 -29.12 -28.66
C GLN D 5 29.81 -29.77 -29.59
N GLU D 6 29.88 -31.10 -29.59
CA GLU D 6 30.78 -31.80 -30.52
C GLU D 6 30.30 -31.66 -31.96
N LYS D 7 28.98 -31.68 -32.17
CA LYS D 7 28.44 -31.49 -33.51
C LYS D 7 28.81 -30.13 -34.07
N ILE D 8 28.61 -29.08 -33.28
CA ILE D 8 28.94 -27.73 -33.73
C ILE D 8 30.44 -27.59 -33.94
N ILE D 9 31.24 -28.19 -33.05
CA ILE D 9 32.69 -28.18 -33.22
C ILE D 9 33.08 -28.87 -34.52
N GLN D 10 32.46 -30.03 -34.79
CA GLN D 10 32.73 -30.74 -36.04
C GLN D 10 32.24 -29.95 -37.24
N GLU D 11 31.08 -29.29 -37.11
CA GLU D 11 30.52 -28.53 -38.21
C GLU D 11 31.39 -27.33 -38.58
N LEU D 12 32.03 -26.71 -37.58
CA LEU D 12 32.83 -25.51 -37.81
C LEU D 12 34.32 -25.79 -37.83
N GLY D 13 34.75 -27.02 -37.55
CA GLY D 13 36.16 -27.38 -37.65
C GLY D 13 37.08 -26.58 -36.77
N VAL D 14 36.70 -26.37 -35.51
CA VAL D 14 37.52 -25.64 -34.56
C VAL D 14 38.43 -26.63 -33.86
N LEU D 15 39.74 -26.39 -33.94
CA LEU D 15 40.64 -27.28 -33.23
C LEU D 15 40.90 -26.74 -31.82
N PRO D 16 41.05 -27.63 -30.83
CA PRO D 16 41.30 -27.15 -29.46
C PRO D 16 42.61 -26.39 -29.32
N THR D 17 43.63 -26.76 -30.10
CA THR D 17 44.89 -26.03 -30.13
C THR D 17 45.40 -26.00 -31.56
N ILE D 18 45.98 -24.88 -31.96
CA ILE D 18 46.37 -24.65 -33.35
C ILE D 18 47.84 -24.24 -33.41
N ASP D 19 48.39 -24.34 -34.62
CA ASP D 19 49.73 -23.85 -34.93
C ASP D 19 49.57 -22.55 -35.71
N PRO D 20 49.79 -21.38 -35.08
CA PRO D 20 49.46 -20.12 -35.76
C PRO D 20 50.22 -19.89 -37.06
N LYS D 21 51.50 -20.25 -37.12
CA LYS D 21 52.25 -20.08 -38.35
C LYS D 21 51.73 -21.00 -39.44
N GLU D 22 51.35 -22.23 -39.07
CA GLU D 22 50.79 -23.15 -40.06
C GLU D 22 49.41 -22.70 -40.53
N GLU D 23 48.59 -22.16 -39.61
CA GLU D 23 47.27 -21.69 -39.99
C GLU D 23 47.36 -20.48 -40.92
N VAL D 24 48.41 -19.68 -40.79
CA VAL D 24 48.61 -18.56 -41.72
C VAL D 24 48.84 -19.09 -43.13
N ARG D 25 49.75 -20.08 -43.26
CA ARG D 25 49.99 -20.67 -44.57
C ARG D 25 48.80 -21.47 -45.07
N LYS D 26 48.06 -22.11 -44.16
CA LYS D 26 46.87 -22.86 -44.57
C LYS D 26 45.83 -21.94 -45.19
N SER D 27 45.66 -20.74 -44.60
CA SER D 27 44.74 -19.77 -45.20
C SER D 27 45.28 -19.22 -46.50
N ILE D 28 46.59 -18.98 -46.57
CA ILE D 28 47.20 -18.42 -47.78
C ILE D 28 47.14 -19.42 -48.93
N ASP D 29 47.55 -20.66 -48.68
CA ASP D 29 47.49 -21.68 -49.72
C ASP D 29 46.06 -21.94 -50.17
N PHE D 30 45.08 -21.72 -49.28
CA PHE D 30 43.69 -21.91 -49.64
C PHE D 30 43.24 -20.88 -50.67
N LEU D 31 43.44 -19.60 -50.38
CA LEU D 31 43.04 -18.54 -51.31
C LEU D 31 43.76 -18.65 -52.64
N LYS D 32 45.01 -19.12 -52.63
CA LYS D 32 45.75 -19.26 -53.88
C LYS D 32 45.24 -20.44 -54.71
N ALA D 33 44.80 -21.51 -54.03
CA ALA D 33 44.29 -22.67 -54.75
C ALA D 33 43.00 -22.34 -55.49
N TYR D 34 42.11 -21.56 -54.86
CA TYR D 34 40.88 -21.17 -55.53
C TYR D 34 41.16 -20.28 -56.74
N LEU D 35 42.15 -19.39 -56.62
CA LEU D 35 42.50 -18.52 -57.73
C LEU D 35 43.12 -19.33 -58.88
N THR D 36 43.96 -20.31 -58.55
CA THR D 36 44.55 -21.14 -59.58
C THR D 36 43.49 -21.95 -60.33
N LYS D 37 42.40 -22.32 -59.65
CA LYS D 37 41.35 -23.11 -60.27
C LYS D 37 40.52 -22.29 -61.25
N HIS D 38 40.44 -20.98 -61.08
CA HIS D 38 39.62 -20.12 -61.94
C HIS D 38 40.47 -19.04 -62.60
N PRO D 39 40.67 -19.09 -63.91
CA PRO D 39 41.61 -18.15 -64.55
C PRO D 39 41.10 -16.72 -64.62
N PHE D 40 39.77 -16.50 -64.68
CA PHE D 40 39.25 -15.15 -64.87
C PHE D 40 39.19 -14.37 -63.57
N LEU D 41 39.09 -15.06 -62.43
CA LEU D 41 39.24 -14.38 -61.15
C LEU D 41 40.69 -13.95 -60.96
N LYS D 42 40.89 -12.66 -60.69
CA LYS D 42 42.24 -12.12 -60.59
C LYS D 42 42.46 -11.16 -59.43
N THR D 43 41.41 -10.67 -58.77
CA THR D 43 41.59 -9.76 -57.64
C THR D 43 40.81 -10.29 -56.44
N PHE D 44 41.09 -9.69 -55.28
CA PHE D 44 40.36 -9.95 -54.05
C PHE D 44 39.82 -8.63 -53.52
N VAL D 45 38.56 -8.64 -53.09
CA VAL D 45 37.89 -7.44 -52.61
C VAL D 45 37.47 -7.66 -51.16
N LEU D 46 37.68 -6.63 -50.34
CA LEU D 46 37.34 -6.70 -48.93
C LEU D 46 37.19 -5.28 -48.40
N GLY D 47 36.13 -5.04 -47.63
CA GLY D 47 35.97 -3.78 -46.95
C GLY D 47 36.70 -3.78 -45.61
N ILE D 48 37.70 -2.91 -45.49
CA ILE D 48 38.50 -2.85 -44.27
C ILE D 48 37.79 -1.95 -43.25
N SER D 49 37.39 -2.54 -42.13
CA SER D 49 36.72 -1.80 -41.07
C SER D 49 37.64 -1.46 -39.90
N GLY D 50 38.87 -1.96 -39.91
CA GLY D 50 39.76 -1.80 -38.77
C GLY D 50 39.57 -2.82 -37.66
N GLY D 51 38.53 -3.65 -37.74
CA GLY D 51 38.31 -4.68 -36.75
C GLY D 51 39.26 -5.84 -36.92
N GLN D 52 39.21 -6.74 -35.93
CA GLN D 52 40.10 -7.91 -35.94
C GLN D 52 39.84 -8.79 -37.16
N ASP D 53 38.58 -8.94 -37.55
CA ASP D 53 38.24 -9.88 -38.62
C ASP D 53 38.69 -9.34 -39.98
N SER D 54 38.36 -8.08 -40.28
CA SER D 54 38.70 -7.53 -41.59
C SER D 54 40.19 -7.34 -41.76
N THR D 55 40.90 -7.01 -40.68
CA THR D 55 42.34 -6.84 -40.76
C THR D 55 43.05 -8.16 -41.01
N LEU D 56 42.66 -9.20 -40.28
CA LEU D 56 43.28 -10.51 -40.48
C LEU D 56 42.98 -11.05 -41.87
N ALA D 57 41.73 -10.93 -42.32
CA ALA D 57 41.38 -11.39 -43.66
C ALA D 57 42.04 -10.55 -44.74
N GLY D 58 42.20 -9.24 -44.51
CA GLY D 58 42.86 -8.41 -45.49
C GLY D 58 44.35 -8.71 -45.61
N ARG D 59 45.02 -8.91 -44.48
CA ARG D 59 46.46 -9.19 -44.51
C ARG D 59 46.76 -10.51 -45.20
N LEU D 60 46.00 -11.56 -44.90
CA LEU D 60 46.25 -12.85 -45.54
C LEU D 60 45.87 -12.81 -47.01
N ALA D 61 44.81 -12.07 -47.36
CA ALA D 61 44.45 -11.93 -48.77
C ALA D 61 45.55 -11.21 -49.54
N GLN D 62 46.14 -10.18 -48.94
CA GLN D 62 47.23 -9.46 -49.59
C GLN D 62 48.46 -10.34 -49.72
N LEU D 63 48.82 -11.06 -48.65
CA LEU D 63 49.96 -11.95 -48.71
C LEU D 63 49.78 -13.02 -49.78
N ALA D 64 48.54 -13.50 -49.96
CA ALA D 64 48.28 -14.49 -50.99
C ALA D 64 48.47 -13.90 -52.38
N MET D 65 48.19 -12.61 -52.56
CA MET D 65 48.30 -12.00 -53.89
C MET D 65 49.74 -11.74 -54.29
N THR D 66 50.57 -11.28 -53.36
CA THR D 66 51.98 -11.05 -53.68
C THR D 66 52.68 -12.37 -54.02
N GLU D 67 52.36 -13.45 -53.29
CA GLU D 67 52.88 -14.75 -53.65
C GLU D 67 52.32 -15.22 -54.99
N MET D 68 51.02 -15.01 -55.21
CA MET D 68 50.42 -15.31 -56.50
C MET D 68 51.09 -14.50 -57.61
N ARG D 69 51.28 -13.21 -57.37
CA ARG D 69 51.87 -12.33 -58.39
C ARG D 69 53.32 -12.69 -58.69
N GLU D 70 54.04 -13.21 -57.69
CA GLU D 70 55.44 -13.55 -57.90
CA GLU D 70 55.44 -13.56 -57.88
C GLU D 70 55.61 -14.94 -58.52
N GLU D 71 54.72 -15.88 -58.19
CA GLU D 71 54.82 -17.22 -58.77
C GLU D 71 54.35 -17.24 -60.21
N THR D 72 53.37 -16.43 -60.57
CA THR D 72 52.81 -16.42 -61.91
C THR D 72 53.44 -15.37 -62.81
N GLY D 73 53.95 -14.28 -62.24
CA GLY D 73 54.34 -13.15 -63.05
C GLY D 73 53.18 -12.35 -63.61
N ASP D 74 51.95 -12.68 -63.20
CA ASP D 74 50.75 -11.99 -63.65
C ASP D 74 50.50 -10.83 -62.70
N MET D 75 50.89 -9.62 -63.13
CA MET D 75 50.83 -8.46 -62.26
C MET D 75 49.40 -8.00 -61.97
N SER D 76 48.41 -8.55 -62.67
CA SER D 76 47.02 -8.22 -62.40
C SER D 76 46.46 -8.95 -61.17
N TYR D 77 47.27 -9.77 -60.50
CA TYR D 77 46.88 -10.41 -59.25
C TYR D 77 47.13 -9.43 -58.12
N GLN D 78 46.07 -8.79 -57.63
CA GLN D 78 46.20 -7.75 -56.61
C GLN D 78 44.99 -7.74 -55.72
N PHE D 79 45.20 -7.45 -54.44
CA PHE D 79 44.13 -7.34 -53.47
C PHE D 79 43.65 -5.90 -53.39
N ILE D 80 42.33 -5.72 -53.39
CA ILE D 80 41.70 -4.40 -53.35
C ILE D 80 41.02 -4.25 -52.00
N ALA D 81 41.50 -3.30 -51.19
CA ALA D 81 40.90 -2.99 -49.90
C ALA D 81 40.03 -1.75 -50.05
N ILE D 82 38.74 -1.90 -49.75
CA ILE D 82 37.81 -0.78 -49.80
C ILE D 82 37.48 -0.37 -48.36
N ARG D 83 37.04 0.87 -48.22
CA ARG D 83 36.57 1.40 -46.95
C ARG D 83 35.17 1.97 -47.15
N LEU D 84 34.23 1.54 -46.32
CA LEU D 84 32.81 1.86 -46.48
C LEU D 84 32.31 2.55 -45.21
N PRO D 85 32.58 3.84 -45.05
CA PRO D 85 32.02 4.58 -43.91
C PRO D 85 30.63 5.12 -44.22
N TYR D 86 29.86 5.30 -43.15
CA TYR D 86 28.54 5.93 -43.24
C TYR D 86 28.72 7.39 -42.82
N GLY D 87 29.20 8.20 -43.77
CA GLY D 87 29.50 9.58 -43.51
C GLY D 87 30.85 9.77 -42.83
N GLU D 88 31.17 11.03 -42.56
CA GLU D 88 32.41 11.41 -41.89
C GLU D 88 32.05 11.96 -40.52
N GLN D 89 31.85 11.07 -39.56
CA GLN D 89 31.79 11.43 -38.15
C GLN D 89 32.49 10.42 -37.24
N ALA D 90 32.47 9.13 -37.56
CA ALA D 90 33.24 8.14 -36.81
C ALA D 90 34.69 8.18 -37.26
N ASP D 91 35.60 8.06 -36.29
CA ASP D 91 37.02 8.11 -36.57
C ASP D 91 37.54 6.88 -37.32
N GLU D 92 38.42 7.13 -38.28
CA GLU D 92 39.06 6.08 -39.05
C GLU D 92 40.40 5.65 -38.45
N ALA D 93 40.64 5.95 -37.17
CA ALA D 93 41.94 5.69 -36.56
C ALA D 93 42.30 4.21 -36.62
N ASP D 94 41.36 3.35 -36.22
CA ASP D 94 41.63 1.91 -36.24
C ASP D 94 41.69 1.38 -37.67
N ALA D 95 40.99 2.02 -38.61
CA ALA D 95 41.01 1.57 -39.99
C ALA D 95 42.31 1.96 -40.69
N GLN D 96 42.79 3.18 -40.46
CA GLN D 96 44.04 3.60 -41.07
C GLN D 96 45.21 2.75 -40.59
N ALA D 97 45.25 2.45 -39.29
CA ALA D 97 46.29 1.58 -38.76
C ALA D 97 46.18 0.15 -39.28
N ALA D 98 44.98 -0.27 -39.68
CA ALA D 98 44.83 -1.59 -40.30
C ALA D 98 45.44 -1.61 -41.70
N LEU D 99 45.21 -0.55 -42.47
CA LEU D 99 45.78 -0.48 -43.81
C LEU D 99 47.29 -0.33 -43.77
N ALA D 100 47.81 0.43 -42.79
CA ALA D 100 49.24 0.62 -42.66
C ALA D 100 49.98 -0.68 -42.38
N PHE D 101 49.29 -1.68 -41.83
CA PHE D 101 49.87 -3.00 -41.61
C PHE D 101 49.60 -3.95 -42.76
N ILE D 102 48.40 -3.91 -43.34
CA ILE D 102 48.07 -4.79 -44.45
C ILE D 102 48.90 -4.44 -45.67
N GLN D 103 49.10 -3.14 -45.93
CA GLN D 103 49.78 -2.64 -47.11
C GLN D 103 49.08 -3.12 -48.38
N PRO D 104 47.85 -2.72 -48.62
CA PRO D 104 47.13 -3.22 -49.79
C PRO D 104 47.67 -2.60 -51.08
N ASP D 105 47.28 -3.22 -52.20
CA ASP D 105 47.70 -2.73 -53.50
C ASP D 105 46.81 -1.59 -53.97
N VAL D 106 45.50 -1.75 -53.84
CA VAL D 106 44.53 -0.71 -54.19
C VAL D 106 43.72 -0.39 -52.95
N SER D 107 43.70 0.89 -52.56
CA SER D 107 43.00 1.35 -51.37
C SER D 107 41.90 2.32 -51.80
N LEU D 108 40.65 1.87 -51.74
CA LEU D 108 39.50 2.65 -52.15
C LEU D 108 38.74 3.16 -50.94
N ARG D 109 37.80 4.06 -51.20
CA ARG D 109 36.96 4.64 -50.15
C ARG D 109 35.65 5.07 -50.78
N VAL D 110 34.55 4.41 -50.42
CA VAL D 110 33.23 4.68 -50.96
C VAL D 110 32.30 4.98 -49.79
N ASP D 111 31.72 6.17 -49.79
CA ASP D 111 30.77 6.58 -48.76
C ASP D 111 29.41 5.97 -49.08
N ILE D 112 28.97 5.02 -48.23
CA ILE D 112 27.68 4.37 -48.44
C ILE D 112 26.51 5.20 -47.94
N LYS D 113 26.77 6.29 -47.23
CA LYS D 113 25.68 7.10 -46.68
C LYS D 113 24.75 7.68 -47.75
N PRO D 114 25.23 8.21 -48.88
CA PRO D 114 24.27 8.65 -49.92
C PRO D 114 23.34 7.55 -50.39
N ALA D 115 23.88 6.35 -50.65
CA ALA D 115 23.03 5.25 -51.10
C ALA D 115 22.10 4.78 -50.00
N VAL D 116 22.58 4.75 -48.75
CA VAL D 116 21.76 4.24 -47.66
C VAL D 116 20.64 5.23 -47.33
N ASP D 117 20.97 6.52 -47.24
CA ASP D 117 19.96 7.52 -46.91
C ASP D 117 18.91 7.69 -48.01
N ALA D 118 19.26 7.34 -49.25
CA ALA D 118 18.26 7.36 -50.32
C ALA D 118 17.34 6.14 -50.21
N MET D 119 17.89 5.00 -49.79
CA MET D 119 17.07 3.80 -49.61
C MET D 119 16.04 4.00 -48.51
N VAL D 120 16.45 4.61 -47.39
CA VAL D 120 15.50 4.86 -46.31
C VAL D 120 14.52 5.98 -46.71
N GLY D 121 14.97 6.93 -47.52
CA GLY D 121 14.08 8.00 -47.96
C GLY D 121 12.96 7.48 -48.82
N SER D 122 13.29 6.62 -49.79
CA SER D 122 12.27 6.03 -50.64
C SER D 122 11.39 5.06 -49.86
N LEU D 123 11.92 4.46 -48.79
CA LEU D 123 11.12 3.54 -47.99
C LEU D 123 10.07 4.29 -47.17
N GLU D 124 10.49 5.31 -46.43
CA GLU D 124 9.57 6.07 -45.59
C GLU D 124 8.49 6.76 -46.39
N ASN D 125 8.71 6.97 -47.69
CA ASN D 125 7.65 7.54 -48.53
C ASN D 125 6.53 6.55 -48.74
N ALA D 126 6.86 5.26 -48.87
CA ALA D 126 5.85 4.22 -49.03
C ALA D 126 5.11 3.90 -47.74
N GLY D 127 5.42 4.57 -46.63
CA GLY D 127 4.73 4.36 -45.38
C GLY D 127 5.38 3.38 -44.43
N VAL D 128 6.62 2.96 -44.69
CA VAL D 128 7.34 2.03 -43.85
C VAL D 128 8.57 2.75 -43.32
N GLN D 129 8.50 3.24 -42.09
CA GLN D 129 9.66 3.89 -41.49
C GLN D 129 10.63 2.85 -40.93
N ILE D 130 11.92 3.20 -40.96
CA ILE D 130 13.00 2.27 -40.71
C ILE D 130 13.60 2.57 -39.34
N SER D 131 13.63 1.56 -38.48
CA SER D 131 14.29 1.72 -37.20
C SER D 131 15.80 1.76 -37.39
N ASP D 132 16.50 2.31 -36.39
CA ASP D 132 17.96 2.40 -36.48
C ASP D 132 18.58 1.01 -36.54
N PHE D 133 18.00 0.04 -35.84
CA PHE D 133 18.52 -1.31 -35.88
C PHE D 133 18.35 -1.93 -37.26
N ASN D 134 17.19 -1.74 -37.89
CA ASN D 134 16.98 -2.25 -39.24
C ASN D 134 17.87 -1.55 -40.24
N LYS D 135 18.13 -0.25 -40.04
CA LYS D 135 19.06 0.45 -40.90
C LYS D 135 20.48 -0.08 -40.75
N GLY D 136 20.84 -0.54 -39.54
CA GLY D 136 22.15 -1.14 -39.36
C GLY D 136 22.35 -2.37 -40.20
N ASN D 137 21.29 -3.18 -40.37
CA ASN D 137 21.37 -4.31 -41.29
C ASN D 137 21.40 -3.84 -42.74
N MET D 138 20.75 -2.72 -43.04
CA MET D 138 20.78 -2.16 -44.39
C MET D 138 22.18 -1.68 -44.76
N LYS D 139 22.94 -1.18 -43.79
CA LYS D 139 24.30 -0.73 -44.06
C LYS D 139 25.19 -1.89 -44.47
N ALA D 140 25.16 -2.98 -43.69
CA ALA D 140 25.96 -4.15 -44.03
C ALA D 140 25.58 -4.70 -45.40
N ARG D 141 24.30 -4.64 -45.75
CA ARG D 141 23.88 -5.08 -47.08
C ARG D 141 24.33 -4.10 -48.15
N GLN D 142 24.32 -2.80 -47.84
CA GLN D 142 24.82 -1.82 -48.80
C GLN D 142 26.33 -1.92 -48.97
N ARG D 143 27.05 -2.32 -47.94
CA ARG D 143 28.48 -2.57 -48.08
C ARG D 143 28.75 -3.80 -48.94
N MET D 144 27.88 -4.81 -48.85
CA MET D 144 28.03 -5.98 -49.71
C MET D 144 27.85 -5.61 -51.17
N ILE D 145 26.93 -4.69 -51.47
CA ILE D 145 26.72 -4.24 -52.84
C ILE D 145 27.98 -3.58 -53.38
N THR D 146 28.57 -2.68 -52.59
CA THR D 146 29.73 -1.93 -53.06
C THR D 146 30.92 -2.84 -53.31
N GLN D 147 31.15 -3.81 -52.43
CA GLN D 147 32.24 -4.77 -52.65
C GLN D 147 31.99 -5.61 -53.89
N TYR D 148 30.74 -6.02 -54.11
CA TYR D 148 30.42 -6.83 -55.28
C TYR D 148 30.41 -6.00 -56.55
N ALA D 149 30.17 -4.69 -56.45
CA ALA D 149 30.24 -3.83 -57.62
C ALA D 149 31.67 -3.70 -58.11
N VAL D 150 32.62 -3.52 -57.20
CA VAL D 150 34.03 -3.40 -57.59
C VAL D 150 34.54 -4.74 -58.10
N ALA D 151 34.12 -5.84 -57.48
CA ALA D 151 34.58 -7.16 -57.92
C ALA D 151 34.10 -7.45 -59.34
N GLY D 152 32.89 -7.02 -59.69
CA GLY D 152 32.39 -7.23 -61.03
C GLY D 152 33.13 -6.43 -62.09
N GLU D 153 33.80 -5.35 -61.71
CA GLU D 153 34.56 -4.55 -62.66
C GLU D 153 36.02 -4.99 -62.75
N ASN D 154 36.61 -5.46 -61.66
CA ASN D 154 38.02 -5.81 -61.60
C ASN D 154 38.25 -7.32 -61.59
N ALA D 155 37.24 -8.10 -61.96
CA ALA D 155 37.33 -9.56 -62.09
C ALA D 155 37.92 -10.19 -60.82
N GLY D 156 37.14 -10.10 -59.74
CA GLY D 156 37.60 -10.57 -58.46
C GLY D 156 36.48 -11.20 -57.65
N ALA D 157 36.89 -11.88 -56.59
CA ALA D 157 35.98 -12.47 -55.62
C ALA D 157 36.09 -11.72 -54.30
N VAL D 158 34.95 -11.42 -53.69
CA VAL D 158 34.93 -10.72 -52.42
C VAL D 158 35.17 -11.71 -51.29
N ILE D 159 35.84 -11.26 -50.24
CA ILE D 159 36.26 -12.11 -49.14
C ILE D 159 35.41 -11.81 -47.92
N GLY D 160 34.87 -12.86 -47.31
CA GLY D 160 34.08 -12.74 -46.09
C GLY D 160 34.91 -13.01 -44.86
N THR D 161 34.56 -12.31 -43.78
CA THR D 161 35.35 -12.33 -42.55
C THR D 161 34.72 -13.19 -41.47
N ASP D 162 33.78 -14.07 -41.82
CA ASP D 162 33.09 -14.87 -40.83
C ASP D 162 33.98 -16.01 -40.35
N HIS D 163 34.04 -16.19 -39.04
CA HIS D 163 34.83 -17.23 -38.39
C HIS D 163 33.93 -18.06 -37.49
N ALA D 164 34.53 -18.98 -36.75
CA ALA D 164 33.75 -19.88 -35.90
C ALA D 164 33.02 -19.12 -34.80
N ALA D 165 33.71 -18.18 -34.13
CA ALA D 165 33.08 -17.41 -33.08
C ALA D 165 31.91 -16.59 -33.60
N GLU D 166 31.99 -16.12 -34.84
CA GLU D 166 30.88 -15.42 -35.47
C GLU D 166 29.79 -16.38 -35.92
N ASN D 167 30.15 -17.63 -36.25
CA ASN D 167 29.22 -18.54 -36.91
C ASN D 167 28.22 -19.14 -35.93
N VAL D 168 28.69 -19.54 -34.74
CA VAL D 168 27.80 -20.17 -33.76
C VAL D 168 26.66 -19.22 -33.40
N THR D 169 27.00 -17.96 -33.12
CA THR D 169 26.00 -16.97 -32.78
C THR D 169 25.27 -16.41 -33.99
N ALA D 170 25.73 -16.75 -35.21
CA ALA D 170 25.18 -16.17 -36.43
C ALA D 170 25.17 -14.65 -36.36
N PHE D 171 26.24 -14.09 -35.79
CA PHE D 171 26.32 -12.66 -35.50
C PHE D 171 26.80 -11.91 -36.73
N PHE D 172 25.96 -11.93 -37.77
CA PHE D 172 26.23 -11.20 -39.00
C PHE D 172 24.91 -10.94 -39.71
N THR D 173 24.95 -10.01 -40.64
CA THR D 173 23.76 -9.66 -41.41
C THR D 173 23.61 -10.61 -42.59
N LYS D 174 22.43 -11.21 -42.71
CA LYS D 174 22.16 -12.15 -43.79
C LYS D 174 22.25 -11.43 -45.14
N TYR D 175 23.10 -11.95 -46.02
CA TYR D 175 23.38 -11.37 -47.33
C TYR D 175 23.92 -9.94 -47.21
N GLY D 176 24.42 -9.58 -46.03
CA GLY D 176 25.15 -8.33 -45.84
C GLY D 176 26.63 -8.61 -45.74
N ASP D 177 27.20 -8.47 -44.55
CA ASP D 177 28.58 -8.89 -44.35
C ASP D 177 28.74 -10.39 -44.46
N GLY D 178 27.67 -11.16 -44.22
CA GLY D 178 27.69 -12.59 -44.44
C GLY D 178 27.65 -13.00 -45.89
N GLY D 179 27.31 -12.09 -46.80
CA GLY D 179 27.29 -12.38 -48.21
C GLY D 179 28.64 -12.17 -48.86
N ALA D 180 29.33 -13.26 -49.19
CA ALA D 180 30.67 -13.17 -49.76
C ALA D 180 30.92 -14.40 -50.64
N ASP D 181 32.13 -14.47 -51.17
CA ASP D 181 32.52 -15.55 -52.08
C ASP D 181 33.39 -16.61 -51.42
N ILE D 182 34.33 -16.21 -50.57
CA ILE D 182 35.27 -17.16 -49.96
C ILE D 182 35.56 -16.71 -48.54
N LEU D 183 35.75 -17.68 -47.65
CA LEU D 183 35.92 -17.42 -46.21
C LEU D 183 37.27 -17.99 -45.75
N PRO D 184 38.32 -17.18 -45.73
CA PRO D 184 39.62 -17.69 -45.26
C PRO D 184 39.72 -17.84 -43.76
N LEU D 185 38.81 -17.24 -42.98
CA LEU D 185 38.87 -17.29 -41.53
C LEU D 185 38.02 -18.41 -40.92
N PHE D 186 37.24 -19.13 -41.73
CA PHE D 186 36.43 -20.23 -41.23
C PHE D 186 37.31 -21.34 -40.69
N ARG D 187 37.07 -21.70 -39.42
CA ARG D 187 37.68 -22.78 -38.61
C ARG D 187 38.35 -22.19 -37.38
N LEU D 188 38.55 -20.88 -37.36
CA LEU D 188 39.21 -20.20 -36.25
C LEU D 188 38.16 -19.52 -35.37
N ASN D 189 38.40 -19.54 -34.06
CA ASN D 189 37.55 -18.79 -33.14
C ASN D 189 38.18 -17.41 -32.91
N LYS D 190 37.67 -16.67 -31.92
CA LYS D 190 38.13 -15.30 -31.72
C LYS D 190 39.59 -15.26 -31.28
N ARG D 191 39.93 -16.00 -30.21
CA ARG D 191 41.30 -15.93 -29.70
C ARG D 191 42.29 -16.56 -30.68
N GLN D 192 41.86 -17.54 -31.47
CA GLN D 192 42.74 -18.12 -32.48
C GLN D 192 43.03 -17.11 -33.58
N GLY D 193 42.01 -16.34 -33.99
CA GLY D 193 42.24 -15.28 -34.95
C GLY D 193 43.22 -14.23 -34.44
N LYS D 194 43.17 -13.95 -33.13
CA LYS D 194 44.15 -13.05 -32.54
C LYS D 194 45.55 -13.63 -32.61
N ALA D 195 45.69 -14.94 -32.42
CA ALA D 195 47.00 -15.58 -32.47
C ALA D 195 47.60 -15.51 -33.86
N LEU D 196 46.76 -15.49 -34.90
CA LEU D 196 47.28 -15.38 -36.26
C LEU D 196 47.81 -13.99 -36.55
N LEU D 197 47.08 -12.96 -36.12
CA LEU D 197 47.56 -11.59 -36.29
C LEU D 197 48.85 -11.35 -35.51
N LYS D 198 49.01 -12.01 -34.36
CA LYS D 198 50.26 -11.92 -33.63
C LYS D 198 51.40 -12.56 -34.40
N GLU D 199 51.13 -13.67 -35.09
CA GLU D 199 52.14 -14.31 -35.91
C GLU D 199 52.51 -13.46 -37.12
N LEU D 200 51.55 -12.71 -37.66
CA LEU D 200 51.80 -11.89 -38.84
C LEU D 200 52.54 -10.61 -38.52
N GLY D 201 52.75 -10.29 -37.25
CA GLY D 201 53.48 -9.10 -36.87
C GLY D 201 52.65 -7.85 -36.71
N ALA D 202 51.34 -7.97 -36.58
CA ALA D 202 50.51 -6.79 -36.36
C ALA D 202 50.67 -6.30 -34.93
N PRO D 203 50.69 -4.98 -34.71
CA PRO D 203 50.72 -4.45 -33.34
C PRO D 203 49.56 -4.91 -32.48
N GLU D 204 49.60 -4.55 -31.19
CA GLU D 204 48.59 -5.03 -30.24
C GLU D 204 47.28 -4.24 -30.31
N ALA D 205 47.30 -3.05 -30.93
CA ALA D 205 46.11 -2.22 -30.97
C ALA D 205 45.03 -2.78 -31.89
N LEU D 206 45.40 -3.69 -32.81
CA LEU D 206 44.44 -4.19 -33.79
C LEU D 206 43.61 -5.36 -33.25
N TYR D 207 44.07 -6.04 -32.21
CA TYR D 207 43.28 -7.07 -31.54
C TYR D 207 43.00 -6.73 -30.08
N LEU D 208 43.19 -5.48 -29.70
CA LEU D 208 42.85 -5.03 -28.35
C LEU D 208 42.67 -3.51 -28.32
N LYS D 219 38.64 -6.90 -16.65
CA LYS D 219 37.96 -7.16 -17.91
C LYS D 219 36.73 -6.28 -18.07
N PRO D 220 36.81 -5.31 -18.98
CA PRO D 220 35.64 -4.47 -19.27
C PRO D 220 34.74 -5.16 -20.29
N LEU D 221 33.85 -4.41 -20.92
CA LEU D 221 32.79 -4.96 -21.76
C LEU D 221 32.97 -4.51 -23.20
N VAL D 222 32.72 -5.44 -24.13
CA VAL D 222 32.66 -5.15 -25.55
C VAL D 222 31.20 -5.08 -25.97
N ALA D 223 30.88 -4.19 -26.91
CA ALA D 223 29.49 -4.04 -27.34
C ALA D 223 28.94 -5.34 -27.93
N ASP D 224 29.79 -6.11 -28.61
CA ASP D 224 29.34 -7.36 -29.21
C ASP D 224 28.86 -8.34 -28.15
N GLU D 225 29.64 -8.50 -27.07
CA GLU D 225 29.26 -9.43 -26.01
C GLU D 225 28.03 -8.95 -25.26
N VAL D 226 27.85 -7.64 -25.13
CA VAL D 226 26.67 -7.10 -24.45
C VAL D 226 25.41 -7.48 -25.21
N ALA D 227 25.43 -7.35 -26.54
CA ALA D 227 24.27 -7.73 -27.35
C ALA D 227 24.08 -9.24 -27.41
N LEU D 228 25.10 -10.02 -27.08
CA LEU D 228 25.04 -11.47 -27.21
C LEU D 228 24.68 -12.18 -25.91
N GLY D 229 24.98 -11.59 -24.76
CA GLY D 229 24.72 -12.27 -23.51
C GLY D 229 25.73 -13.33 -23.16
N VAL D 230 26.89 -13.32 -23.81
CA VAL D 230 27.97 -14.27 -23.53
C VAL D 230 29.25 -13.69 -24.12
N THR D 231 30.36 -13.92 -23.44
CA THR D 231 31.63 -13.32 -23.84
C THR D 231 32.36 -14.21 -24.85
N TYR D 232 33.29 -13.59 -25.58
CA TYR D 232 34.04 -14.32 -26.60
C TYR D 232 34.96 -15.38 -25.99
N ASP D 233 35.41 -15.17 -24.75
CA ASP D 233 36.25 -16.17 -24.11
C ASP D 233 35.47 -17.43 -23.77
N ALA D 234 34.19 -17.29 -23.41
CA ALA D 234 33.36 -18.47 -23.20
C ALA D 234 32.97 -19.11 -24.52
N ILE D 235 32.72 -18.29 -25.54
CA ILE D 235 32.43 -18.82 -26.87
C ILE D 235 33.61 -19.62 -27.39
N ASP D 236 34.83 -19.07 -27.23
CA ASP D 236 36.03 -19.76 -27.69
C ASP D 236 36.23 -21.07 -26.93
N ASP D 237 36.07 -21.04 -25.60
CA ASP D 237 36.22 -22.25 -24.81
C ASP D 237 35.20 -23.31 -25.21
N TYR D 238 33.98 -22.89 -25.53
CA TYR D 238 32.97 -23.83 -26.00
C TYR D 238 33.38 -24.47 -27.31
N LEU D 239 34.01 -23.70 -28.19
CA LEU D 239 34.43 -24.21 -29.50
C LEU D 239 35.72 -25.02 -29.43
N GLU D 240 36.45 -24.94 -28.32
CA GLU D 240 37.64 -25.76 -28.11
C GLU D 240 37.34 -26.99 -27.28
N GLY D 241 36.07 -27.36 -27.14
CA GLY D 241 35.69 -28.53 -26.39
C GLY D 241 35.72 -28.37 -24.89
N LYS D 242 35.88 -27.15 -24.37
CA LYS D 242 35.96 -26.92 -22.94
C LYS D 242 34.58 -26.75 -22.34
N LYS D 243 34.52 -26.85 -21.02
CA LYS D 243 33.26 -26.76 -20.29
C LYS D 243 33.00 -25.33 -19.86
N VAL D 244 31.83 -24.81 -20.21
CA VAL D 244 31.40 -23.48 -19.81
C VAL D 244 30.22 -23.62 -18.86
N SER D 245 29.80 -22.49 -18.29
CA SER D 245 28.66 -22.50 -17.37
C SER D 245 27.40 -22.90 -18.12
N GLU D 246 26.47 -23.53 -17.40
CA GLU D 246 25.23 -23.98 -18.02
C GLU D 246 24.45 -22.82 -18.62
N THR D 247 24.53 -21.63 -18.02
CA THR D 247 23.91 -20.46 -18.61
C THR D 247 24.60 -20.06 -19.91
N ASP D 248 25.94 -19.97 -19.87
CA ASP D 248 26.68 -19.56 -21.07
C ASP D 248 26.54 -20.59 -22.19
N GLN D 249 26.53 -21.88 -21.85
CA GLN D 249 26.35 -22.90 -22.86
C GLN D 249 24.98 -22.78 -23.53
N GLN D 250 23.93 -22.59 -22.74
CA GLN D 250 22.60 -22.46 -23.31
C GLN D 250 22.45 -21.16 -24.10
N THR D 251 23.20 -20.13 -23.73
CA THR D 251 23.21 -18.90 -24.54
C THR D 251 23.82 -19.17 -25.91
N ILE D 252 24.92 -19.94 -25.95
CA ILE D 252 25.59 -20.20 -27.21
C ILE D 252 24.73 -21.08 -28.11
N GLU D 253 24.15 -22.14 -27.55
CA GLU D 253 23.40 -23.09 -28.36
C GLU D 253 22.07 -22.51 -28.84
N ASN D 254 21.47 -21.60 -28.06
CA ASN D 254 20.24 -20.95 -28.52
C ASN D 254 20.52 -19.97 -29.64
N TRP D 255 21.66 -19.27 -29.58
CA TRP D 255 22.09 -18.47 -30.72
C TRP D 255 22.37 -19.35 -31.93
N TYR D 256 22.73 -20.61 -31.69
CA TYR D 256 23.01 -21.53 -32.80
C TYR D 256 21.71 -21.97 -33.49
N LYS D 257 20.72 -22.38 -32.71
CA LYS D 257 19.45 -22.80 -33.29
C LYS D 257 18.74 -21.63 -33.96
N LYS D 258 18.83 -20.43 -33.37
CA LYS D 258 18.14 -19.27 -33.93
C LYS D 258 18.70 -18.90 -35.29
N GLY D 259 20.00 -19.08 -35.51
CA GLY D 259 20.62 -18.69 -36.76
C GLY D 259 20.90 -19.85 -37.69
N GLN D 260 20.06 -20.88 -37.68
CA GLN D 260 20.24 -21.99 -38.60
C GLN D 260 19.94 -21.58 -40.04
N HIS D 261 18.95 -20.71 -40.23
CA HIS D 261 18.60 -20.25 -41.57
C HIS D 261 19.73 -19.46 -42.22
N LYS D 262 20.62 -18.86 -41.42
CA LYS D 262 21.74 -18.11 -41.99
C LYS D 262 22.85 -19.03 -42.47
N ARG D 263 22.98 -20.23 -41.90
CA ARG D 263 24.00 -21.17 -42.28
C ARG D 263 23.54 -22.15 -43.36
N HIS D 264 22.43 -21.87 -44.02
CA HIS D 264 21.91 -22.73 -45.07
C HIS D 264 21.47 -21.88 -46.24
N LEU D 265 21.40 -22.51 -47.42
CA LEU D 265 20.83 -21.88 -48.59
C LEU D 265 19.34 -21.60 -48.33
N PRO D 266 18.72 -20.73 -49.13
CA PRO D 266 17.28 -20.50 -49.00
C PRO D 266 16.50 -21.81 -48.98
N ILE D 267 15.50 -21.88 -48.11
CA ILE D 267 14.89 -23.14 -47.73
C ILE D 267 14.04 -23.68 -48.88
N THR D 268 14.21 -24.97 -49.17
CA THR D 268 13.48 -25.66 -50.22
C THR D 268 12.41 -26.57 -49.61
N ILE D 269 11.59 -27.14 -50.49
CA ILE D 269 10.62 -28.15 -50.07
C ILE D 269 11.29 -29.40 -49.54
N PHE D 270 12.56 -29.63 -49.92
CA PHE D 270 13.27 -30.84 -49.56
C PHE D 270 14.12 -30.70 -48.30
N ASP D 271 14.32 -29.49 -47.80
CA ASP D 271 15.17 -29.30 -46.62
C ASP D 271 14.53 -29.90 -45.38
N ASP D 272 15.38 -30.28 -44.42
CA ASP D 272 14.93 -30.95 -43.21
C ASP D 272 15.45 -30.34 -41.92
N PHE D 273 16.37 -29.38 -41.98
CA PHE D 273 17.01 -28.91 -40.76
C PHE D 273 16.04 -28.11 -39.88
N TRP D 274 15.14 -27.35 -40.49
CA TRP D 274 14.27 -26.46 -39.73
C TRP D 274 13.11 -27.18 -39.04
N LYS D 275 12.87 -28.45 -39.36
CA LYS D 275 11.73 -29.16 -38.78
C LYS D 275 12.06 -29.70 -37.39
N MET E 1 -2.02 32.74 4.17
CA MET E 1 -2.89 32.84 3.01
C MET E 1 -3.34 31.45 2.54
N THR E 2 -4.65 31.22 2.59
CA THR E 2 -5.23 29.95 2.17
C THR E 2 -6.27 30.19 1.08
N THR E 3 -6.49 29.17 0.26
CA THR E 3 -7.45 29.28 -0.83
C THR E 3 -8.88 29.24 -0.29
N LEU E 4 -9.84 29.55 -1.17
CA LEU E 4 -11.24 29.51 -0.79
C LEU E 4 -11.68 28.09 -0.45
N GLN E 5 -11.19 27.11 -1.21
CA GLN E 5 -11.55 25.72 -0.94
C GLN E 5 -11.13 25.29 0.45
N GLU E 6 -9.92 25.69 0.87
CA GLU E 6 -9.43 25.31 2.19
C GLU E 6 -10.26 25.96 3.30
N LYS E 7 -10.78 27.17 3.06
CA LYS E 7 -11.69 27.78 4.03
C LYS E 7 -13.02 27.01 4.08
N ILE E 8 -13.56 26.69 2.90
CA ILE E 8 -14.85 26.01 2.83
C ILE E 8 -14.77 24.63 3.48
N ILE E 9 -13.65 23.92 3.26
CA ILE E 9 -13.45 22.63 3.92
C ILE E 9 -13.39 22.81 5.43
N GLN E 10 -12.65 23.82 5.89
CA GLN E 10 -12.53 24.07 7.32
C GLN E 10 -13.86 24.51 7.93
N GLU E 11 -14.60 25.37 7.22
CA GLU E 11 -15.88 25.84 7.74
C GLU E 11 -16.89 24.71 7.85
N LEU E 12 -16.84 23.76 6.92
CA LEU E 12 -17.79 22.64 6.92
C LEU E 12 -17.27 21.42 7.67
N GLY E 13 -15.97 21.32 7.89
CA GLY E 13 -15.42 20.20 8.64
C GLY E 13 -15.43 18.88 7.90
N VAL E 14 -15.28 18.91 6.57
CA VAL E 14 -15.23 17.68 5.79
C VAL E 14 -13.85 17.06 5.93
N LEU E 15 -13.82 15.77 6.20
CA LEU E 15 -12.50 15.15 6.27
C LEU E 15 -12.19 14.42 4.97
N PRO E 16 -10.92 14.43 4.53
CA PRO E 16 -10.59 13.77 3.26
C PRO E 16 -10.85 12.27 3.28
N THR E 17 -10.73 11.64 4.44
CA THR E 17 -11.07 10.23 4.61
C THR E 17 -11.69 10.05 6.00
N ILE E 18 -12.73 9.24 6.06
CA ILE E 18 -13.46 9.00 7.31
C ILE E 18 -13.63 7.51 7.51
N ASP E 19 -13.72 7.12 8.79
CA ASP E 19 -14.09 5.76 9.15
C ASP E 19 -15.59 5.75 9.41
N PRO E 20 -16.39 5.11 8.55
CA PRO E 20 -17.85 5.17 8.73
C PRO E 20 -18.34 4.52 10.01
N LYS E 21 -17.59 3.58 10.59
CA LYS E 21 -18.01 2.97 11.85
C LYS E 21 -17.98 3.97 12.98
N GLU E 22 -16.86 4.70 13.13
CA GLU E 22 -16.76 5.69 14.20
C GLU E 22 -17.61 6.92 13.92
N GLU E 23 -17.82 7.25 12.63
CA GLU E 23 -18.66 8.39 12.29
C GLU E 23 -20.12 8.13 12.61
N VAL E 24 -20.54 6.87 12.64
CA VAL E 24 -21.88 6.54 13.11
C VAL E 24 -21.97 6.77 14.62
N ARG E 25 -20.95 6.34 15.36
CA ARG E 25 -20.93 6.59 16.80
C ARG E 25 -20.81 8.07 17.11
N LYS E 26 -19.96 8.79 16.36
CA LYS E 26 -19.82 10.22 16.56
C LYS E 26 -21.16 10.94 16.44
N SER E 27 -21.95 10.54 15.44
CA SER E 27 -23.24 11.20 15.23
C SER E 27 -24.24 10.82 16.32
N ILE E 28 -24.29 9.54 16.70
CA ILE E 28 -25.24 9.10 17.72
C ILE E 28 -24.87 9.67 19.08
N ASP E 29 -23.59 9.58 19.45
CA ASP E 29 -23.15 10.14 20.73
C ASP E 29 -23.39 11.64 20.81
N PHE E 30 -23.29 12.33 19.67
CA PHE E 30 -23.59 13.76 19.65
C PHE E 30 -25.05 14.01 19.99
N LEU E 31 -25.97 13.27 19.36
CA LEU E 31 -27.38 13.40 19.70
C LEU E 31 -27.65 12.96 21.13
N LYS E 32 -26.94 11.93 21.59
CA LYS E 32 -27.12 11.47 22.96
C LYS E 32 -26.60 12.50 23.96
N ALA E 33 -25.47 13.15 23.65
CA ALA E 33 -24.92 14.14 24.57
C ALA E 33 -25.82 15.35 24.69
N TYR E 34 -26.48 15.73 23.59
CA TYR E 34 -27.33 16.92 23.63
C TYR E 34 -28.57 16.70 24.49
N LEU E 35 -29.18 15.52 24.39
CA LEU E 35 -30.35 15.22 25.21
C LEU E 35 -30.00 15.15 26.68
N THR E 36 -28.82 14.61 27.00
CA THR E 36 -28.40 14.50 28.39
C THR E 36 -28.20 15.88 29.01
N LYS E 37 -27.68 16.83 28.24
CA LYS E 37 -27.50 18.20 28.73
C LYS E 37 -28.83 18.94 28.85
N HIS E 38 -29.86 18.51 28.12
CA HIS E 38 -31.16 19.18 28.10
C HIS E 38 -32.24 18.19 28.50
N PRO E 39 -32.54 18.07 29.79
CA PRO E 39 -33.52 17.05 30.23
C PRO E 39 -34.94 17.33 29.75
N PHE E 40 -35.28 18.58 29.42
CA PHE E 40 -36.61 18.90 28.96
C PHE E 40 -36.91 18.38 27.56
N LEU E 41 -35.90 17.94 26.81
CA LEU E 41 -36.09 17.40 25.48
C LEU E 41 -36.26 15.89 25.57
N LYS E 42 -37.32 15.38 24.94
CA LYS E 42 -37.69 13.98 25.05
C LYS E 42 -37.77 13.25 23.71
N THR E 43 -38.06 13.94 22.62
CA THR E 43 -38.27 13.28 21.34
C THR E 43 -37.50 13.99 20.23
N PHE E 44 -37.39 13.29 19.09
CA PHE E 44 -36.80 13.82 17.87
C PHE E 44 -37.85 13.76 16.77
N VAL E 45 -38.00 14.86 16.04
CA VAL E 45 -38.97 14.96 14.96
C VAL E 45 -38.23 15.18 13.65
N LEU E 46 -38.60 14.42 12.62
CA LEU E 46 -37.94 14.53 11.33
C LEU E 46 -38.88 14.07 10.22
N GLY E 47 -38.97 14.88 9.16
CA GLY E 47 -39.73 14.49 8.00
C GLY E 47 -38.98 13.47 7.17
N ILE E 48 -39.58 12.32 6.92
CA ILE E 48 -38.97 11.25 6.14
C ILE E 48 -39.52 11.34 4.73
N SER E 49 -38.63 11.58 3.76
CA SER E 49 -39.03 11.75 2.37
C SER E 49 -38.63 10.58 1.48
N GLY E 50 -37.81 9.65 1.97
CA GLY E 50 -37.29 8.56 1.17
C GLY E 50 -35.92 8.83 0.57
N GLY E 51 -35.46 10.08 0.61
CA GLY E 51 -34.14 10.42 0.10
C GLY E 51 -33.04 9.92 1.02
N GLN E 52 -31.80 10.12 0.56
CA GLN E 52 -30.65 9.61 1.29
C GLN E 52 -30.44 10.37 2.60
N ASP E 53 -30.58 11.69 2.57
CA ASP E 53 -30.27 12.50 3.75
C ASP E 53 -31.25 12.23 4.89
N SER E 54 -32.55 12.25 4.60
CA SER E 54 -33.53 12.03 5.65
C SER E 54 -33.49 10.59 6.16
N THR E 55 -33.07 9.64 5.33
CA THR E 55 -32.98 8.26 5.77
C THR E 55 -31.82 8.05 6.74
N LEU E 56 -30.66 8.64 6.43
CA LEU E 56 -29.51 8.50 7.31
C LEU E 56 -29.77 9.16 8.66
N ALA E 57 -30.18 10.43 8.64
CA ALA E 57 -30.44 11.15 9.88
C ALA E 57 -31.58 10.50 10.67
N GLY E 58 -32.59 9.99 9.96
CA GLY E 58 -33.71 9.35 10.64
C GLY E 58 -33.29 8.11 11.40
N ARG E 59 -32.52 7.23 10.74
CA ARG E 59 -32.02 6.03 11.41
C ARG E 59 -31.09 6.40 12.56
N LEU E 60 -30.27 7.43 12.38
CA LEU E 60 -29.36 7.85 13.44
C LEU E 60 -30.12 8.34 14.66
N ALA E 61 -31.18 9.12 14.44
CA ALA E 61 -31.99 9.60 15.56
C ALA E 61 -32.72 8.44 16.24
N GLN E 62 -33.17 7.47 15.46
CA GLN E 62 -33.87 6.33 16.04
C GLN E 62 -32.95 5.49 16.91
N LEU E 63 -31.72 5.25 16.43
CA LEU E 63 -30.74 4.50 17.22
C LEU E 63 -30.38 5.26 18.49
N ALA E 64 -30.31 6.59 18.41
CA ALA E 64 -29.98 7.39 19.59
C ALA E 64 -31.04 7.28 20.66
N MET E 65 -32.31 7.25 20.26
CA MET E 65 -33.40 7.09 21.22
C MET E 65 -33.50 5.66 21.75
N THR E 66 -33.15 4.67 20.93
CA THR E 66 -33.12 3.29 21.40
C THR E 66 -32.08 3.13 22.50
N GLU E 67 -30.90 3.71 22.31
CA GLU E 67 -29.86 3.63 23.33
C GLU E 67 -30.19 4.51 24.53
N MET E 68 -30.86 5.64 24.30
CA MET E 68 -31.26 6.49 25.41
C MET E 68 -32.24 5.78 26.32
N ARG E 69 -33.16 5.02 25.73
CA ARG E 69 -34.19 4.34 26.52
C ARG E 69 -33.59 3.27 27.41
N GLU E 70 -32.66 2.48 26.88
CA GLU E 70 -32.07 1.38 27.65
C GLU E 70 -31.16 1.91 28.76
N GLU E 71 -30.48 3.04 28.53
CA GLU E 71 -29.53 3.56 29.51
C GLU E 71 -30.25 4.23 30.68
N THR E 72 -31.28 5.01 30.38
CA THR E 72 -32.01 5.76 31.39
C THR E 72 -33.22 5.03 31.91
N GLY E 73 -33.80 4.12 31.12
CA GLY E 73 -35.06 3.51 31.48
C GLY E 73 -36.27 4.41 31.31
N ASP E 74 -36.10 5.55 30.64
CA ASP E 74 -37.19 6.50 30.41
C ASP E 74 -37.80 6.20 29.04
N MET E 75 -39.01 5.67 29.04
CA MET E 75 -39.69 5.32 27.79
C MET E 75 -40.22 6.53 27.05
N SER E 76 -40.10 7.73 27.62
CA SER E 76 -40.51 8.94 26.91
C SER E 76 -39.62 9.22 25.71
N TYR E 77 -38.37 8.78 25.75
CA TYR E 77 -37.42 9.04 24.68
C TYR E 77 -37.84 8.26 23.43
N GLN E 78 -38.34 8.99 22.42
CA GLN E 78 -38.82 8.39 21.19
C GLN E 78 -38.38 9.22 20.00
N PHE E 79 -38.36 8.60 18.82
CA PHE E 79 -38.12 9.29 17.56
C PHE E 79 -39.42 9.31 16.77
N ILE E 80 -39.79 10.48 16.27
CA ILE E 80 -41.05 10.69 15.57
C ILE E 80 -40.74 11.00 14.12
N ALA E 81 -40.96 10.02 13.24
CA ALA E 81 -40.85 10.22 11.81
C ALA E 81 -42.19 10.69 11.26
N ILE E 82 -42.14 11.63 10.31
CA ILE E 82 -43.35 12.22 9.75
C ILE E 82 -43.24 12.20 8.23
N ARG E 83 -44.18 11.53 7.57
CA ARG E 83 -44.35 11.69 6.14
C ARG E 83 -45.05 13.02 5.88
N LEU E 84 -44.52 13.80 4.94
CA LEU E 84 -45.03 15.13 4.64
C LEU E 84 -45.32 15.25 3.15
N PRO E 85 -46.32 14.51 2.65
CA PRO E 85 -46.64 14.59 1.23
C PRO E 85 -47.48 15.80 0.90
N TYR E 86 -47.36 16.26 -0.34
CA TYR E 86 -48.21 17.31 -0.88
C TYR E 86 -49.26 16.62 -1.73
N GLY E 87 -50.42 16.36 -1.13
CA GLY E 87 -51.41 15.65 -1.91
C GLY E 87 -51.04 14.19 -2.10
N GLU E 88 -51.80 13.54 -2.98
CA GLU E 88 -51.60 12.15 -3.32
C GLU E 88 -51.10 12.04 -4.77
N GLN E 89 -51.24 10.84 -5.35
CA GLN E 89 -50.79 10.54 -6.71
C GLN E 89 -49.28 10.72 -6.86
N ALA E 90 -48.60 11.02 -5.76
CA ALA E 90 -47.16 11.06 -5.68
C ALA E 90 -46.70 9.86 -4.89
N ASP E 91 -45.90 8.99 -5.52
CA ASP E 91 -45.57 7.70 -4.93
C ASP E 91 -44.79 7.86 -3.64
N GLU E 92 -45.34 7.33 -2.55
CA GLU E 92 -44.67 7.29 -1.27
C GLU E 92 -43.91 5.99 -1.04
N ALA E 93 -43.72 5.19 -2.09
CA ALA E 93 -43.06 3.89 -1.94
C ALA E 93 -41.61 4.05 -1.51
N ASP E 94 -40.99 5.19 -1.85
CA ASP E 94 -39.61 5.42 -1.41
C ASP E 94 -39.56 5.75 0.07
N ALA E 95 -40.52 6.52 0.57
CA ALA E 95 -40.55 6.86 1.99
C ALA E 95 -40.82 5.63 2.84
N GLN E 96 -41.66 4.71 2.36
CA GLN E 96 -41.93 3.48 3.10
C GLN E 96 -40.69 2.61 3.19
N ALA E 97 -39.94 2.50 2.08
CA ALA E 97 -38.70 1.73 2.10
C ALA E 97 -37.73 2.28 3.14
N ALA E 98 -37.56 3.60 3.16
CA ALA E 98 -36.73 4.22 4.20
C ALA E 98 -37.34 3.99 5.57
N LEU E 99 -38.67 4.02 5.66
CA LEU E 99 -39.34 3.84 6.95
C LEU E 99 -39.16 2.42 7.46
N ALA E 100 -39.21 1.43 6.57
CA ALA E 100 -39.03 0.05 6.98
C ALA E 100 -37.62 -0.20 7.52
N PHE E 101 -36.63 0.53 7.01
CA PHE E 101 -35.26 0.39 7.48
C PHE E 101 -35.03 1.16 8.77
N ILE E 102 -35.74 2.27 8.97
CA ILE E 102 -35.55 3.07 10.18
C ILE E 102 -36.23 2.40 11.38
N GLN E 103 -37.45 1.88 11.18
CA GLN E 103 -38.28 1.32 12.24
C GLN E 103 -38.44 2.36 13.35
N PRO E 104 -39.14 3.45 13.10
CA PRO E 104 -39.22 4.52 14.10
C PRO E 104 -40.20 4.21 15.21
N ASP E 105 -40.01 4.89 16.33
CA ASP E 105 -40.91 4.73 17.47
C ASP E 105 -42.30 5.21 17.13
N VAL E 106 -42.41 6.39 16.53
CA VAL E 106 -43.68 6.95 16.10
C VAL E 106 -43.56 7.32 14.63
N SER E 107 -44.54 6.92 13.83
CA SER E 107 -44.58 7.19 12.40
C SER E 107 -45.88 7.94 12.10
N LEU E 108 -45.78 9.24 11.91
CA LEU E 108 -46.92 10.09 11.58
C LEU E 108 -46.93 10.42 10.10
N ARG E 109 -48.08 10.89 9.61
CA ARG E 109 -48.20 11.39 8.26
C ARG E 109 -49.11 12.61 8.26
N VAL E 110 -48.64 13.71 7.70
CA VAL E 110 -49.40 14.95 7.63
C VAL E 110 -49.37 15.46 6.20
N ASP E 111 -50.56 15.72 5.64
CA ASP E 111 -50.67 16.28 4.30
C ASP E 111 -50.51 17.78 4.37
N ILE E 112 -49.48 18.31 3.68
CA ILE E 112 -49.24 19.75 3.67
C ILE E 112 -50.00 20.47 2.57
N LYS E 113 -50.72 19.74 1.71
CA LYS E 113 -51.42 20.37 0.59
C LYS E 113 -52.53 21.33 1.03
N PRO E 114 -53.42 20.98 1.97
CA PRO E 114 -54.47 21.94 2.34
C PRO E 114 -53.92 23.27 2.86
N ALA E 115 -52.86 23.22 3.67
CA ALA E 115 -52.30 24.45 4.21
C ALA E 115 -51.61 25.27 3.12
N VAL E 116 -50.91 24.62 2.20
CA VAL E 116 -50.21 25.33 1.14
C VAL E 116 -51.20 25.99 0.19
N ASP E 117 -52.25 25.25 -0.20
CA ASP E 117 -53.24 25.81 -1.12
C ASP E 117 -54.02 26.94 -0.47
N ALA E 118 -54.29 26.83 0.83
CA ALA E 118 -54.97 27.92 1.53
C ALA E 118 -54.07 29.14 1.67
N MET E 119 -52.77 28.91 1.87
CA MET E 119 -51.81 30.02 1.85
C MET E 119 -51.74 30.65 0.47
N VAL E 120 -51.68 29.82 -0.57
CA VAL E 120 -51.69 30.33 -1.94
C VAL E 120 -53.01 31.03 -2.23
N GLY E 121 -54.12 30.42 -1.82
CA GLY E 121 -55.43 31.01 -2.09
C GLY E 121 -55.59 32.38 -1.47
N SER E 122 -55.09 32.56 -0.24
CA SER E 122 -55.14 33.87 0.39
C SER E 122 -54.18 34.84 -0.27
N LEU E 123 -53.01 34.37 -0.69
CA LEU E 123 -52.06 35.23 -1.37
C LEU E 123 -52.60 35.70 -2.70
N GLU E 124 -53.04 34.77 -3.55
CA GLU E 124 -53.60 35.13 -4.85
C GLU E 124 -54.83 36.01 -4.72
N ASN E 125 -55.45 36.05 -3.53
CA ASN E 125 -56.54 36.99 -3.30
C ASN E 125 -56.02 38.43 -3.27
N ALA E 126 -54.83 38.64 -2.71
CA ALA E 126 -54.25 39.97 -2.57
C ALA E 126 -53.46 40.40 -3.81
N GLY E 127 -53.66 39.73 -4.94
CA GLY E 127 -53.03 40.15 -6.18
C GLY E 127 -51.58 39.77 -6.32
N VAL E 128 -51.13 38.69 -5.67
CA VAL E 128 -49.78 38.18 -5.84
C VAL E 128 -49.90 36.73 -6.31
N GLN E 129 -49.56 36.49 -7.57
CA GLN E 129 -49.58 35.15 -8.12
C GLN E 129 -48.28 34.44 -7.78
N ILE E 130 -48.40 33.19 -7.34
CA ILE E 130 -47.25 32.41 -6.89
C ILE E 130 -46.76 31.54 -8.03
N SER E 131 -45.50 31.74 -8.43
CA SER E 131 -44.88 30.85 -9.39
C SER E 131 -44.69 29.46 -8.79
N ASP E 132 -44.52 28.47 -9.68
CA ASP E 132 -44.34 27.11 -9.20
C ASP E 132 -43.01 26.93 -8.48
N PHE E 133 -42.00 27.73 -8.84
CA PHE E 133 -40.75 27.70 -8.10
C PHE E 133 -40.92 28.27 -6.70
N ASN E 134 -41.66 29.37 -6.58
CA ASN E 134 -41.91 29.97 -5.27
C ASN E 134 -42.73 29.02 -4.40
N LYS E 135 -43.76 28.39 -4.99
CA LYS E 135 -44.56 27.43 -4.23
C LYS E 135 -43.73 26.24 -3.76
N GLY E 136 -42.63 25.94 -4.45
CA GLY E 136 -41.74 24.89 -3.97
C GLY E 136 -41.07 25.26 -2.67
N ASN E 137 -40.55 26.48 -2.58
CA ASN E 137 -40.02 26.97 -1.31
C ASN E 137 -41.13 27.10 -0.28
N MET E 138 -42.36 27.36 -0.72
CA MET E 138 -43.49 27.46 0.20
C MET E 138 -43.83 26.09 0.80
N LYS E 139 -43.68 25.02 0.03
CA LYS E 139 -43.93 23.68 0.56
C LYS E 139 -42.89 23.30 1.61
N ALA E 140 -41.62 23.62 1.35
CA ALA E 140 -40.57 23.28 2.31
C ALA E 140 -40.77 24.00 3.64
N ARG E 141 -41.19 25.26 3.58
CA ARG E 141 -41.44 26.00 4.81
C ARG E 141 -42.65 25.48 5.56
N GLN E 142 -43.66 24.97 4.83
CA GLN E 142 -44.82 24.38 5.48
C GLN E 142 -44.43 23.10 6.21
N ARG E 143 -43.54 22.30 5.63
CA ARG E 143 -43.06 21.10 6.29
C ARG E 143 -42.29 21.45 7.56
N MET E 144 -41.54 22.55 7.53
CA MET E 144 -40.90 23.06 8.74
C MET E 144 -41.93 23.35 9.81
N ILE E 145 -43.02 24.03 9.44
CA ILE E 145 -44.09 24.32 10.39
C ILE E 145 -44.64 23.03 10.98
N THR E 146 -44.86 22.02 10.13
CA THR E 146 -45.45 20.77 10.59
C THR E 146 -44.53 20.06 11.59
N GLN E 147 -43.23 20.03 11.28
CA GLN E 147 -42.29 19.35 12.18
C GLN E 147 -42.16 20.09 13.50
N TYR E 148 -42.16 21.42 13.47
CA TYR E 148 -42.07 22.18 14.71
C TYR E 148 -43.38 22.16 15.47
N ALA E 149 -44.51 21.91 14.78
CA ALA E 149 -45.77 21.75 15.48
C ALA E 149 -45.82 20.44 16.24
N VAL E 150 -45.31 19.36 15.63
CA VAL E 150 -45.25 18.07 16.33
C VAL E 150 -44.21 18.12 17.44
N ALA E 151 -43.09 18.81 17.20
CA ALA E 151 -42.09 18.98 18.25
C ALA E 151 -42.65 19.78 19.42
N GLY E 152 -43.47 20.79 19.14
CA GLY E 152 -44.02 21.64 20.19
C GLY E 152 -44.97 20.93 21.13
N GLU E 153 -45.48 19.77 20.75
CA GLU E 153 -46.39 19.01 21.59
C GLU E 153 -45.73 17.86 22.34
N ASN E 154 -44.60 17.36 21.84
CA ASN E 154 -43.95 16.20 22.43
C ASN E 154 -42.58 16.53 23.03
N ALA E 155 -42.33 17.80 23.34
CA ALA E 155 -41.04 18.25 23.88
C ALA E 155 -39.90 17.76 23.01
N GLY E 156 -40.03 17.99 21.70
CA GLY E 156 -39.10 17.45 20.74
C GLY E 156 -38.09 18.47 20.22
N ALA E 157 -37.13 17.96 19.47
CA ALA E 157 -36.17 18.76 18.73
C ALA E 157 -36.23 18.32 17.28
N VAL E 158 -36.30 19.28 16.36
CA VAL E 158 -36.42 18.97 14.94
C VAL E 158 -35.06 18.62 14.38
N ILE E 159 -34.90 17.37 13.95
CA ILE E 159 -33.65 16.93 13.31
C ILE E 159 -33.55 17.57 11.94
N GLY E 160 -32.34 17.98 11.57
CA GLY E 160 -32.07 18.54 10.26
C GLY E 160 -31.19 17.61 9.44
N THR E 161 -31.36 17.67 8.12
CA THR E 161 -30.64 16.80 7.20
C THR E 161 -29.50 17.52 6.50
N ASP E 162 -29.16 18.72 6.92
CA ASP E 162 -28.12 19.49 6.23
C ASP E 162 -26.76 18.84 6.41
N HIS E 163 -26.00 18.76 5.33
CA HIS E 163 -24.65 18.23 5.34
C HIS E 163 -23.78 19.12 4.45
N ALA E 164 -22.54 18.69 4.24
CA ALA E 164 -21.56 19.54 3.56
C ALA E 164 -21.91 19.73 2.09
N ALA E 165 -22.22 18.64 1.39
CA ALA E 165 -22.51 18.72 -0.04
C ALA E 165 -23.70 19.62 -0.33
N GLU E 166 -24.63 19.74 0.62
CA GLU E 166 -25.77 20.63 0.47
C GLU E 166 -25.46 22.04 0.96
N ASN E 167 -24.54 22.19 1.91
CA ASN E 167 -24.25 23.51 2.47
C ASN E 167 -23.45 24.37 1.50
N VAL E 168 -22.48 23.78 0.80
CA VAL E 168 -21.66 24.54 -0.14
C VAL E 168 -22.52 25.22 -1.19
N THR E 169 -23.54 24.51 -1.66
CA THR E 169 -24.40 24.98 -2.73
C THR E 169 -25.61 25.75 -2.25
N ALA E 170 -25.83 25.82 -0.93
CA ALA E 170 -27.04 26.41 -0.36
C ALA E 170 -28.29 25.77 -0.95
N PHE E 171 -28.21 24.46 -1.21
CA PHE E 171 -29.28 23.70 -1.85
C PHE E 171 -30.36 23.34 -0.82
N PHE E 172 -30.93 24.38 -0.22
CA PHE E 172 -32.01 24.20 0.74
C PHE E 172 -32.80 25.49 0.82
N THR E 173 -34.03 25.39 1.32
CA THR E 173 -34.91 26.54 1.46
C THR E 173 -34.62 27.24 2.78
N LYS E 174 -34.36 28.55 2.70
CA LYS E 174 -34.08 29.33 3.90
C LYS E 174 -35.29 29.28 4.83
N TYR E 175 -35.07 28.81 6.05
CA TYR E 175 -36.12 28.55 7.03
C TYR E 175 -37.15 27.53 6.52
N GLY E 176 -36.76 26.74 5.53
CA GLY E 176 -37.52 25.58 5.10
C GLY E 176 -36.91 24.32 5.66
N ASP E 177 -36.40 23.44 4.78
CA ASP E 177 -35.68 22.27 5.26
C ASP E 177 -34.38 22.64 5.97
N GLY E 178 -33.96 23.90 5.89
CA GLY E 178 -32.85 24.39 6.68
C GLY E 178 -33.23 24.88 8.07
N GLY E 179 -34.52 24.92 8.37
CA GLY E 179 -34.99 25.29 9.70
C GLY E 179 -35.10 24.11 10.62
N ALA E 180 -34.04 23.82 11.37
CA ALA E 180 -33.97 22.65 12.21
C ALA E 180 -33.31 23.02 13.54
N ASP E 181 -33.25 22.03 14.44
CA ASP E 181 -32.67 22.23 15.76
C ASP E 181 -31.24 21.68 15.86
N ILE E 182 -31.02 20.45 15.42
CA ILE E 182 -29.72 19.78 15.56
C ILE E 182 -29.41 19.05 14.26
N LEU E 183 -28.12 19.04 13.90
CA LEU E 183 -27.67 18.57 12.58
C LEU E 183 -26.71 17.40 12.75
N PRO E 184 -27.21 16.15 12.74
CA PRO E 184 -26.31 14.99 12.90
C PRO E 184 -25.46 14.71 11.68
N LEU E 185 -25.79 15.26 10.51
CA LEU E 185 -25.04 14.96 9.28
C LEU E 185 -23.99 16.00 8.93
N PHE E 186 -23.97 17.15 9.61
CA PHE E 186 -23.02 18.21 9.30
C PHE E 186 -21.59 17.73 9.53
N ARG E 187 -20.79 17.79 8.45
CA ARG E 187 -19.38 17.43 8.30
C ARG E 187 -19.23 16.46 7.15
N LEU E 188 -20.29 15.74 6.83
CA LEU E 188 -20.26 14.68 5.83
C LEU E 188 -20.62 15.23 4.45
N ASN E 189 -19.91 14.74 3.44
CA ASN E 189 -20.30 15.01 2.07
C ASN E 189 -21.29 13.95 1.60
N LYS E 190 -21.66 14.00 0.32
CA LYS E 190 -22.71 13.10 -0.17
C LYS E 190 -22.27 11.64 -0.11
N ARG E 191 -21.08 11.34 -0.66
CA ARG E 191 -20.65 9.94 -0.71
C ARG E 191 -20.37 9.39 0.69
N GLN E 192 -19.91 10.23 1.62
CA GLN E 192 -19.75 9.78 3.00
C GLN E 192 -21.09 9.42 3.62
N GLY E 193 -22.16 10.09 3.21
CA GLY E 193 -23.48 9.71 3.68
C GLY E 193 -23.88 8.33 3.23
N LYS E 194 -23.48 7.95 2.01
CA LYS E 194 -23.74 6.59 1.54
C LYS E 194 -22.93 5.57 2.32
N ALA E 195 -21.68 5.91 2.65
CA ALA E 195 -20.82 4.97 3.39
C ALA E 195 -21.39 4.70 4.78
N LEU E 196 -21.98 5.72 5.40
CA LEU E 196 -22.60 5.51 6.70
C LEU E 196 -23.85 4.64 6.59
N LEU E 197 -24.64 4.85 5.53
CA LEU E 197 -25.82 4.01 5.32
C LEU E 197 -25.43 2.56 5.08
N LYS E 198 -24.34 2.33 4.34
CA LYS E 198 -23.85 0.96 4.16
C LYS E 198 -23.42 0.36 5.49
N GLU E 199 -22.80 1.17 6.35
CA GLU E 199 -22.41 0.67 7.66
CA GLU E 199 -22.41 0.69 7.66
C GLU E 199 -23.61 0.34 8.53
N LEU E 200 -24.73 1.02 8.33
CA LEU E 200 -25.95 0.78 9.10
C LEU E 200 -26.80 -0.33 8.51
N GLY E 201 -26.33 -1.01 7.46
CA GLY E 201 -27.09 -2.09 6.87
C GLY E 201 -28.29 -1.65 6.06
N ALA E 202 -28.28 -0.42 5.56
CA ALA E 202 -29.39 0.05 4.74
C ALA E 202 -29.37 -0.67 3.38
N PRO E 203 -30.53 -1.11 2.90
CA PRO E 203 -30.58 -1.69 1.55
C PRO E 203 -30.07 -0.69 0.52
N GLU E 204 -29.36 -1.22 -0.49
CA GLU E 204 -28.72 -0.36 -1.48
C GLU E 204 -29.71 0.50 -2.25
N ALA E 205 -30.98 0.09 -2.29
CA ALA E 205 -32.00 0.90 -2.94
C ALA E 205 -32.29 2.21 -2.20
N LEU E 206 -31.71 2.40 -1.02
CA LEU E 206 -31.94 3.62 -0.24
C LEU E 206 -30.90 4.70 -0.52
N TYR E 207 -29.77 4.36 -1.13
CA TYR E 207 -28.77 5.36 -1.49
C TYR E 207 -28.30 5.19 -2.93
N LEU E 208 -29.19 4.73 -3.80
CA LEU E 208 -28.94 4.69 -5.25
C LEU E 208 -30.25 4.51 -6.02
N LEU E 221 -28.06 10.86 -14.67
CA LEU E 221 -28.07 12.16 -14.00
C LEU E 221 -29.32 12.32 -13.14
N VAL E 222 -29.15 12.88 -11.95
CA VAL E 222 -30.24 13.12 -11.04
C VAL E 222 -30.65 14.59 -11.14
N ALA E 223 -31.83 14.91 -10.62
CA ALA E 223 -32.39 16.24 -10.78
C ALA E 223 -31.58 17.31 -10.07
N ASP E 224 -30.79 16.94 -9.05
CA ASP E 224 -29.99 17.93 -8.34
C ASP E 224 -28.81 18.40 -9.18
N GLU E 225 -28.17 17.47 -9.90
CA GLU E 225 -26.93 17.81 -10.59
C GLU E 225 -27.18 18.70 -11.81
N VAL E 226 -28.33 18.55 -12.47
CA VAL E 226 -28.61 19.41 -13.61
C VAL E 226 -29.14 20.77 -13.14
N ALA E 227 -29.78 20.83 -11.97
CA ALA E 227 -30.18 22.12 -11.42
C ALA E 227 -29.00 22.86 -10.82
N LEU E 228 -27.97 22.13 -10.40
CA LEU E 228 -26.77 22.73 -9.83
C LEU E 228 -25.70 23.05 -10.87
N GLY E 229 -25.76 22.41 -12.04
CA GLY E 229 -24.69 22.52 -13.00
C GLY E 229 -23.46 21.74 -12.66
N VAL E 230 -23.41 21.10 -11.49
CA VAL E 230 -22.27 20.28 -11.07
C VAL E 230 -22.81 18.94 -10.58
N THR E 231 -21.99 17.91 -10.74
CA THR E 231 -22.33 16.61 -10.19
C THR E 231 -21.93 16.54 -8.71
N TYR E 232 -22.56 15.60 -8.00
CA TYR E 232 -22.25 15.42 -6.59
C TYR E 232 -20.85 14.87 -6.39
N ASP E 233 -20.33 14.14 -7.38
CA ASP E 233 -18.96 13.62 -7.27
C ASP E 233 -17.94 14.75 -7.29
N ALA E 234 -18.15 15.77 -8.12
CA ALA E 234 -17.25 16.90 -8.13
C ALA E 234 -17.35 17.70 -6.84
N ILE E 235 -18.56 17.80 -6.28
CA ILE E 235 -18.73 18.49 -5.00
C ILE E 235 -18.00 17.73 -3.89
N ASP E 236 -18.15 16.41 -3.85
CA ASP E 236 -17.49 15.62 -2.83
C ASP E 236 -15.97 15.70 -2.97
N ASP E 237 -15.47 15.58 -4.19
CA ASP E 237 -14.03 15.70 -4.43
C ASP E 237 -13.52 17.08 -4.00
N TYR E 238 -14.24 18.14 -4.37
CA TYR E 238 -13.86 19.48 -3.97
C TYR E 238 -13.87 19.63 -2.44
N LEU E 239 -14.85 18.99 -1.79
CA LEU E 239 -14.93 19.08 -0.34
C LEU E 239 -13.87 18.21 0.34
N GLU E 240 -13.43 17.15 -0.32
CA GLU E 240 -12.38 16.31 0.21
C GLU E 240 -10.98 16.88 -0.04
N GLY E 241 -10.87 17.98 -0.77
CA GLY E 241 -9.61 18.61 -1.05
C GLY E 241 -9.03 18.32 -2.42
N LYS E 242 -9.66 17.42 -3.19
CA LYS E 242 -9.15 17.07 -4.51
C LYS E 242 -9.35 18.22 -5.48
N LYS E 243 -8.51 18.26 -6.52
CA LYS E 243 -8.62 19.27 -7.56
C LYS E 243 -9.72 18.89 -8.53
N VAL E 244 -10.60 19.84 -8.84
CA VAL E 244 -11.67 19.64 -9.81
C VAL E 244 -11.42 20.57 -10.99
N SER E 245 -12.20 20.35 -12.05
CA SER E 245 -12.06 21.16 -13.25
C SER E 245 -12.37 22.63 -12.95
N GLU E 246 -11.80 23.51 -13.77
CA GLU E 246 -12.01 24.94 -13.58
C GLU E 246 -13.47 25.32 -13.80
N THR E 247 -14.19 24.56 -14.63
CA THR E 247 -15.62 24.80 -14.82
C THR E 247 -16.41 24.39 -13.58
N ASP E 248 -16.10 23.21 -13.02
CA ASP E 248 -16.83 22.73 -11.86
C ASP E 248 -16.42 23.47 -10.59
N GLN E 249 -15.19 24.00 -10.54
CA GLN E 249 -14.77 24.73 -9.36
C GLN E 249 -15.49 26.06 -9.23
N GLN E 250 -15.53 26.84 -10.31
CA GLN E 250 -16.19 28.14 -10.24
C GLN E 250 -17.68 28.00 -9.99
N THR E 251 -18.30 26.92 -10.51
CA THR E 251 -19.74 26.73 -10.28
C THR E 251 -20.03 26.44 -8.82
N ILE E 252 -19.17 25.64 -8.17
CA ILE E 252 -19.34 25.38 -6.74
C ILE E 252 -19.09 26.65 -5.94
N GLU E 253 -18.03 27.39 -6.28
CA GLU E 253 -17.73 28.62 -5.57
C GLU E 253 -18.69 29.74 -5.90
N ASN E 254 -19.42 29.64 -7.02
CA ASN E 254 -20.48 30.60 -7.30
C ASN E 254 -21.69 30.36 -6.41
N TRP E 255 -22.06 29.08 -6.21
CA TRP E 255 -23.16 28.77 -5.31
C TRP E 255 -22.82 29.15 -3.88
N TYR E 256 -21.55 29.00 -3.49
CA TYR E 256 -21.14 29.29 -2.12
C TYR E 256 -21.33 30.76 -1.79
N LYS E 257 -20.80 31.65 -2.65
CA LYS E 257 -20.91 33.08 -2.39
C LYS E 257 -22.35 33.56 -2.50
N LYS E 258 -23.17 32.90 -3.31
CA LYS E 258 -24.57 33.33 -3.46
C LYS E 258 -25.38 32.99 -2.21
N GLY E 259 -25.22 31.78 -1.69
CA GLY E 259 -25.98 31.35 -0.54
C GLY E 259 -25.31 31.66 0.78
N GLN E 260 -24.47 32.69 0.81
CA GLN E 260 -23.79 33.06 2.05
C GLN E 260 -24.77 33.57 3.09
N HIS E 261 -25.89 34.17 2.66
CA HIS E 261 -26.90 34.65 3.58
C HIS E 261 -27.65 33.53 4.27
N LYS E 262 -27.53 32.29 3.79
CA LYS E 262 -28.19 31.15 4.41
C LYS E 262 -27.31 30.47 5.47
N ARG E 263 -26.00 30.68 5.42
CA ARG E 263 -25.08 30.15 6.42
C ARG E 263 -24.85 31.13 7.57
N HIS E 264 -25.68 32.16 7.68
CA HIS E 264 -25.51 33.17 8.72
C HIS E 264 -26.87 33.50 9.31
N LEU E 265 -26.84 34.06 10.52
CA LEU E 265 -28.03 34.61 11.16
C LEU E 265 -28.51 35.80 10.34
N PRO E 266 -29.72 36.31 10.59
CA PRO E 266 -30.15 37.53 9.89
C PRO E 266 -29.14 38.65 10.04
N ILE E 267 -28.91 39.38 8.94
CA ILE E 267 -27.81 40.33 8.88
C ILE E 267 -28.09 41.51 9.81
N THR E 268 -27.11 41.86 10.63
CA THR E 268 -27.16 43.00 11.52
C THR E 268 -26.15 44.06 11.07
N ILE E 269 -26.20 45.21 11.73
CA ILE E 269 -25.29 46.31 11.39
C ILE E 269 -23.84 46.01 11.72
N PHE E 270 -23.57 44.94 12.47
CA PHE E 270 -22.23 44.57 12.86
C PHE E 270 -21.61 43.50 11.96
N ASP E 271 -22.36 42.97 11.00
CA ASP E 271 -21.88 41.88 10.17
C ASP E 271 -20.89 42.38 9.12
N ASP E 272 -20.09 41.45 8.59
CA ASP E 272 -18.98 41.80 7.70
C ASP E 272 -18.96 40.94 6.45
N PHE E 273 -19.51 39.72 6.54
CA PHE E 273 -19.35 38.75 5.45
C PHE E 273 -19.94 39.26 4.15
N TRP E 274 -21.07 39.96 4.21
CA TRP E 274 -21.75 40.39 2.99
C TRP E 274 -21.04 41.55 2.29
N LYS E 275 -20.19 42.28 3.00
CA LYS E 275 -19.48 43.42 2.41
C LYS E 275 -18.37 42.95 1.47
N MET F 1 27.25 -46.00 -61.92
CA MET F 1 27.64 -44.65 -62.32
C MET F 1 26.42 -43.86 -62.79
N THR F 2 26.40 -42.56 -62.47
CA THR F 2 25.33 -41.66 -62.86
C THR F 2 25.83 -40.68 -63.92
N THR F 3 24.88 -40.17 -64.71
CA THR F 3 25.19 -39.10 -65.64
C THR F 3 24.93 -37.75 -64.99
N LEU F 4 25.52 -36.71 -65.60
CA LEU F 4 25.37 -35.37 -65.03
C LEU F 4 23.93 -34.89 -65.08
N GLN F 5 23.15 -35.32 -66.07
CA GLN F 5 21.78 -34.83 -66.14
C GLN F 5 20.91 -35.50 -65.07
N GLU F 6 21.22 -36.76 -64.74
CA GLU F 6 20.54 -37.41 -63.61
C GLU F 6 20.91 -36.74 -62.29
N LYS F 7 22.19 -36.39 -62.10
CA LYS F 7 22.59 -35.73 -60.87
C LYS F 7 21.93 -34.36 -60.73
N ILE F 8 21.73 -33.66 -61.85
CA ILE F 8 21.13 -32.33 -61.80
C ILE F 8 19.67 -32.42 -61.39
N ILE F 9 18.92 -33.33 -62.03
CA ILE F 9 17.48 -33.43 -61.77
C ILE F 9 17.21 -33.93 -60.36
N GLN F 10 18.15 -34.64 -59.74
CA GLN F 10 17.95 -35.13 -58.38
C GLN F 10 18.33 -34.09 -57.33
N GLU F 11 19.43 -33.37 -57.53
CA GLU F 11 19.76 -32.29 -56.62
C GLU F 11 18.79 -31.12 -56.74
N LEU F 12 18.07 -31.02 -57.87
CA LEU F 12 17.05 -29.99 -58.04
C LEU F 12 15.65 -30.50 -57.75
N GLY F 13 15.41 -31.80 -57.91
CA GLY F 13 14.10 -32.36 -57.60
C GLY F 13 13.03 -32.10 -58.64
N VAL F 14 13.39 -32.15 -59.93
CA VAL F 14 12.42 -31.96 -61.00
C VAL F 14 11.83 -33.32 -61.36
N LEU F 15 10.52 -33.41 -61.33
CA LEU F 15 9.88 -34.63 -61.76
C LEU F 15 9.47 -34.52 -63.22
N PRO F 16 9.50 -35.63 -63.96
CA PRO F 16 9.13 -35.57 -65.38
C PRO F 16 7.70 -35.11 -65.62
N THR F 17 6.80 -35.37 -64.68
CA THR F 17 5.43 -34.87 -64.75
C THR F 17 4.96 -34.58 -63.33
N ILE F 18 3.99 -33.67 -63.22
CA ILE F 18 3.50 -33.21 -61.93
C ILE F 18 1.98 -33.11 -61.97
N ASP F 19 1.39 -32.95 -60.79
CA ASP F 19 -0.02 -32.64 -60.66
C ASP F 19 -0.14 -31.16 -60.34
N PRO F 20 -0.62 -30.33 -61.27
CA PRO F 20 -0.61 -28.87 -61.03
C PRO F 20 -1.39 -28.44 -59.79
N LYS F 21 -2.51 -29.11 -59.49
CA LYS F 21 -3.27 -28.74 -58.31
C LYS F 21 -2.64 -29.28 -57.03
N GLU F 22 -1.96 -30.42 -57.10
CA GLU F 22 -1.28 -30.95 -55.92
C GLU F 22 -0.01 -30.17 -55.62
N GLU F 23 0.73 -29.78 -56.67
CA GLU F 23 1.92 -28.95 -56.46
C GLU F 23 1.56 -27.61 -55.85
N VAL F 24 0.37 -27.09 -56.15
CA VAL F 24 -0.11 -25.91 -55.45
C VAL F 24 -0.27 -26.20 -53.97
N ARG F 25 -0.96 -27.29 -53.64
CA ARG F 25 -1.15 -27.66 -52.24
C ARG F 25 0.15 -28.02 -51.56
N LYS F 26 1.10 -28.60 -52.29
CA LYS F 26 2.40 -28.90 -51.69
C LYS F 26 3.16 -27.63 -51.36
N SER F 27 3.02 -26.59 -52.18
CA SER F 27 3.69 -25.32 -51.90
C SER F 27 2.98 -24.54 -50.80
N ILE F 28 1.65 -24.64 -50.73
CA ILE F 28 0.89 -23.89 -49.73
C ILE F 28 1.18 -24.41 -48.33
N ASP F 29 1.05 -25.72 -48.12
CA ASP F 29 1.30 -26.29 -46.81
C ASP F 29 2.77 -26.23 -46.42
N PHE F 30 3.66 -26.16 -47.40
CA PHE F 30 5.08 -25.97 -47.08
C PHE F 30 5.31 -24.58 -46.50
N LEU F 31 4.85 -23.55 -47.19
CA LEU F 31 4.98 -22.18 -46.68
C LEU F 31 4.29 -22.04 -45.32
N LYS F 32 3.14 -22.69 -45.16
CA LYS F 32 2.45 -22.65 -43.88
C LYS F 32 3.18 -23.46 -42.81
N ALA F 33 3.93 -24.48 -43.22
CA ALA F 33 4.68 -25.29 -42.25
C ALA F 33 5.80 -24.48 -41.62
N TYR F 34 6.58 -23.76 -42.43
CA TYR F 34 7.63 -22.92 -41.88
C TYR F 34 7.06 -21.80 -41.02
N LEU F 35 5.86 -21.33 -41.36
CA LEU F 35 5.22 -20.30 -40.54
C LEU F 35 4.82 -20.83 -39.18
N THR F 36 4.23 -22.03 -39.16
CA THR F 36 3.81 -22.63 -37.89
C THR F 36 5.01 -23.03 -37.04
N LYS F 37 6.10 -23.44 -37.68
CA LYS F 37 7.30 -23.83 -36.93
C LYS F 37 7.98 -22.62 -36.30
N HIS F 38 7.83 -21.44 -36.90
CA HIS F 38 8.47 -20.21 -36.44
C HIS F 38 7.41 -19.18 -36.12
N PRO F 39 6.99 -19.08 -34.85
CA PRO F 39 5.89 -18.15 -34.51
C PRO F 39 6.25 -16.69 -34.66
N PHE F 40 7.53 -16.35 -34.74
CA PHE F 40 7.96 -14.96 -34.86
CA PHE F 40 7.93 -14.95 -34.85
C PHE F 40 7.87 -14.42 -36.28
N LEU F 41 7.55 -15.27 -37.26
CA LEU F 41 7.40 -14.85 -38.64
C LEU F 41 5.92 -14.69 -38.93
N LYS F 42 5.52 -13.47 -39.29
CA LYS F 42 4.10 -13.15 -39.48
C LYS F 42 3.75 -12.68 -40.88
N THR F 43 4.69 -12.15 -41.66
CA THR F 43 4.38 -11.60 -42.97
C THR F 43 5.30 -12.21 -44.02
N PHE F 44 4.89 -12.07 -45.28
CA PHE F 44 5.67 -12.49 -46.43
C PHE F 44 5.92 -11.29 -47.31
N VAL F 45 7.18 -11.09 -47.71
CA VAL F 45 7.58 -9.96 -48.54
C VAL F 45 8.07 -10.49 -49.88
N LEU F 46 7.58 -9.89 -50.96
CA LEU F 46 7.93 -10.35 -52.30
C LEU F 46 7.82 -9.19 -53.27
N GLY F 47 8.88 -8.98 -54.06
CA GLY F 47 8.88 -7.95 -55.08
C GLY F 47 8.12 -8.39 -56.32
N ILE F 48 7.12 -7.61 -56.72
CA ILE F 48 6.27 -7.93 -57.86
C ILE F 48 6.76 -7.13 -59.05
N SER F 49 7.12 -7.84 -60.13
CA SER F 49 7.56 -7.20 -61.37
C SER F 49 6.63 -7.47 -62.54
N GLY F 50 5.61 -8.31 -62.38
CA GLY F 50 4.76 -8.69 -63.47
C GLY F 50 5.22 -9.92 -64.23
N GLY F 51 6.40 -10.44 -63.93
CA GLY F 51 6.89 -11.63 -64.59
C GLY F 51 6.21 -12.89 -64.09
N GLN F 52 6.47 -13.99 -64.79
CA GLN F 52 5.83 -15.27 -64.45
C GLN F 52 6.27 -15.75 -63.07
N ASP F 53 7.55 -15.62 -62.75
CA ASP F 53 8.06 -16.14 -61.50
C ASP F 53 7.53 -15.35 -60.31
N SER F 54 7.48 -14.02 -60.42
CA SER F 54 6.98 -13.21 -59.32
C SER F 54 5.47 -13.34 -59.16
N THR F 55 4.75 -13.49 -60.27
CA THR F 55 3.29 -13.64 -60.20
C THR F 55 2.90 -14.98 -59.59
N LEU F 56 3.54 -16.06 -60.03
CA LEU F 56 3.20 -17.37 -59.49
C LEU F 56 3.43 -17.41 -57.98
N ALA F 57 4.69 -17.32 -57.54
CA ALA F 57 5.01 -17.32 -56.12
C ALA F 57 4.30 -16.21 -55.35
N GLY F 58 3.86 -15.14 -56.03
CA GLY F 58 3.18 -14.07 -55.33
C GLY F 58 1.83 -14.49 -54.77
N ARG F 59 1.09 -15.23 -55.59
CA ARG F 59 -0.23 -15.78 -55.24
C ARG F 59 -0.23 -16.86 -54.15
N LEU F 60 0.70 -17.82 -54.23
CA LEU F 60 0.77 -18.89 -53.23
C LEU F 60 1.29 -18.36 -51.90
N ALA F 61 2.02 -17.26 -51.94
CA ALA F 61 2.36 -16.63 -50.70
C ALA F 61 1.07 -16.05 -50.13
N GLN F 62 0.26 -15.43 -50.98
CA GLN F 62 -1.00 -14.82 -50.54
C GLN F 62 -2.03 -15.88 -50.18
N LEU F 63 -2.10 -16.97 -50.97
CA LEU F 63 -3.02 -18.05 -50.64
C LEU F 63 -2.68 -18.67 -49.29
N ALA F 64 -1.40 -18.81 -48.99
CA ALA F 64 -1.00 -19.40 -47.71
C ALA F 64 -1.34 -18.48 -46.54
N MET F 65 -1.17 -17.17 -46.72
CA MET F 65 -1.49 -16.23 -45.65
C MET F 65 -3.00 -16.13 -45.44
N THR F 66 -3.78 -16.21 -46.51
CA THR F 66 -5.24 -16.17 -46.38
C THR F 66 -5.74 -17.41 -45.64
N GLU F 67 -5.17 -18.58 -45.94
CA GLU F 67 -5.62 -19.81 -45.29
C GLU F 67 -5.25 -19.82 -43.81
N MET F 68 -4.02 -19.42 -43.48
CA MET F 68 -3.61 -19.38 -42.09
C MET F 68 -4.41 -18.35 -41.29
N ARG F 69 -4.99 -17.34 -41.95
CA ARG F 69 -5.84 -16.39 -41.25
C ARG F 69 -7.16 -17.04 -40.83
N GLU F 70 -7.58 -18.09 -41.53
CA GLU F 70 -8.80 -18.80 -41.14
C GLU F 70 -8.53 -19.81 -40.03
N GLU F 71 -7.37 -20.48 -40.08
CA GLU F 71 -7.05 -21.53 -39.13
C GLU F 71 -6.60 -21.00 -37.78
N THR F 72 -6.33 -19.70 -37.66
CA THR F 72 -5.83 -19.13 -36.41
C THR F 72 -6.60 -17.91 -35.93
N GLY F 73 -7.33 -17.22 -36.80
CA GLY F 73 -7.94 -15.96 -36.42
C GLY F 73 -6.96 -14.84 -36.14
N ASP F 74 -5.68 -15.05 -36.49
CA ASP F 74 -4.63 -14.05 -36.27
C ASP F 74 -4.52 -13.20 -37.54
N MET F 75 -5.03 -11.98 -37.47
CA MET F 75 -5.05 -11.08 -38.62
C MET F 75 -3.70 -10.43 -38.89
N SER F 76 -2.66 -10.82 -38.17
CA SER F 76 -1.32 -10.31 -38.45
C SER F 76 -0.65 -11.03 -39.60
N TYR F 77 -1.11 -12.23 -39.96
CA TYR F 77 -0.56 -12.97 -41.09
C TYR F 77 -1.01 -12.33 -42.38
N GLN F 78 -0.11 -11.61 -43.04
CA GLN F 78 -0.42 -10.93 -44.29
C GLN F 78 0.74 -11.08 -45.25
N PHE F 79 0.43 -10.97 -46.54
CA PHE F 79 1.44 -10.94 -47.59
C PHE F 79 1.70 -9.50 -48.00
N ILE F 80 2.96 -9.15 -48.19
CA ILE F 80 3.33 -7.77 -48.51
C ILE F 80 3.92 -7.70 -49.91
N ALA F 81 3.06 -7.41 -50.89
CA ALA F 81 3.53 -7.15 -52.24
C ALA F 81 4.22 -5.79 -52.29
N ILE F 82 5.36 -5.75 -52.96
CA ILE F 82 6.11 -4.53 -53.14
C ILE F 82 6.63 -4.38 -54.57
N ARG F 83 6.37 -3.21 -55.16
CA ARG F 83 6.84 -2.91 -56.51
CA ARG F 83 6.84 -2.91 -56.51
C ARG F 83 8.17 -2.16 -56.41
N LEU F 84 9.16 -2.61 -57.20
CA LEU F 84 10.50 -2.05 -57.16
C LEU F 84 10.90 -1.59 -58.56
N PRO F 85 10.45 -0.40 -58.97
CA PRO F 85 10.88 0.14 -60.26
C PRO F 85 12.20 0.88 -60.14
N TYR F 86 12.83 1.11 -61.29
CA TYR F 86 14.03 1.92 -61.40
C TYR F 86 13.62 3.23 -62.06
N GLY F 87 13.09 4.14 -61.25
CA GLY F 87 12.63 5.43 -61.75
C GLY F 87 11.19 5.35 -62.26
N GLU F 88 11.00 5.68 -63.53
CA GLU F 88 9.69 5.72 -64.17
C GLU F 88 9.70 4.85 -65.42
N GLN F 89 8.58 4.86 -66.12
CA GLN F 89 8.39 4.18 -67.41
C GLN F 89 8.60 2.67 -67.19
N ALA F 90 9.24 1.97 -68.10
CA ALA F 90 9.42 0.57 -67.86
C ALA F 90 8.20 -0.29 -68.14
N ASP F 91 7.17 0.28 -68.77
CA ASP F 91 5.95 -0.48 -69.13
C ASP F 91 5.38 -1.18 -67.89
N GLU F 92 5.03 -0.38 -66.91
CA GLU F 92 4.54 -0.82 -65.60
C GLU F 92 3.24 -1.64 -65.53
N ALA F 93 2.41 -1.59 -66.54
CA ALA F 93 1.17 -2.35 -66.53
C ALA F 93 1.39 -3.82 -66.19
N ASP F 94 2.52 -4.40 -66.61
CA ASP F 94 2.76 -5.82 -66.38
C ASP F 94 2.66 -6.16 -64.90
N ALA F 95 3.21 -5.31 -64.04
CA ALA F 95 2.96 -5.44 -62.61
C ALA F 95 1.46 -5.43 -62.35
N GLN F 96 0.78 -4.33 -62.65
CA GLN F 96 -0.59 -4.11 -62.18
C GLN F 96 -1.50 -5.29 -62.49
N ALA F 97 -1.31 -5.94 -63.65
CA ALA F 97 -2.10 -7.15 -63.94
C ALA F 97 -1.77 -8.27 -62.98
N ALA F 98 -0.54 -8.31 -62.46
CA ALA F 98 -0.19 -9.33 -61.47
C ALA F 98 -0.67 -8.96 -60.06
N LEU F 99 -0.62 -7.69 -59.67
CA LEU F 99 -1.20 -7.31 -58.39
C LEU F 99 -2.70 -7.60 -58.32
N ALA F 100 -3.45 -7.21 -59.36
CA ALA F 100 -4.89 -7.44 -59.32
C ALA F 100 -5.22 -8.93 -59.33
N PHE F 101 -4.37 -9.75 -59.94
CA PHE F 101 -4.59 -11.21 -59.87
C PHE F 101 -4.25 -11.76 -58.49
N ILE F 102 -3.29 -11.13 -57.80
CA ILE F 102 -2.92 -11.61 -56.47
C ILE F 102 -3.89 -11.09 -55.41
N GLN F 103 -4.39 -9.86 -55.58
CA GLN F 103 -5.21 -9.19 -54.58
C GLN F 103 -4.46 -9.20 -53.25
N PRO F 104 -3.33 -8.50 -53.14
CA PRO F 104 -2.51 -8.62 -51.94
C PRO F 104 -3.15 -7.88 -50.76
N ASP F 105 -2.64 -8.21 -49.56
CA ASP F 105 -3.11 -7.54 -48.35
C ASP F 105 -2.56 -6.12 -48.26
N VAL F 106 -1.34 -5.91 -48.76
CA VAL F 106 -0.72 -4.58 -48.78
C VAL F 106 0.20 -4.51 -49.98
N SER F 107 0.08 -3.45 -50.77
CA SER F 107 0.94 -3.21 -51.92
C SER F 107 1.69 -1.90 -51.70
N LEU F 108 3.01 -1.98 -51.66
CA LEU F 108 3.87 -0.82 -51.48
C LEU F 108 4.60 -0.51 -52.78
N ARG F 109 5.30 0.62 -52.79
CA ARG F 109 6.06 1.05 -53.96
C ARG F 109 7.30 1.79 -53.47
N VAL F 110 8.48 1.23 -53.76
CA VAL F 110 9.75 1.84 -53.39
C VAL F 110 10.60 1.93 -54.65
N ASP F 111 10.88 3.16 -55.10
CA ASP F 111 11.75 3.37 -56.24
C ASP F 111 13.20 3.24 -55.81
N ILE F 112 13.94 2.32 -56.44
CA ILE F 112 15.31 2.05 -56.05
C ILE F 112 16.33 2.97 -56.72
N LYS F 113 15.90 3.78 -57.70
CA LYS F 113 16.84 4.61 -58.44
C LYS F 113 17.61 5.62 -57.58
N PRO F 114 17.00 6.31 -56.61
CA PRO F 114 17.80 7.21 -55.77
C PRO F 114 18.92 6.51 -55.03
N ALA F 115 18.70 5.27 -54.58
CA ALA F 115 19.75 4.54 -53.87
C ALA F 115 20.83 4.06 -54.83
N VAL F 116 20.43 3.56 -56.01
CA VAL F 116 21.41 3.04 -56.96
C VAL F 116 22.28 4.18 -57.51
N ASP F 117 21.64 5.27 -57.92
CA ASP F 117 22.40 6.39 -58.48
C ASP F 117 23.34 6.99 -57.45
N ALA F 118 22.88 7.12 -56.20
CA ALA F 118 23.77 7.56 -55.13
C ALA F 118 24.89 6.55 -54.88
N MET F 119 24.60 5.25 -55.04
CA MET F 119 25.64 4.25 -54.93
C MET F 119 26.64 4.36 -56.07
N VAL F 120 26.15 4.40 -57.31
CA VAL F 120 27.03 4.54 -58.46
C VAL F 120 27.68 5.92 -58.49
N GLY F 121 27.13 6.89 -57.78
CA GLY F 121 27.73 8.20 -57.69
C GLY F 121 28.92 8.22 -56.75
N SER F 122 28.76 7.58 -55.59
CA SER F 122 29.89 7.45 -54.66
C SER F 122 30.90 6.43 -55.19
N LEU F 123 30.45 5.47 -55.99
CA LEU F 123 31.38 4.54 -56.62
C LEU F 123 32.25 5.24 -57.66
N GLU F 124 31.61 5.88 -58.65
CA GLU F 124 32.34 6.65 -59.65
C GLU F 124 33.15 7.78 -59.04
N ASN F 125 32.87 8.15 -57.78
CA ASN F 125 33.73 9.10 -57.08
C ASN F 125 35.09 8.48 -56.77
N ALA F 126 35.13 7.18 -56.48
CA ALA F 126 36.39 6.52 -56.19
C ALA F 126 37.20 6.25 -57.46
N GLY F 127 36.52 6.05 -58.58
CA GLY F 127 37.20 5.82 -59.85
C GLY F 127 36.98 4.44 -60.42
N VAL F 128 35.72 4.03 -60.53
CA VAL F 128 35.36 2.73 -61.10
C VAL F 128 34.36 2.96 -62.21
N GLN F 129 34.66 2.45 -63.41
CA GLN F 129 33.80 2.61 -64.57
C GLN F 129 32.71 1.55 -64.50
N ILE F 130 31.61 1.89 -63.83
CA ILE F 130 30.52 0.94 -63.63
C ILE F 130 29.84 0.69 -64.96
N SER F 131 29.89 -0.57 -65.43
CA SER F 131 29.32 -0.94 -66.72
C SER F 131 27.79 -1.06 -66.61
N ASP F 132 27.16 -1.34 -67.74
CA ASP F 132 25.72 -1.57 -67.74
C ASP F 132 25.38 -2.94 -67.17
N PHE F 133 26.27 -3.93 -67.34
CA PHE F 133 26.05 -5.23 -66.74
C PHE F 133 26.25 -5.20 -65.23
N ASN F 134 27.19 -4.37 -64.76
CA ASN F 134 27.42 -4.28 -63.31
C ASN F 134 26.26 -3.58 -62.62
N LYS F 135 25.63 -2.61 -63.28
CA LYS F 135 24.45 -1.96 -62.70
C LYS F 135 23.29 -2.93 -62.57
N GLY F 136 23.08 -3.79 -63.57
CA GLY F 136 21.97 -4.72 -63.53
C GLY F 136 21.99 -5.60 -62.29
N ASN F 137 23.17 -6.02 -61.86
CA ASN F 137 23.29 -6.73 -60.59
C ASN F 137 23.18 -5.80 -59.40
N MET F 138 23.59 -4.53 -59.57
CA MET F 138 23.48 -3.56 -58.49
C MET F 138 22.02 -3.26 -58.15
N LYS F 139 21.13 -3.28 -59.15
CA LYS F 139 19.71 -3.05 -58.90
C LYS F 139 19.06 -4.25 -58.26
N ALA F 140 19.37 -5.46 -58.75
CA ALA F 140 18.83 -6.67 -58.13
C ALA F 140 19.22 -6.77 -56.66
N ARG F 141 20.47 -6.45 -56.34
CA ARG F 141 20.90 -6.45 -54.94
C ARG F 141 20.26 -5.29 -54.17
N GLN F 142 19.94 -4.19 -54.85
CA GLN F 142 19.21 -3.12 -54.19
C GLN F 142 17.74 -3.48 -53.98
N ARG F 143 17.18 -4.30 -54.86
CA ARG F 143 15.83 -4.81 -54.65
C ARG F 143 15.78 -5.76 -53.46
N MET F 144 16.83 -6.56 -53.29
CA MET F 144 16.91 -7.45 -52.13
C MET F 144 16.94 -6.64 -50.83
N ILE F 145 17.69 -5.54 -50.82
CA ILE F 145 17.77 -4.70 -49.62
C ILE F 145 16.39 -4.15 -49.27
N THR F 146 15.61 -3.77 -50.28
CA THR F 146 14.28 -3.21 -50.03
C THR F 146 13.35 -4.26 -49.42
N GLN F 147 13.33 -5.46 -50.01
CA GLN F 147 12.46 -6.52 -49.49
C GLN F 147 12.86 -6.92 -48.07
N TYR F 148 14.18 -6.98 -47.80
CA TYR F 148 14.63 -7.33 -46.46
C TYR F 148 14.41 -6.19 -45.47
N ALA F 149 14.46 -4.95 -45.94
CA ALA F 149 14.14 -3.82 -45.07
C ALA F 149 12.66 -3.85 -44.66
N VAL F 150 11.78 -4.17 -45.61
CA VAL F 150 10.36 -4.28 -45.27
C VAL F 150 10.13 -5.47 -44.34
N ALA F 151 10.79 -6.59 -44.61
CA ALA F 151 10.65 -7.76 -43.73
C ALA F 151 11.15 -7.46 -42.32
N GLY F 152 12.21 -6.65 -42.21
CA GLY F 152 12.74 -6.28 -40.91
C GLY F 152 11.83 -5.41 -40.09
N GLU F 153 10.77 -4.85 -40.69
CA GLU F 153 9.82 -4.01 -39.98
C GLU F 153 8.50 -4.70 -39.67
N ASN F 154 8.13 -5.72 -40.46
CA ASN F 154 6.86 -6.42 -40.30
C ASN F 154 7.04 -7.85 -39.82
N ALA F 155 8.17 -8.17 -39.20
CA ALA F 155 8.47 -9.50 -38.67
C ALA F 155 8.19 -10.58 -39.72
N GLY F 156 8.79 -10.39 -40.90
CA GLY F 156 8.51 -11.23 -42.04
C GLY F 156 9.76 -11.89 -42.61
N ALA F 157 9.53 -12.76 -43.59
CA ALA F 157 10.58 -13.41 -44.35
C ALA F 157 10.39 -13.13 -45.83
N VAL F 158 11.48 -13.11 -46.56
CA VAL F 158 11.47 -12.72 -47.97
C VAL F 158 11.23 -13.94 -48.83
N ILE F 159 10.23 -13.85 -49.71
CA ILE F 159 9.92 -14.90 -50.67
C ILE F 159 10.88 -14.79 -51.84
N GLY F 160 11.38 -15.93 -52.31
CA GLY F 160 12.25 -15.96 -53.47
C GLY F 160 11.61 -16.58 -54.68
N THR F 161 12.10 -16.23 -55.87
CA THR F 161 11.52 -16.71 -57.12
C THR F 161 12.42 -17.70 -57.85
N ASP F 162 13.42 -18.25 -57.16
CA ASP F 162 14.28 -19.24 -57.79
C ASP F 162 13.54 -20.55 -58.00
N HIS F 163 13.68 -21.12 -59.19
CA HIS F 163 13.02 -22.36 -59.54
C HIS F 163 14.00 -23.22 -60.33
N ALA F 164 13.48 -24.30 -60.94
CA ALA F 164 14.36 -25.25 -61.61
C ALA F 164 15.03 -24.61 -62.83
N ALA F 165 14.27 -23.84 -63.61
CA ALA F 165 14.81 -23.27 -64.85
C ALA F 165 16.00 -22.35 -64.57
N GLU F 166 15.89 -21.51 -63.55
CA GLU F 166 16.96 -20.56 -63.26
C GLU F 166 18.14 -21.21 -62.53
N ASN F 167 17.88 -22.25 -61.73
CA ASN F 167 18.94 -22.82 -60.91
C ASN F 167 19.95 -23.57 -61.76
N VAL F 168 19.49 -24.31 -62.77
CA VAL F 168 20.41 -25.09 -63.61
C VAL F 168 21.35 -24.17 -64.38
N THR F 169 20.91 -22.95 -64.68
CA THR F 169 21.74 -21.99 -65.39
C THR F 169 22.31 -20.90 -64.49
N ALA F 170 21.86 -20.81 -63.24
CA ALA F 170 22.27 -19.76 -62.31
C ALA F 170 21.99 -18.38 -62.91
N PHE F 171 20.80 -18.22 -63.46
CA PHE F 171 20.39 -16.98 -64.11
C PHE F 171 19.77 -16.02 -63.09
N PHE F 172 20.54 -15.74 -62.05
CA PHE F 172 20.12 -14.82 -61.00
C PHE F 172 21.36 -14.16 -60.42
N THR F 173 21.15 -13.02 -59.77
CA THR F 173 22.24 -12.25 -59.17
C THR F 173 22.56 -12.78 -57.78
N LYS F 174 23.85 -13.07 -57.54
CA LYS F 174 24.29 -13.57 -56.25
C LYS F 174 23.97 -12.56 -55.16
N TYR F 175 23.18 -12.99 -54.17
CA TYR F 175 22.68 -12.14 -53.09
C TYR F 175 21.83 -10.99 -53.61
N GLY F 176 21.35 -11.08 -54.85
CA GLY F 176 20.38 -10.15 -55.38
C GLY F 176 18.99 -10.74 -55.30
N ASP F 177 18.40 -11.06 -56.44
CA ASP F 177 17.15 -11.81 -56.44
C ASP F 177 17.35 -13.24 -55.96
N GLY F 178 18.61 -13.72 -55.94
CA GLY F 178 18.91 -15.02 -55.38
C GLY F 178 19.07 -15.04 -53.87
N GLY F 179 19.07 -13.87 -53.24
CA GLY F 179 19.12 -13.79 -51.79
C GLY F 179 17.75 -13.70 -51.18
N ALA F 180 17.25 -14.84 -50.69
CA ALA F 180 15.91 -14.92 -50.09
C ALA F 180 15.98 -15.79 -48.85
N ASP F 181 14.82 -16.02 -48.24
CA ASP F 181 14.70 -16.88 -47.07
C ASP F 181 14.05 -18.22 -47.39
N ILE F 182 13.01 -18.23 -48.21
CA ILE F 182 12.30 -19.46 -48.55
C ILE F 182 11.85 -19.37 -50.01
N LEU F 183 11.96 -20.48 -50.73
CA LEU F 183 11.65 -20.52 -52.16
C LEU F 183 10.57 -21.56 -52.43
N PRO F 184 9.31 -21.14 -52.59
CA PRO F 184 8.24 -22.11 -52.88
C PRO F 184 8.26 -22.65 -54.30
N LEU F 185 9.22 -22.24 -55.13
CA LEU F 185 9.26 -22.64 -56.53
C LEU F 185 10.31 -23.71 -56.82
N PHE F 186 11.19 -24.00 -55.87
CA PHE F 186 12.24 -24.99 -56.07
C PHE F 186 11.63 -26.37 -56.30
N ARG F 187 11.81 -26.88 -57.52
CA ARG F 187 11.48 -28.22 -58.04
C ARG F 187 10.70 -28.09 -59.34
N LEU F 188 10.16 -26.90 -59.61
CA LEU F 188 9.33 -26.67 -60.78
C LEU F 188 10.12 -25.93 -61.84
N ASN F 189 10.07 -26.42 -63.08
CA ASN F 189 10.72 -25.76 -64.19
C ASN F 189 9.85 -24.61 -64.69
N LYS F 190 10.29 -23.96 -65.78
CA LYS F 190 9.53 -22.84 -66.32
C LYS F 190 8.22 -23.31 -66.94
N ARG F 191 8.22 -24.48 -67.57
CA ARG F 191 7.00 -25.00 -68.18
C ARG F 191 5.97 -25.37 -67.12
N GLN F 192 6.40 -26.10 -66.08
CA GLN F 192 5.49 -26.45 -64.99
C GLN F 192 5.03 -25.23 -64.21
N GLY F 193 5.81 -24.14 -64.23
CA GLY F 193 5.34 -22.90 -63.62
C GLY F 193 4.10 -22.35 -64.31
N LYS F 194 4.03 -22.51 -65.64
CA LYS F 194 2.82 -22.14 -66.35
C LYS F 194 1.65 -23.04 -65.97
N ALA F 195 1.92 -24.28 -65.59
CA ALA F 195 0.85 -25.20 -65.23
C ALA F 195 0.15 -24.77 -63.95
N LEU F 196 0.92 -24.36 -62.94
CA LEU F 196 0.32 -23.90 -61.69
C LEU F 196 -0.42 -22.57 -61.89
N LEU F 197 0.05 -21.73 -62.81
CA LEU F 197 -0.60 -20.44 -63.02
C LEU F 197 -1.95 -20.62 -63.71
N LYS F 198 -2.00 -21.44 -64.77
CA LYS F 198 -3.27 -21.75 -65.39
C LYS F 198 -4.17 -22.58 -64.47
N GLU F 199 -3.57 -23.25 -63.47
CA GLU F 199 -4.35 -24.01 -62.50
C GLU F 199 -5.05 -23.11 -61.49
N LEU F 200 -4.44 -22.00 -61.12
CA LEU F 200 -5.02 -21.06 -60.18
C LEU F 200 -5.78 -19.92 -60.86
N GLY F 201 -5.94 -19.99 -62.18
CA GLY F 201 -6.76 -19.03 -62.88
C GLY F 201 -6.07 -17.74 -63.30
N ALA F 202 -4.80 -17.81 -63.64
CA ALA F 202 -4.10 -16.59 -64.05
C ALA F 202 -4.39 -16.29 -65.51
N PRO F 203 -4.57 -15.01 -65.87
CA PRO F 203 -4.70 -14.65 -67.28
C PRO F 203 -3.48 -15.09 -68.09
N GLU F 204 -3.73 -15.38 -69.37
CA GLU F 204 -2.68 -15.92 -70.22
C GLU F 204 -1.61 -14.90 -70.58
N ALA F 205 -1.91 -13.62 -70.44
CA ALA F 205 -0.93 -12.58 -70.79
C ALA F 205 0.22 -12.51 -69.80
N LEU F 206 0.08 -13.10 -68.62
CA LEU F 206 1.10 -13.04 -67.59
C LEU F 206 2.11 -14.18 -67.66
N TYR F 207 1.83 -15.23 -68.42
CA TYR F 207 2.82 -16.26 -68.70
C TYR F 207 2.99 -16.46 -70.20
N LEU F 208 2.77 -15.40 -70.97
CA LEU F 208 3.06 -15.39 -72.41
C LEU F 208 3.14 -13.95 -72.91
N PRO F 220 10.11 -11.34 -81.49
CA PRO F 220 10.65 -12.71 -81.49
C PRO F 220 10.81 -13.29 -80.09
N LEU F 221 11.81 -14.17 -79.91
CA LEU F 221 12.01 -14.83 -78.64
C LEU F 221 12.40 -13.82 -77.56
N VAL F 222 12.14 -14.18 -76.30
CA VAL F 222 12.23 -13.21 -75.21
C VAL F 222 13.69 -12.79 -74.98
N ALA F 223 13.85 -11.66 -74.32
CA ALA F 223 15.15 -11.07 -74.06
C ALA F 223 15.92 -11.84 -72.99
N ASP F 224 15.47 -13.06 -72.67
CA ASP F 224 16.26 -13.97 -71.83
C ASP F 224 17.12 -14.87 -72.71
N GLU F 225 16.48 -15.76 -73.47
CA GLU F 225 17.19 -16.74 -74.29
C GLU F 225 18.14 -16.11 -75.29
N VAL F 226 18.10 -14.78 -75.47
CA VAL F 226 19.17 -14.11 -76.20
C VAL F 226 20.48 -14.27 -75.46
N ALA F 227 20.43 -14.37 -74.13
CA ALA F 227 21.60 -14.53 -73.29
C ALA F 227 21.83 -15.96 -72.83
N LEU F 228 20.76 -16.73 -72.61
CA LEU F 228 20.93 -18.16 -72.33
C LEU F 228 21.69 -18.85 -73.45
N GLY F 229 21.44 -18.45 -74.69
CA GLY F 229 21.91 -19.19 -75.84
C GLY F 229 21.12 -20.44 -76.13
N VAL F 230 20.14 -20.76 -75.29
CA VAL F 230 19.35 -21.99 -75.41
C VAL F 230 17.92 -21.68 -74.95
N THR F 231 16.94 -22.22 -75.67
CA THR F 231 15.55 -21.95 -75.39
C THR F 231 15.14 -22.50 -74.03
N TYR F 232 14.03 -21.97 -73.49
CA TYR F 232 13.52 -22.43 -72.21
C TYR F 232 12.90 -23.82 -72.30
N ASP F 233 12.58 -24.29 -73.51
CA ASP F 233 12.04 -25.64 -73.66
C ASP F 233 13.15 -26.69 -73.58
N ALA F 234 14.33 -26.37 -74.11
CA ALA F 234 15.43 -27.33 -74.06
C ALA F 234 15.88 -27.59 -72.63
N ILE F 235 15.93 -26.55 -71.80
CA ILE F 235 16.26 -26.77 -70.39
C ILE F 235 15.11 -27.46 -69.67
N ASP F 236 13.87 -27.26 -70.14
CA ASP F 236 12.73 -27.94 -69.52
C ASP F 236 12.74 -29.43 -69.84
N ASP F 237 12.99 -29.77 -71.11
CA ASP F 237 13.07 -31.18 -71.49
C ASP F 237 14.22 -31.88 -70.78
N TYR F 238 15.38 -31.20 -70.71
CA TYR F 238 16.53 -31.77 -70.00
C TYR F 238 16.21 -31.98 -68.53
N LEU F 239 15.50 -31.05 -67.90
CA LEU F 239 15.16 -31.19 -66.50
C LEU F 239 14.10 -32.26 -66.25
N GLU F 240 13.41 -32.72 -67.27
CA GLU F 240 12.43 -33.80 -67.14
C GLU F 240 12.99 -35.15 -67.54
N GLY F 241 14.28 -35.23 -67.84
CA GLY F 241 14.90 -36.48 -68.21
C GLY F 241 14.91 -36.79 -69.70
N LYS F 242 14.61 -35.80 -70.55
CA LYS F 242 14.58 -36.00 -71.99
C LYS F 242 15.86 -35.49 -72.62
N LYS F 243 16.33 -36.19 -73.65
CA LYS F 243 17.56 -35.81 -74.32
C LYS F 243 17.31 -34.60 -75.22
N VAL F 244 18.22 -33.63 -75.14
CA VAL F 244 18.16 -32.45 -75.99
C VAL F 244 19.26 -32.56 -77.04
N SER F 245 19.40 -31.55 -77.88
CA SER F 245 20.46 -31.55 -78.87
C SER F 245 21.82 -31.41 -78.19
N GLU F 246 22.85 -31.95 -78.85
CA GLU F 246 24.20 -31.80 -78.34
C GLU F 246 24.59 -30.33 -78.25
N THR F 247 24.01 -29.49 -79.11
CA THR F 247 24.25 -28.05 -79.02
C THR F 247 23.66 -27.48 -77.74
N ASP F 248 22.40 -27.85 -77.43
CA ASP F 248 21.74 -27.30 -76.24
C ASP F 248 22.36 -27.86 -74.97
N GLN F 249 22.55 -29.18 -74.90
CA GLN F 249 23.17 -29.78 -73.72
C GLN F 249 24.55 -29.20 -73.45
N GLN F 250 25.24 -28.74 -74.51
CA GLN F 250 26.57 -28.19 -74.35
C GLN F 250 26.56 -26.96 -73.44
N THR F 251 25.66 -26.02 -73.71
CA THR F 251 25.70 -24.74 -73.00
C THR F 251 25.07 -24.84 -71.62
N ILE F 252 23.96 -25.58 -71.48
CA ILE F 252 23.26 -25.58 -70.20
C ILE F 252 24.05 -26.35 -69.15
N GLU F 253 24.84 -27.33 -69.55
CA GLU F 253 25.76 -27.97 -68.61
C GLU F 253 26.96 -27.10 -68.31
N ASN F 254 27.28 -26.15 -69.20
CA ASN F 254 28.34 -25.19 -68.91
C ASN F 254 27.86 -24.04 -68.04
N TRP F 255 26.61 -23.61 -68.23
CA TRP F 255 26.00 -22.66 -67.29
C TRP F 255 25.90 -23.26 -65.90
N TYR F 256 25.86 -24.58 -65.79
CA TYR F 256 25.83 -25.24 -64.48
C TYR F 256 27.20 -25.20 -63.81
N LYS F 257 28.27 -25.41 -64.58
CA LYS F 257 29.62 -25.35 -64.02
C LYS F 257 29.97 -23.94 -63.59
N LYS F 258 29.57 -22.94 -64.38
CA LYS F 258 29.89 -21.55 -64.04
C LYS F 258 29.18 -21.12 -62.77
N GLY F 259 27.92 -21.48 -62.61
CA GLY F 259 27.13 -21.01 -61.48
C GLY F 259 27.09 -21.95 -60.29
N GLN F 260 28.08 -22.82 -60.17
CA GLN F 260 28.13 -23.71 -59.02
C GLN F 260 28.36 -22.94 -57.73
N HIS F 261 29.11 -21.83 -57.79
CA HIS F 261 29.32 -21.00 -56.61
C HIS F 261 28.04 -20.36 -56.10
N LYS F 262 27.03 -20.20 -56.97
CA LYS F 262 25.75 -19.65 -56.55
C LYS F 262 24.84 -20.68 -55.92
N ARG F 263 25.17 -21.97 -56.03
CA ARG F 263 24.39 -23.04 -55.42
C ARG F 263 25.03 -23.57 -54.14
N HIS F 264 26.04 -22.87 -53.62
CA HIS F 264 26.70 -23.27 -52.38
C HIS F 264 26.93 -22.05 -51.51
N LEU F 265 27.04 -22.29 -50.21
CA LEU F 265 27.39 -21.24 -49.28
C LEU F 265 28.85 -20.85 -49.47
N PRO F 266 29.26 -19.67 -48.98
CA PRO F 266 30.63 -19.20 -49.22
C PRO F 266 31.68 -20.26 -48.94
N ILE F 267 32.69 -20.33 -49.81
CA ILE F 267 33.63 -21.44 -49.83
C ILE F 267 34.54 -21.37 -48.61
N THR F 268 34.64 -22.48 -47.88
CA THR F 268 35.53 -22.63 -46.76
C THR F 268 36.64 -23.61 -47.09
N ILE F 269 37.59 -23.73 -46.16
CA ILE F 269 38.73 -24.62 -46.35
C ILE F 269 38.30 -26.08 -46.47
N PHE F 270 37.10 -26.42 -46.01
CA PHE F 270 36.62 -27.80 -46.03
C PHE F 270 35.79 -28.13 -47.26
N ASP F 271 35.40 -27.14 -48.06
CA ASP F 271 34.59 -27.40 -49.24
C ASP F 271 35.42 -28.05 -50.34
N ASP F 272 34.76 -28.90 -51.14
CA ASP F 272 35.42 -29.63 -52.20
C ASP F 272 34.73 -29.55 -53.56
N PHE F 273 33.53 -28.96 -53.63
CA PHE F 273 32.80 -28.93 -54.89
C PHE F 273 33.53 -28.13 -55.96
N TRP F 274 34.31 -27.14 -55.57
CA TRP F 274 34.99 -26.28 -56.54
C TRP F 274 36.27 -26.89 -57.08
N LYS F 275 36.83 -27.90 -56.42
CA LYS F 275 38.09 -28.48 -56.85
C LYS F 275 37.91 -29.37 -58.08
N THR G 2 -10.30 -8.25 -27.12
CA THR G 2 -9.31 -7.66 -26.23
C THR G 2 -7.88 -8.03 -26.65
N THR G 3 -7.14 -7.02 -27.10
CA THR G 3 -5.75 -7.25 -27.50
C THR G 3 -4.88 -7.48 -26.27
N LEU G 4 -3.77 -8.19 -26.47
CA LEU G 4 -2.73 -8.23 -25.45
C LEU G 4 -2.20 -6.84 -25.16
N GLN G 5 -2.15 -5.98 -26.18
CA GLN G 5 -1.75 -4.60 -25.98
C GLN G 5 -2.69 -3.88 -25.03
N GLU G 6 -4.00 -4.03 -25.25
CA GLU G 6 -4.97 -3.40 -24.34
C GLU G 6 -4.90 -4.00 -22.95
N LYS G 7 -4.54 -5.28 -22.85
CA LYS G 7 -4.41 -5.89 -21.53
C LYS G 7 -3.17 -5.40 -20.80
N ILE G 8 -2.09 -5.11 -21.54
CA ILE G 8 -0.87 -4.60 -20.92
C ILE G 8 -1.07 -3.15 -20.50
N ILE G 9 -1.81 -2.37 -21.29
CA ILE G 9 -2.04 -0.97 -20.95
C ILE G 9 -2.90 -0.84 -19.69
N GLN G 10 -3.93 -1.68 -19.57
CA GLN G 10 -4.78 -1.64 -18.39
C GLN G 10 -4.07 -2.20 -17.17
N GLU G 11 -3.22 -3.21 -17.35
CA GLU G 11 -2.48 -3.76 -16.22
C GLU G 11 -1.45 -2.77 -15.69
N LEU G 12 -0.92 -1.90 -16.56
CA LEU G 12 0.10 -0.94 -16.16
C LEU G 12 -0.46 0.47 -15.93
N GLY G 13 -1.72 0.71 -16.29
CA GLY G 13 -2.33 1.99 -16.03
C GLY G 13 -1.74 3.14 -16.80
N VAL G 14 -1.17 2.88 -17.98
CA VAL G 14 -0.60 3.94 -18.80
C VAL G 14 -1.73 4.70 -19.50
N LEU G 15 -1.66 6.02 -19.45
CA LEU G 15 -2.63 6.82 -20.17
C LEU G 15 -2.04 7.36 -21.46
N PRO G 16 -2.82 7.41 -22.54
CA PRO G 16 -2.29 7.97 -23.80
C PRO G 16 -1.88 9.42 -23.69
N THR G 17 -2.43 10.17 -22.74
CA THR G 17 -2.03 11.55 -22.50
C THR G 17 -2.23 11.86 -21.02
N ILE G 18 -1.38 12.73 -20.50
CA ILE G 18 -1.35 13.03 -19.07
C ILE G 18 -1.28 14.54 -18.86
N ASP G 19 -1.58 14.94 -17.63
CA ASP G 19 -1.32 16.29 -17.16
C ASP G 19 -0.12 16.24 -16.22
N PRO G 20 1.05 16.74 -16.64
CA PRO G 20 2.26 16.59 -15.79
C PRO G 20 2.11 17.19 -14.41
N LYS G 21 1.55 18.40 -14.30
CA LYS G 21 1.37 19.02 -12.99
C LYS G 21 0.51 18.15 -12.08
N GLU G 22 -0.59 17.60 -12.62
CA GLU G 22 -1.46 16.77 -11.80
C GLU G 22 -0.89 15.38 -11.57
N GLU G 23 -0.17 14.82 -12.56
CA GLU G 23 0.53 13.57 -12.34
C GLU G 23 1.59 13.71 -11.26
N VAL G 24 2.19 14.89 -11.15
CA VAL G 24 3.04 15.19 -10.00
C VAL G 24 2.21 15.04 -8.72
N ARG G 25 1.20 15.91 -8.54
CA ARG G 25 0.37 15.87 -7.35
C ARG G 25 -0.14 14.46 -7.05
N LYS G 26 -0.51 13.71 -8.09
CA LYS G 26 -0.98 12.35 -7.88
C LYS G 26 0.08 11.49 -7.18
N SER G 27 1.35 11.71 -7.52
CA SER G 27 2.43 10.92 -6.91
C SER G 27 2.72 11.36 -5.48
N ILE G 28 2.81 12.67 -5.22
CA ILE G 28 3.10 13.13 -3.87
C ILE G 28 1.96 12.75 -2.91
N ASP G 29 0.71 13.01 -3.31
CA ASP G 29 -0.41 12.67 -2.44
C ASP G 29 -0.50 11.16 -2.20
N PHE G 30 -0.05 10.36 -3.16
CA PHE G 30 -0.04 8.91 -2.99
C PHE G 30 0.96 8.50 -1.90
N LEU G 31 2.19 9.01 -1.99
CA LEU G 31 3.18 8.74 -0.95
C LEU G 31 2.69 9.27 0.40
N LYS G 32 2.04 10.43 0.40
CA LYS G 32 1.55 10.99 1.66
C LYS G 32 0.44 10.13 2.25
N ALA G 33 -0.53 9.73 1.43
CA ALA G 33 -1.65 8.94 1.95
C ALA G 33 -1.17 7.64 2.58
N TYR G 34 -0.11 7.04 2.03
CA TYR G 34 0.41 5.80 2.61
C TYR G 34 1.06 6.04 3.96
N LEU G 35 1.76 7.17 4.10
CA LEU G 35 2.39 7.48 5.39
C LEU G 35 1.35 7.75 6.46
N THR G 36 0.29 8.49 6.11
CA THR G 36 -0.77 8.77 7.08
C THR G 36 -1.46 7.49 7.52
N LYS G 37 -1.61 6.52 6.61
CA LYS G 37 -2.23 5.24 6.96
C LYS G 37 -1.31 4.37 7.79
N HIS G 38 0.00 4.64 7.80
CA HIS G 38 0.98 3.86 8.55
C HIS G 38 1.84 4.80 9.38
N PRO G 39 1.41 5.12 10.61
CA PRO G 39 2.15 6.11 11.41
C PRO G 39 3.54 5.66 11.81
N PHE G 40 3.83 4.36 11.80
CA PHE G 40 5.14 3.86 12.19
CA PHE G 40 5.15 3.88 12.20
C PHE G 40 6.22 4.16 11.14
N LEU G 41 5.83 4.59 9.95
CA LEU G 41 6.79 4.94 8.91
C LEU G 41 7.13 6.42 8.97
N LYS G 42 8.42 6.73 8.95
CA LYS G 42 8.87 8.10 9.12
C LYS G 42 9.86 8.60 8.06
N THR G 43 10.42 7.73 7.23
CA THR G 43 11.39 8.17 6.24
C THR G 43 11.17 7.44 4.91
N PHE G 44 11.68 8.06 3.85
CA PHE G 44 11.75 7.46 2.53
C PHE G 44 13.21 7.30 2.15
N VAL G 45 13.56 6.13 1.63
CA VAL G 45 14.94 5.79 1.30
C VAL G 45 15.03 5.43 -0.18
N LEU G 46 15.97 6.05 -0.88
CA LEU G 46 16.15 5.79 -2.31
C LEU G 46 17.59 6.01 -2.69
N GLY G 47 18.13 5.10 -3.50
CA GLY G 47 19.45 5.26 -4.07
C GLY G 47 19.43 6.17 -5.27
N ILE G 48 20.23 7.23 -5.22
CA ILE G 48 20.28 8.24 -6.28
C ILE G 48 21.48 7.92 -7.16
N SER G 49 21.22 7.58 -8.42
CA SER G 49 22.27 7.21 -9.36
C SER G 49 22.60 8.29 -10.36
N GLY G 50 21.71 9.26 -10.57
CA GLY G 50 21.85 10.24 -11.61
C GLY G 50 21.01 9.96 -12.84
N GLY G 51 20.38 8.77 -12.91
CA GLY G 51 19.52 8.46 -14.03
C GLY G 51 18.16 9.12 -13.92
N GLN G 52 17.45 9.12 -15.05
CA GLN G 52 16.15 9.79 -15.12
C GLN G 52 15.18 9.25 -14.07
N ASP G 53 15.18 7.93 -13.86
CA ASP G 53 14.17 7.33 -13.00
C ASP G 53 14.38 7.70 -11.53
N SER G 54 15.58 7.46 -11.01
CA SER G 54 15.84 7.74 -9.60
C SER G 54 15.85 9.23 -9.30
N THR G 55 16.05 10.08 -10.31
CA THR G 55 15.97 11.52 -10.09
C THR G 55 14.52 11.95 -9.89
N LEU G 56 13.61 11.43 -10.71
CA LEU G 56 12.20 11.79 -10.57
C LEU G 56 11.61 11.26 -9.27
N ALA G 57 11.82 9.97 -8.99
CA ALA G 57 11.28 9.39 -7.76
C ALA G 57 11.92 9.99 -6.52
N GLY G 58 13.17 10.43 -6.63
CA GLY G 58 13.81 11.08 -5.49
C GLY G 58 13.23 12.45 -5.21
N ARG G 59 12.95 13.22 -6.25
CA ARG G 59 12.36 14.54 -6.06
C ARG G 59 10.92 14.43 -5.55
N LEU G 60 10.14 13.50 -6.12
CA LEU G 60 8.78 13.31 -5.66
C LEU G 60 8.73 12.85 -4.21
N ALA G 61 9.75 12.09 -3.78
CA ALA G 61 9.80 11.67 -2.38
C ALA G 61 10.16 12.82 -1.46
N GLN G 62 11.15 13.63 -1.86
CA GLN G 62 11.56 14.76 -1.02
C GLN G 62 10.44 15.78 -0.89
N LEU G 63 9.73 16.06 -1.98
CA LEU G 63 8.61 16.99 -1.93
C LEU G 63 7.49 16.47 -1.05
N ALA G 64 7.31 15.16 -0.98
CA ALA G 64 6.28 14.59 -0.11
C ALA G 64 6.63 14.80 1.36
N MET G 65 7.89 14.53 1.73
CA MET G 65 8.30 14.67 3.13
C MET G 65 8.34 16.13 3.55
N THR G 66 8.66 17.04 2.63
CA THR G 66 8.59 18.47 2.95
C THR G 66 7.16 18.88 3.27
N GLU G 67 6.20 18.43 2.46
CA GLU G 67 4.80 18.72 2.72
C GLU G 67 4.31 18.01 3.98
N MET G 68 4.79 16.80 4.23
CA MET G 68 4.41 16.08 5.44
C MET G 68 4.92 16.79 6.68
N ARG G 69 6.17 17.25 6.65
CA ARG G 69 6.72 18.00 7.78
C ARG G 69 5.98 19.31 8.00
N GLU G 70 5.50 19.93 6.91
CA GLU G 70 4.81 21.22 7.03
C GLU G 70 3.41 21.04 7.59
N GLU G 71 2.72 19.95 7.23
CA GLU G 71 1.34 19.78 7.64
C GLU G 71 1.23 19.22 9.06
N THR G 72 2.13 18.30 9.43
CA THR G 72 2.05 17.63 10.73
C THR G 72 2.92 18.29 11.80
N GLY G 73 3.93 19.06 11.42
CA GLY G 73 4.87 19.56 12.40
C GLY G 73 5.75 18.49 13.00
N ASP G 74 5.83 17.32 12.37
CA ASP G 74 6.65 16.21 12.84
C ASP G 74 7.95 16.23 12.05
N MET G 75 9.02 16.70 12.68
CA MET G 75 10.29 16.88 12.00
C MET G 75 11.00 15.57 11.70
N SER G 76 10.50 14.44 12.18
CA SER G 76 11.11 13.15 11.89
C SER G 76 10.81 12.65 10.48
N TYR G 77 9.88 13.28 9.78
CA TYR G 77 9.59 12.92 8.39
C TYR G 77 10.73 13.42 7.50
N GLN G 78 11.52 12.50 6.96
CA GLN G 78 12.71 12.85 6.20
C GLN G 78 12.85 11.93 5.00
N PHE G 79 13.58 12.42 4.00
CA PHE G 79 13.95 11.62 2.83
C PHE G 79 15.46 11.38 2.86
N ILE G 80 15.86 10.14 2.58
CA ILE G 80 17.25 9.71 2.71
C ILE G 80 17.74 9.30 1.33
N ALA G 81 18.68 10.07 0.79
CA ALA G 81 19.32 9.75 -0.49
C ALA G 81 20.65 9.06 -0.21
N ILE G 82 20.90 7.97 -0.93
CA ILE G 82 22.13 7.19 -0.78
C ILE G 82 22.78 7.05 -2.15
N ARG G 83 23.97 7.65 -2.30
CA ARG G 83 24.82 7.29 -3.42
C ARG G 83 25.34 5.88 -3.23
N LEU G 84 25.13 5.02 -4.23
CA LEU G 84 25.53 3.62 -4.15
C LEU G 84 26.50 3.29 -5.28
N PRO G 85 27.72 3.83 -5.23
CA PRO G 85 28.68 3.56 -6.29
C PRO G 85 29.41 2.24 -6.07
N TYR G 86 29.79 1.62 -7.16
CA TYR G 86 30.57 0.42 -7.10
C TYR G 86 31.91 0.93 -7.44
N GLY G 87 32.78 0.99 -6.43
CA GLY G 87 34.15 1.43 -6.62
C GLY G 87 34.41 2.90 -6.38
N GLU G 88 35.69 3.23 -6.23
CA GLU G 88 36.11 4.60 -5.99
C GLU G 88 36.27 5.31 -7.33
N GLN G 89 36.11 4.57 -8.41
CA GLN G 89 36.23 5.13 -9.76
C GLN G 89 35.02 4.78 -10.62
N ALA G 90 33.90 5.44 -10.31
CA ALA G 90 32.67 5.27 -11.04
C ALA G 90 32.28 6.71 -11.19
N ASP G 91 31.73 7.09 -12.33
CA ASP G 91 31.38 8.50 -12.50
C ASP G 91 30.41 8.88 -11.41
N GLU G 92 30.73 9.95 -10.69
CA GLU G 92 29.90 10.46 -9.61
C GLU G 92 29.27 11.81 -9.97
N ALA G 93 29.57 12.30 -11.16
CA ALA G 93 29.05 13.58 -11.64
C ALA G 93 27.53 13.59 -11.85
N ASP G 94 27.01 12.52 -12.44
CA ASP G 94 25.58 12.39 -12.69
C ASP G 94 24.78 12.35 -11.39
N ALA G 95 25.31 11.63 -10.40
CA ALA G 95 24.67 11.48 -9.11
C ALA G 95 24.55 12.79 -8.32
N GLN G 96 25.58 13.62 -8.38
CA GLN G 96 25.57 14.88 -7.64
C GLN G 96 24.67 15.91 -8.31
N ALA G 97 24.59 15.89 -9.64
CA ALA G 97 23.72 16.82 -10.34
C ALA G 97 22.25 16.58 -9.99
N ALA G 98 21.85 15.32 -9.86
CA ALA G 98 20.48 15.01 -9.46
C ALA G 98 20.25 15.32 -7.99
N LEU G 99 21.31 15.28 -7.18
CA LEU G 99 21.15 15.54 -5.75
C LEU G 99 20.94 17.01 -5.47
N ALA G 100 21.71 17.89 -6.13
CA ALA G 100 21.52 19.32 -5.95
C ALA G 100 20.13 19.75 -6.38
N PHE G 101 19.50 19.00 -7.28
CA PHE G 101 18.12 19.30 -7.67
C PHE G 101 17.11 18.76 -6.67
N ILE G 102 17.39 17.60 -6.07
CA ILE G 102 16.46 17.02 -5.10
C ILE G 102 16.51 17.80 -3.79
N GLN G 103 17.71 18.22 -3.39
CA GLN G 103 17.96 18.86 -2.09
C GLN G 103 17.40 17.96 -0.98
N PRO G 104 17.98 16.78 -0.77
CA PRO G 104 17.40 15.84 0.18
C PRO G 104 17.72 16.20 1.61
N ASP G 105 16.87 15.69 2.51
CA ASP G 105 17.06 15.95 3.94
C ASP G 105 18.33 15.28 4.45
N VAL G 106 18.62 14.07 3.97
CA VAL G 106 19.83 13.34 4.34
C VAL G 106 20.49 12.85 3.06
N SER G 107 21.81 13.00 2.99
CA SER G 107 22.61 12.48 1.87
C SER G 107 23.62 11.50 2.43
N LEU G 108 23.50 10.24 2.03
CA LEU G 108 24.44 9.20 2.40
C LEU G 108 25.19 8.72 1.17
N ARG G 109 26.30 8.02 1.43
CA ARG G 109 27.14 7.44 0.39
C ARG G 109 27.87 6.21 0.91
N VAL G 110 27.51 5.02 0.44
CA VAL G 110 28.20 3.81 0.82
C VAL G 110 28.69 3.11 -0.43
N ASP G 111 29.89 2.54 -0.34
CA ASP G 111 30.50 1.84 -1.46
C ASP G 111 30.10 0.37 -1.38
N ILE G 112 29.36 -0.11 -2.39
CA ILE G 112 28.96 -1.52 -2.43
C ILE G 112 30.07 -2.43 -2.91
N LYS G 113 31.16 -1.87 -3.44
CA LYS G 113 32.22 -2.70 -3.98
C LYS G 113 32.86 -3.64 -2.96
N PRO G 114 33.18 -3.23 -1.73
CA PRO G 114 33.73 -4.20 -0.77
C PRO G 114 32.82 -5.38 -0.51
N ALA G 115 31.50 -5.15 -0.41
CA ALA G 115 30.58 -6.25 -0.14
C ALA G 115 30.41 -7.14 -1.37
N VAL G 116 30.34 -6.55 -2.56
CA VAL G 116 30.14 -7.33 -3.77
C VAL G 116 31.38 -8.18 -4.06
N ASP G 117 32.57 -7.58 -3.96
CA ASP G 117 33.80 -8.33 -4.22
C ASP G 117 33.97 -9.47 -3.24
N ALA G 118 33.55 -9.28 -1.98
CA ALA G 118 33.63 -10.35 -1.00
C ALA G 118 32.66 -11.48 -1.34
N MET G 119 31.48 -11.15 -1.86
CA MET G 119 30.55 -12.17 -2.30
C MET G 119 31.12 -12.95 -3.47
N VAL G 120 31.67 -12.25 -4.47
CA VAL G 120 32.29 -12.91 -5.62
C VAL G 120 33.42 -13.81 -5.16
N GLY G 121 34.25 -13.33 -4.23
CA GLY G 121 35.34 -14.16 -3.73
C GLY G 121 34.85 -15.39 -3.00
N SER G 122 33.81 -15.24 -2.17
CA SER G 122 33.26 -16.39 -1.46
C SER G 122 32.62 -17.38 -2.44
N LEU G 123 32.05 -16.89 -3.54
CA LEU G 123 31.49 -17.79 -4.55
C LEU G 123 32.61 -18.51 -5.31
N GLU G 124 33.63 -17.76 -5.73
CA GLU G 124 34.78 -18.39 -6.39
C GLU G 124 35.45 -19.40 -5.47
N ASN G 125 35.43 -19.16 -4.17
CA ASN G 125 35.95 -20.13 -3.21
C ASN G 125 35.16 -21.43 -3.22
N ALA G 126 33.93 -21.40 -3.74
CA ALA G 126 33.07 -22.58 -3.81
C ALA G 126 33.06 -23.22 -5.19
N GLY G 127 33.82 -22.68 -6.14
CA GLY G 127 33.97 -23.29 -7.45
C GLY G 127 33.22 -22.59 -8.56
N VAL G 128 32.25 -21.73 -8.23
CA VAL G 128 31.48 -21.02 -9.25
C VAL G 128 32.14 -19.67 -9.51
N GLN G 129 32.26 -19.32 -10.79
CA GLN G 129 32.80 -18.04 -11.20
C GLN G 129 31.70 -17.19 -11.80
N ILE G 130 31.74 -15.89 -11.53
CA ILE G 130 30.62 -14.99 -11.81
C ILE G 130 30.95 -14.17 -13.05
N SER G 131 30.13 -14.33 -14.08
CA SER G 131 30.26 -13.48 -15.26
C SER G 131 29.86 -12.05 -14.94
N ASP G 132 30.25 -11.13 -15.82
CA ASP G 132 29.96 -9.72 -15.60
C ASP G 132 28.46 -9.46 -15.59
N PHE G 133 27.70 -10.19 -16.40
CA PHE G 133 26.25 -10.01 -16.42
C PHE G 133 25.64 -10.40 -15.08
N ASN G 134 25.96 -11.60 -14.59
CA ASN G 134 25.47 -12.02 -13.29
C ASN G 134 25.97 -11.09 -12.19
N LYS G 135 27.21 -10.62 -12.30
CA LYS G 135 27.72 -9.64 -11.36
C LYS G 135 26.91 -8.36 -11.38
N GLY G 136 26.36 -8.00 -12.54
CA GLY G 136 25.50 -6.84 -12.61
C GLY G 136 24.23 -7.01 -11.79
N ASN G 137 23.59 -8.17 -11.92
CA ASN G 137 22.43 -8.48 -11.09
C ASN G 137 22.82 -8.60 -9.62
N MET G 138 24.05 -9.06 -9.35
CA MET G 138 24.53 -9.09 -7.97
C MET G 138 24.69 -7.68 -7.40
N LYS G 139 25.07 -6.72 -8.24
CA LYS G 139 25.25 -5.36 -7.76
C LYS G 139 23.92 -4.68 -7.46
N ALA G 140 22.91 -4.92 -8.30
CA ALA G 140 21.59 -4.35 -8.04
C ALA G 140 21.00 -4.89 -6.74
N ARG G 141 21.25 -6.16 -6.44
CA ARG G 141 20.73 -6.74 -5.21
C ARG G 141 21.48 -6.25 -3.99
N GLN G 142 22.77 -5.92 -4.14
CA GLN G 142 23.51 -5.36 -3.02
C GLN G 142 23.06 -3.94 -2.69
N ARG G 143 22.65 -3.18 -3.71
CA ARG G 143 22.04 -1.88 -3.46
C ARG G 143 20.68 -2.02 -2.78
N MET G 144 19.94 -3.09 -3.11
CA MET G 144 18.70 -3.37 -2.40
C MET G 144 18.97 -3.62 -0.92
N ILE G 145 20.04 -4.35 -0.60
CA ILE G 145 20.39 -4.63 0.79
C ILE G 145 20.67 -3.32 1.52
N THR G 146 21.41 -2.42 0.89
CA THR G 146 21.80 -1.18 1.56
C THR G 146 20.60 -0.32 1.89
N GLN G 147 19.73 -0.10 0.90
CA GLN G 147 18.57 0.77 1.11
C GLN G 147 17.66 0.20 2.20
N TYR G 148 17.52 -1.12 2.25
CA TYR G 148 16.69 -1.74 3.28
C TYR G 148 17.41 -1.76 4.62
N ALA G 149 18.73 -1.74 4.62
CA ALA G 149 19.47 -1.61 5.88
C ALA G 149 19.30 -0.21 6.46
N VAL G 150 19.28 0.81 5.60
CA VAL G 150 19.07 2.17 6.07
C VAL G 150 17.61 2.37 6.48
N ALA G 151 16.68 1.82 5.70
CA ALA G 151 15.27 1.90 6.09
C ALA G 151 15.00 1.09 7.35
N GLY G 152 15.76 0.02 7.58
CA GLY G 152 15.58 -0.79 8.77
C GLY G 152 16.04 -0.12 10.05
N GLU G 153 16.83 0.95 9.95
CA GLU G 153 17.27 1.71 11.12
C GLU G 153 16.46 2.97 11.33
N ASN G 154 15.96 3.58 10.27
CA ASN G 154 15.26 4.87 10.34
C ASN G 154 13.76 4.74 10.11
N ALA G 155 13.21 3.56 10.38
CA ALA G 155 11.76 3.30 10.29
C ALA G 155 11.19 3.82 8.97
N GLY G 156 11.84 3.43 7.87
CA GLY G 156 11.52 3.97 6.58
C GLY G 156 10.98 2.93 5.60
N ALA G 157 10.42 3.44 4.52
CA ALA G 157 9.99 2.63 3.38
C ALA G 157 10.93 2.91 2.21
N VAL G 158 11.24 1.87 1.45
CA VAL G 158 12.17 1.96 0.33
C VAL G 158 11.42 2.38 -0.93
N ILE G 159 11.82 3.50 -1.51
CA ILE G 159 11.19 3.97 -2.74
C ILE G 159 11.68 3.14 -3.92
N GLY G 160 10.75 2.76 -4.80
CA GLY G 160 11.07 2.08 -6.03
C GLY G 160 10.93 3.00 -7.22
N THR G 161 11.75 2.74 -8.23
CA THR G 161 11.77 3.55 -9.45
C THR G 161 11.15 2.84 -10.64
N ASP G 162 10.48 1.71 -10.43
CA ASP G 162 9.90 0.97 -11.53
C ASP G 162 8.75 1.76 -12.15
N HIS G 163 8.74 1.83 -13.48
CA HIS G 163 7.66 2.48 -14.21
C HIS G 163 7.19 1.57 -15.34
N ALA G 164 6.29 2.08 -16.19
CA ALA G 164 5.66 1.23 -17.18
C ALA G 164 6.63 0.80 -18.27
N ALA G 165 7.55 1.69 -18.66
CA ALA G 165 8.50 1.34 -19.72
C ALA G 165 9.46 0.26 -19.28
N GLU G 166 9.74 0.16 -17.98
CA GLU G 166 10.59 -0.90 -17.46
C GLU G 166 9.81 -2.12 -17.02
N ASN G 167 8.53 -1.96 -16.68
CA ASN G 167 7.72 -3.11 -16.25
C ASN G 167 7.31 -3.98 -17.43
N VAL G 168 6.95 -3.36 -18.56
CA VAL G 168 6.49 -4.15 -19.70
C VAL G 168 7.62 -4.98 -20.28
N THR G 169 8.87 -4.55 -20.09
CA THR G 169 10.03 -5.31 -20.56
C THR G 169 10.70 -6.09 -19.44
N ALA G 170 10.27 -5.92 -18.20
CA ALA G 170 10.93 -6.53 -17.04
C ALA G 170 12.42 -6.19 -17.02
N PHE G 171 12.73 -4.93 -17.35
CA PHE G 171 14.12 -4.47 -17.41
C PHE G 171 14.59 -4.00 -16.03
N PHE G 172 14.49 -4.93 -15.07
CA PHE G 172 14.97 -4.69 -13.72
C PHE G 172 15.42 -6.02 -13.13
N THR G 173 16.24 -5.93 -12.09
CA THR G 173 16.75 -7.12 -11.44
C THR G 173 15.74 -7.63 -10.42
N LYS G 174 15.39 -8.91 -10.52
CA LYS G 174 14.43 -9.52 -9.61
C LYS G 174 14.99 -9.49 -8.18
N TYR G 175 14.22 -8.91 -7.26
CA TYR G 175 14.59 -8.79 -5.85
C TYR G 175 15.83 -7.94 -5.63
N GLY G 176 16.16 -7.08 -6.59
CA GLY G 176 17.22 -6.12 -6.41
C GLY G 176 16.76 -4.75 -6.84
N ASP G 177 16.71 -4.53 -8.16
CA ASP G 177 16.10 -3.31 -8.69
C ASP G 177 14.63 -3.23 -8.29
N GLY G 178 13.88 -4.31 -8.49
CA GLY G 178 12.47 -4.32 -8.15
C GLY G 178 12.17 -4.60 -6.70
N GLY G 179 13.19 -4.77 -5.87
CA GLY G 179 12.98 -4.97 -4.45
C GLY G 179 12.73 -3.65 -3.73
N ALA G 180 11.47 -3.22 -3.71
CA ALA G 180 11.10 -1.95 -3.13
C ALA G 180 9.77 -2.07 -2.41
N ASP G 181 9.41 -1.02 -1.67
CA ASP G 181 8.19 -0.98 -0.89
C ASP G 181 7.04 -0.27 -1.59
N ILE G 182 7.30 0.86 -2.24
CA ILE G 182 6.25 1.67 -2.85
C ILE G 182 6.76 2.24 -4.16
N LEU G 183 5.87 2.35 -5.15
CA LEU G 183 6.22 2.72 -6.53
C LEU G 183 5.54 4.03 -6.90
N PRO G 184 6.19 5.17 -6.65
CA PRO G 184 5.56 6.46 -7.02
C PRO G 184 5.47 6.69 -8.51
N LEU G 185 6.27 5.99 -9.32
CA LEU G 185 6.31 6.24 -10.76
C LEU G 185 5.53 5.21 -11.58
N PHE G 186 4.93 4.20 -10.94
CA PHE G 186 4.11 3.25 -11.67
C PHE G 186 2.95 3.97 -12.34
N ARG G 187 2.65 3.55 -13.57
CA ARG G 187 1.64 4.07 -14.51
C ARG G 187 2.27 5.04 -15.50
N LEU G 188 3.45 5.55 -15.20
CA LEU G 188 4.17 6.43 -16.11
C LEU G 188 5.09 5.63 -17.02
N ASN G 189 5.24 6.10 -18.26
CA ASN G 189 6.21 5.52 -19.16
C ASN G 189 7.45 6.43 -19.22
N LYS G 190 8.39 6.09 -20.10
CA LYS G 190 9.68 6.80 -20.10
C LYS G 190 9.51 8.25 -20.53
N ARG G 191 8.74 8.50 -21.60
CA ARG G 191 8.58 9.86 -22.06
C ARG G 191 7.71 10.70 -21.12
N GLN G 192 6.78 10.05 -20.42
CA GLN G 192 5.98 10.78 -19.42
C GLN G 192 6.81 11.09 -18.18
N GLY G 193 7.78 10.22 -17.85
CA GLY G 193 8.70 10.55 -16.78
C GLY G 193 9.49 11.81 -17.05
N LYS G 194 9.91 11.99 -18.31
CA LYS G 194 10.55 13.24 -18.70
C LYS G 194 9.59 14.42 -18.58
N ALA G 195 8.30 14.19 -18.82
CA ALA G 195 7.33 15.27 -18.72
C ALA G 195 7.18 15.77 -17.30
N LEU G 196 7.18 14.85 -16.32
CA LEU G 196 7.09 15.27 -14.93
C LEU G 196 8.37 15.98 -14.47
N LEU G 197 9.52 15.58 -15.02
CA LEU G 197 10.77 16.23 -14.64
C LEU G 197 10.83 17.67 -15.13
N LYS G 198 10.27 17.95 -16.30
CA LYS G 198 10.22 19.34 -16.77
C LYS G 198 9.28 20.17 -15.90
N GLU G 199 8.16 19.59 -15.47
CA GLU G 199 7.23 20.30 -14.61
C GLU G 199 7.87 20.67 -13.28
N LEU G 200 8.74 19.82 -12.75
CA LEU G 200 9.43 20.06 -11.50
C LEU G 200 10.62 21.01 -11.64
N GLY G 201 10.84 21.57 -12.81
CA GLY G 201 11.95 22.48 -13.01
C GLY G 201 13.30 21.81 -13.00
N ALA G 202 13.38 20.56 -13.43
CA ALA G 202 14.66 19.88 -13.48
C ALA G 202 15.48 20.36 -14.67
N PRO G 203 16.78 20.54 -14.52
CA PRO G 203 17.62 20.90 -15.66
C PRO G 203 17.56 19.84 -16.76
N GLU G 204 17.82 20.29 -17.98
CA GLU G 204 17.70 19.41 -19.14
C GLU G 204 18.71 18.28 -19.14
N ALA G 205 19.83 18.44 -18.43
CA ALA G 205 20.91 17.45 -18.47
C ALA G 205 20.56 16.13 -17.81
N LEU G 206 19.48 16.08 -17.02
CA LEU G 206 19.11 14.85 -16.33
C LEU G 206 18.08 14.01 -17.09
N TYR G 207 17.49 14.53 -18.17
CA TYR G 207 16.58 13.73 -18.98
C TYR G 207 16.74 13.93 -20.48
N LEU G 208 17.15 15.11 -20.96
CA LEU G 208 17.34 15.34 -22.39
C LEU G 208 18.72 14.93 -22.87
N LYS G 209 19.52 14.28 -22.02
CA LYS G 209 20.88 13.88 -22.37
C LYS G 209 20.92 12.99 -23.61
N LYS G 219 18.86 9.06 -34.32
CA LYS G 219 19.37 9.45 -33.01
C LYS G 219 20.48 8.49 -32.57
N PRO G 220 21.46 9.02 -31.81
CA PRO G 220 22.54 8.16 -31.31
C PRO G 220 22.06 7.05 -30.38
N LEU G 221 22.99 6.21 -29.95
CA LEU G 221 22.67 4.99 -29.22
C LEU G 221 22.53 5.24 -27.73
N VAL G 222 21.73 4.39 -27.08
CA VAL G 222 21.67 4.30 -25.63
C VAL G 222 21.70 2.83 -25.26
N ALA G 223 22.38 2.51 -24.16
CA ALA G 223 22.68 1.12 -23.84
C ALA G 223 21.41 0.30 -23.63
N ASP G 224 20.40 0.89 -23.00
CA ASP G 224 19.16 0.15 -22.72
C ASP G 224 18.47 -0.28 -24.02
N GLU G 225 18.36 0.64 -24.98
CA GLU G 225 17.65 0.31 -26.22
C GLU G 225 18.41 -0.71 -27.05
N VAL G 226 19.74 -0.76 -26.93
CA VAL G 226 20.51 -1.77 -27.66
C VAL G 226 20.33 -3.14 -27.02
N ALA G 227 20.27 -3.19 -25.69
CA ALA G 227 20.05 -4.46 -25.01
C ALA G 227 18.62 -4.94 -25.17
N LEU G 228 17.68 -4.03 -25.39
CA LEU G 228 16.27 -4.38 -25.55
C LEU G 228 15.89 -4.71 -26.98
N GLY G 229 16.61 -4.18 -27.96
CA GLY G 229 16.24 -4.38 -29.34
C GLY G 229 15.03 -3.58 -29.78
N VAL G 230 14.66 -2.56 -29.03
CA VAL G 230 13.52 -1.71 -29.35
C VAL G 230 13.69 -0.39 -28.61
N THR G 231 13.34 0.71 -29.28
CA THR G 231 13.56 2.03 -28.72
C THR G 231 12.56 2.31 -27.60
N TYR G 232 12.92 3.27 -26.74
CA TYR G 232 12.00 3.72 -25.70
C TYR G 232 10.80 4.44 -26.30
N ASP G 233 11.00 5.13 -27.43
CA ASP G 233 9.90 5.81 -28.09
C ASP G 233 8.87 4.80 -28.62
N ALA G 234 9.32 3.63 -29.06
CA ALA G 234 8.38 2.59 -29.50
C ALA G 234 7.64 1.98 -28.32
N ILE G 235 8.34 1.71 -27.23
CA ILE G 235 7.69 1.20 -26.02
C ILE G 235 6.66 2.21 -25.51
N ASP G 236 7.03 3.49 -25.50
CA ASP G 236 6.09 4.51 -25.02
C ASP G 236 4.89 4.65 -25.95
N ASP G 237 5.13 4.59 -27.27
CA ASP G 237 4.03 4.61 -28.22
C ASP G 237 3.12 3.40 -28.03
N TYR G 238 3.70 2.23 -27.76
CA TYR G 238 2.91 1.03 -27.56
C TYR G 238 2.03 1.15 -26.32
N LEU G 239 2.60 1.62 -25.21
CA LEU G 239 1.84 1.75 -23.97
C LEU G 239 0.78 2.84 -24.07
N GLU G 240 0.89 3.75 -25.04
CA GLU G 240 -0.11 4.78 -25.25
C GLU G 240 -1.18 4.39 -26.25
N GLY G 241 -1.21 3.12 -26.66
CA GLY G 241 -2.22 2.65 -27.59
C GLY G 241 -1.95 2.94 -29.05
N LYS G 242 -0.77 3.43 -29.39
CA LYS G 242 -0.45 3.72 -30.78
C LYS G 242 0.04 2.47 -31.49
N LYS G 243 -0.18 2.44 -32.81
CA LYS G 243 0.30 1.31 -33.61
C LYS G 243 1.81 1.41 -33.77
N VAL G 244 2.49 0.30 -33.49
CA VAL G 244 3.93 0.19 -33.70
C VAL G 244 4.18 -0.88 -34.76
N SER G 245 5.42 -0.96 -35.21
CA SER G 245 5.77 -1.94 -36.23
C SER G 245 5.57 -3.35 -35.68
N GLU G 246 5.27 -4.30 -36.58
CA GLU G 246 5.09 -5.68 -36.17
C GLU G 246 6.33 -6.22 -35.46
N THR G 247 7.51 -5.86 -35.96
CA THR G 247 8.74 -6.26 -35.30
C THR G 247 8.85 -5.65 -33.90
N ASP G 248 8.60 -4.34 -33.79
CA ASP G 248 8.65 -3.69 -32.49
C ASP G 248 7.57 -4.21 -31.56
N GLN G 249 6.36 -4.42 -32.09
CA GLN G 249 5.26 -4.93 -31.26
C GLN G 249 5.59 -6.30 -30.69
N GLN G 250 6.08 -7.20 -31.54
CA GLN G 250 6.40 -8.55 -31.07
C GLN G 250 7.59 -8.53 -30.12
N THR G 251 8.57 -7.65 -30.37
CA THR G 251 9.69 -7.52 -29.46
C THR G 251 9.21 -7.10 -28.07
N ILE G 252 8.27 -6.17 -28.01
CA ILE G 252 7.75 -5.70 -26.72
C ILE G 252 6.95 -6.80 -26.03
N GLU G 253 6.06 -7.46 -26.78
CA GLU G 253 5.21 -8.50 -26.19
C GLU G 253 6.00 -9.76 -25.86
N ASN G 254 7.18 -9.96 -26.46
CA ASN G 254 8.01 -11.09 -26.08
C ASN G 254 8.70 -10.84 -24.75
N TRP G 255 9.23 -9.63 -24.54
CA TRP G 255 9.80 -9.27 -23.25
C TRP G 255 8.75 -9.32 -22.16
N TYR G 256 7.49 -9.01 -22.49
CA TYR G 256 6.43 -9.01 -21.48
C TYR G 256 6.12 -10.42 -21.00
N LYS G 257 6.03 -11.38 -21.93
CA LYS G 257 5.74 -12.76 -21.53
C LYS G 257 6.89 -13.35 -20.74
N LYS G 258 8.13 -13.06 -21.14
CA LYS G 258 9.28 -13.65 -20.47
C LYS G 258 9.44 -13.13 -19.04
N GLY G 259 8.95 -11.92 -18.76
CA GLY G 259 9.13 -11.33 -17.45
C GLY G 259 7.90 -11.41 -16.56
N GLN G 260 7.00 -12.35 -16.86
CA GLN G 260 5.79 -12.48 -16.07
C GLN G 260 6.09 -12.92 -14.63
N HIS G 261 7.15 -13.71 -14.43
CA HIS G 261 7.49 -14.15 -13.09
C HIS G 261 7.95 -12.99 -12.21
N LYS G 262 8.51 -11.94 -12.83
CA LYS G 262 8.90 -10.75 -12.07
C LYS G 262 7.70 -9.90 -11.66
N ARG G 263 6.54 -10.10 -12.28
CA ARG G 263 5.35 -9.34 -11.97
C ARG G 263 4.41 -10.07 -11.02
N HIS G 264 4.81 -11.23 -10.50
CA HIS G 264 4.01 -12.00 -9.57
C HIS G 264 4.84 -12.39 -8.36
N LEU G 265 4.14 -12.67 -7.26
CA LEU G 265 4.78 -13.24 -6.09
C LEU G 265 5.36 -14.61 -6.43
N PRO G 266 6.27 -15.13 -5.60
CA PRO G 266 6.84 -16.45 -5.88
C PRO G 266 5.77 -17.49 -6.16
N ILE G 267 5.96 -18.24 -7.26
CA ILE G 267 4.91 -19.10 -7.78
C ILE G 267 4.57 -20.18 -6.76
N THR G 268 3.28 -20.31 -6.46
CA THR G 268 2.75 -21.37 -5.60
C THR G 268 1.98 -22.37 -6.45
N ILE G 269 1.52 -23.43 -5.79
CA ILE G 269 0.80 -24.50 -6.49
C ILE G 269 -0.58 -24.06 -6.96
N PHE G 270 -1.05 -22.89 -6.54
CA PHE G 270 -2.36 -22.39 -6.93
C PHE G 270 -2.32 -21.42 -8.10
N ASP G 271 -1.13 -20.95 -8.49
CA ASP G 271 -1.04 -19.96 -9.56
C ASP G 271 -1.30 -20.60 -10.92
N ASP G 272 -1.83 -19.78 -11.84
CA ASP G 272 -2.10 -20.22 -13.20
C ASP G 272 -1.51 -19.33 -14.29
N PHE G 273 -0.90 -18.19 -13.93
CA PHE G 273 -0.47 -17.24 -14.95
C PHE G 273 0.63 -17.81 -15.83
N TRP G 274 1.44 -18.74 -15.30
CA TRP G 274 2.57 -19.27 -16.02
C TRP G 274 2.23 -20.45 -16.92
N LYS G 275 1.03 -21.01 -16.81
CA LYS G 275 0.66 -22.19 -17.59
C LYS G 275 0.19 -21.81 -18.99
N THR H 2 -14.71 37.50 31.49
CA THR H 2 -15.80 38.43 31.24
C THR H 2 -17.04 38.06 32.05
N THR H 3 -17.67 39.06 32.65
CA THR H 3 -18.95 38.81 33.31
C THR H 3 -20.04 38.65 32.25
N LEU H 4 -21.10 37.96 32.63
CA LEU H 4 -22.14 37.62 31.66
C LEU H 4 -22.84 38.87 31.13
N GLN H 5 -23.00 39.90 31.97
CA GLN H 5 -23.67 41.11 31.52
C GLN H 5 -22.90 41.79 30.39
N GLU H 6 -21.62 42.10 30.63
CA GLU H 6 -20.82 42.74 29.60
C GLU H 6 -20.54 41.82 28.42
N LYS H 7 -20.71 40.51 28.59
CA LYS H 7 -20.63 39.59 27.47
C LYS H 7 -21.88 39.67 26.60
N ILE H 8 -23.05 39.80 27.23
CA ILE H 8 -24.30 39.92 26.48
C ILE H 8 -24.39 41.27 25.79
N ILE H 9 -24.00 42.34 26.49
CA ILE H 9 -24.12 43.68 25.95
C ILE H 9 -23.22 43.84 24.73
N GLN H 10 -21.98 43.36 24.83
CA GLN H 10 -21.06 43.44 23.69
C GLN H 10 -21.53 42.57 22.54
N GLU H 11 -22.15 41.43 22.85
CA GLU H 11 -22.69 40.57 21.79
C GLU H 11 -23.84 41.25 21.05
N LEU H 12 -24.72 41.92 21.80
CA LEU H 12 -25.86 42.60 21.20
C LEU H 12 -25.54 44.03 20.77
N GLY H 13 -24.35 44.53 21.06
CA GLY H 13 -23.96 45.86 20.62
C GLY H 13 -24.75 47.00 21.19
N VAL H 14 -25.31 46.83 22.39
CA VAL H 14 -26.15 47.85 23.00
C VAL H 14 -25.27 48.97 23.53
N LEU H 15 -25.66 50.21 23.24
CA LEU H 15 -24.93 51.37 23.74
C LEU H 15 -25.67 51.98 24.92
N PRO H 16 -24.94 52.39 25.96
CA PRO H 16 -25.62 52.99 27.13
C PRO H 16 -26.35 54.28 26.80
N THR H 17 -25.79 55.09 25.90
CA THR H 17 -26.43 56.31 25.44
C THR H 17 -26.30 56.38 23.93
N ILE H 18 -27.38 56.80 23.26
CA ILE H 18 -27.41 56.90 21.81
C ILE H 18 -27.93 58.27 21.41
N ASP H 19 -27.52 58.71 20.22
CA ASP H 19 -28.13 59.87 19.59
C ASP H 19 -29.20 59.37 18.64
N PRO H 20 -30.49 59.66 18.89
CA PRO H 20 -31.54 59.06 18.04
C PRO H 20 -31.42 59.43 16.58
N LYS H 21 -31.16 60.71 16.27
CA LYS H 21 -31.07 61.13 14.88
C LYS H 21 -29.92 60.42 14.17
N GLU H 22 -28.81 60.19 14.87
CA GLU H 22 -27.69 59.49 14.26
C GLU H 22 -27.99 58.01 14.08
N GLU H 23 -28.68 57.39 15.04
CA GLU H 23 -29.02 55.98 14.92
C GLU H 23 -29.98 55.72 13.77
N VAL H 24 -30.85 56.68 13.47
CA VAL H 24 -31.72 56.56 12.30
C VAL H 24 -30.89 56.47 11.03
N ARG H 25 -29.89 57.36 10.91
CA ARG H 25 -29.00 57.33 9.76
C ARG H 25 -28.23 56.02 9.70
N LYS H 26 -27.79 55.52 10.87
CA LYS H 26 -27.07 54.25 10.90
C LYS H 26 -27.93 53.11 10.40
N SER H 27 -29.24 53.15 10.66
CA SER H 27 -30.14 52.11 10.18
C SER H 27 -30.45 52.28 8.69
N ILE H 28 -30.75 53.50 8.27
CA ILE H 28 -31.12 53.76 6.88
C ILE H 28 -29.94 53.48 5.95
N ASP H 29 -28.75 53.98 6.31
CA ASP H 29 -27.57 53.72 5.50
C ASP H 29 -27.23 52.24 5.48
N PHE H 30 -27.47 51.53 6.57
CA PHE H 30 -27.20 50.10 6.62
C PHE H 30 -28.11 49.34 5.66
N LEU H 31 -29.38 49.76 5.56
CA LEU H 31 -30.28 49.12 4.61
C LEU H 31 -29.92 49.48 3.17
N LYS H 32 -29.51 50.72 2.94
CA LYS H 32 -29.13 51.13 1.59
C LYS H 32 -27.84 50.45 1.15
N ALA H 33 -26.90 50.25 2.07
CA ALA H 33 -25.64 49.61 1.73
C ALA H 33 -25.86 48.16 1.28
N TYR H 34 -26.79 47.46 1.92
CA TYR H 34 -27.08 46.09 1.52
C TYR H 34 -27.75 46.05 0.14
N LEU H 35 -28.64 47.00 -0.12
CA LEU H 35 -29.31 47.04 -1.42
C LEU H 35 -28.33 47.32 -2.55
N THR H 36 -27.34 48.18 -2.29
CA THR H 36 -26.35 48.51 -3.31
C THR H 36 -25.50 47.29 -3.66
N LYS H 37 -25.07 46.55 -2.65
CA LYS H 37 -24.23 45.37 -2.86
C LYS H 37 -25.00 44.20 -3.48
N HIS H 38 -26.32 44.30 -3.61
CA HIS H 38 -27.13 43.24 -4.20
C HIS H 38 -28.09 43.85 -5.22
N PRO H 39 -27.73 43.85 -6.50
CA PRO H 39 -28.61 44.47 -7.51
C PRO H 39 -29.90 43.70 -7.75
N PHE H 40 -29.89 42.38 -7.60
CA PHE H 40 -31.08 41.58 -7.85
CA PHE H 40 -31.09 41.60 -7.85
C PHE H 40 -32.19 41.89 -6.85
N LEU H 41 -31.86 42.45 -5.69
CA LEU H 41 -32.84 42.80 -4.68
C LEU H 41 -33.40 44.20 -4.96
N LYS H 42 -34.73 44.32 -4.91
CA LYS H 42 -35.38 45.59 -5.22
C LYS H 42 -36.41 46.04 -4.19
N THR H 43 -36.93 45.15 -3.35
CA THR H 43 -37.98 45.52 -2.42
C THR H 43 -37.61 45.10 -0.99
N PHE H 44 -38.31 45.72 -0.04
CA PHE H 44 -38.28 45.33 1.36
C PHE H 44 -39.69 44.95 1.78
N VAL H 45 -39.81 43.82 2.48
CA VAL H 45 -41.11 43.29 2.87
C VAL H 45 -41.12 43.13 4.39
N LEU H 46 -42.18 43.62 5.03
CA LEU H 46 -42.32 43.51 6.48
C LEU H 46 -43.79 43.46 6.84
N GLY H 47 -44.14 42.51 7.71
CA GLY H 47 -45.48 42.48 8.25
C GLY H 47 -45.67 43.62 9.24
N ILE H 48 -46.71 44.42 9.03
CA ILE H 48 -47.01 45.57 9.88
C ILE H 48 -48.12 45.13 10.83
N SER H 49 -47.76 44.86 12.08
CA SER H 49 -48.71 44.40 13.09
C SER H 49 -49.30 45.53 13.91
N GLY H 50 -48.73 46.73 13.83
CA GLY H 50 -49.16 47.85 14.64
C GLY H 50 -48.39 48.04 15.92
N GLY H 51 -47.49 47.12 16.26
CA GLY H 51 -46.67 47.27 17.44
C GLY H 51 -45.50 48.22 17.21
N GLN H 52 -44.80 48.51 18.31
CA GLN H 52 -43.66 49.43 18.23
C GLN H 52 -42.57 48.89 17.32
N ASP H 53 -42.26 47.60 17.41
CA ASP H 53 -41.13 47.04 16.68
C ASP H 53 -41.35 47.12 15.17
N SER H 54 -42.49 46.62 14.69
CA SER H 54 -42.73 46.60 13.25
C SER H 54 -42.94 48.01 12.69
N THR H 55 -43.50 48.92 13.50
CA THR H 55 -43.70 50.29 13.04
C THR H 55 -42.37 50.99 12.80
N LEU H 56 -41.44 50.85 13.75
CA LEU H 56 -40.11 51.45 13.61
C LEU H 56 -39.38 50.88 12.40
N ALA H 57 -39.37 49.54 12.27
CA ALA H 57 -38.67 48.90 11.18
C ALA H 57 -39.33 49.21 9.83
N GLY H 58 -40.65 49.38 9.81
CA GLY H 58 -41.33 49.69 8.56
C GLY H 58 -41.03 51.09 8.09
N ARG H 59 -41.02 52.06 9.01
CA ARG H 59 -40.72 53.44 8.62
C ARG H 59 -39.26 53.59 8.19
N LEU H 60 -38.35 52.87 8.85
CA LEU H 60 -36.95 52.92 8.45
C LEU H 60 -36.74 52.27 7.09
N ALA H 61 -37.40 51.13 6.85
CA ALA H 61 -37.32 50.50 5.53
C ALA H 61 -37.95 51.38 4.46
N GLN H 62 -39.01 52.10 4.81
CA GLN H 62 -39.65 53.00 3.84
C GLN H 62 -38.75 54.17 3.51
N LEU H 63 -38.15 54.79 4.53
CA LEU H 63 -37.28 55.95 4.29
C LEU H 63 -36.04 55.55 3.49
N ALA H 64 -35.49 54.37 3.76
CA ALA H 64 -34.33 53.90 3.02
C ALA H 64 -34.67 53.71 1.54
N MET H 65 -35.85 53.16 1.24
CA MET H 65 -36.23 52.93 -0.14
C MET H 65 -36.47 54.24 -0.89
N THR H 66 -36.99 55.26 -0.20
CA THR H 66 -37.21 56.54 -0.85
C THR H 66 -35.89 57.20 -1.22
N GLU H 67 -34.87 57.09 -0.37
CA GLU H 67 -33.56 57.62 -0.71
C GLU H 67 -32.92 56.83 -1.85
N MET H 68 -33.11 55.51 -1.85
CA MET H 68 -32.58 54.69 -2.94
C MET H 68 -33.21 55.07 -4.27
N ARG H 69 -34.54 55.22 -4.27
CA ARG H 69 -35.25 55.57 -5.49
C ARG H 69 -34.82 56.94 -6.02
N GLU H 70 -34.49 57.87 -5.11
CA GLU H 70 -34.04 59.19 -5.53
C GLU H 70 -32.63 59.13 -6.12
N GLU H 71 -31.70 58.44 -5.45
CA GLU H 71 -30.31 58.46 -5.87
C GLU H 71 -30.09 57.66 -7.15
N THR H 72 -30.80 56.55 -7.32
CA THR H 72 -30.60 55.68 -8.47
C THR H 72 -31.59 55.91 -9.61
N GLY H 73 -32.72 56.57 -9.33
CA GLY H 73 -33.74 56.72 -10.34
C GLY H 73 -34.48 55.45 -10.67
N ASP H 74 -34.25 54.37 -9.92
CA ASP H 74 -34.91 53.09 -10.16
C ASP H 74 -36.18 53.05 -9.35
N MET H 75 -37.32 53.25 -10.03
CA MET H 75 -38.61 53.29 -9.35
C MET H 75 -39.05 51.92 -8.83
N SER H 76 -38.40 50.83 -9.25
CA SER H 76 -38.72 49.50 -8.74
C SER H 76 -38.33 49.34 -7.28
N TYR H 77 -37.52 50.24 -6.73
CA TYR H 77 -37.14 50.21 -5.32
C TYR H 77 -38.34 50.62 -4.48
N GLN H 78 -39.05 49.63 -3.94
CA GLN H 78 -40.28 49.88 -3.19
C GLN H 78 -40.27 49.10 -1.89
N PHE H 79 -41.05 49.57 -0.93
CA PHE H 79 -41.26 48.90 0.34
C PHE H 79 -42.66 48.31 0.35
N ILE H 80 -42.77 47.05 0.76
CA ILE H 80 -44.02 46.30 0.72
C ILE H 80 -44.43 46.00 2.15
N ALA H 81 -45.52 46.61 2.60
CA ALA H 81 -46.10 46.35 3.91
C ALA H 81 -47.25 45.36 3.77
N ILE H 82 -47.29 44.36 4.64
CA ILE H 82 -48.33 43.35 4.64
C ILE H 82 -48.98 43.31 6.01
N ARG H 83 -50.30 43.46 6.04
CA ARG H 83 -51.06 43.15 7.24
C ARG H 83 -51.33 41.66 7.28
N LEU H 84 -51.06 41.03 8.43
CA LEU H 84 -51.19 39.58 8.58
C LEU H 84 -52.11 39.27 9.74
N PRO H 85 -53.41 39.56 9.61
CA PRO H 85 -54.35 39.24 10.68
C PRO H 85 -54.73 37.77 10.67
N TYR H 86 -55.01 37.24 11.85
CA TYR H 86 -55.55 35.89 11.98
C TYR H 86 -57.06 36.00 11.95
N GLY H 87 -57.66 35.83 10.78
CA GLY H 87 -59.09 35.90 10.62
C GLY H 87 -59.62 37.31 10.59
N GLU H 88 -60.85 37.44 10.12
CA GLU H 88 -61.53 38.72 10.12
C GLU H 88 -61.99 39.05 11.55
N GLN H 89 -62.65 40.20 11.70
CA GLN H 89 -63.05 40.75 12.99
C GLN H 89 -61.87 41.01 13.91
N ALA H 90 -60.64 40.82 13.44
CA ALA H 90 -59.46 41.20 14.18
C ALA H 90 -59.24 42.71 14.08
N ASP H 91 -58.64 43.28 15.12
CA ASP H 91 -58.51 44.72 15.21
C ASP H 91 -57.31 45.19 14.39
N GLU H 92 -57.59 45.99 13.35
CA GLU H 92 -56.55 46.59 12.53
C GLU H 92 -56.36 48.07 12.83
N ALA H 93 -57.03 48.59 13.86
CA ALA H 93 -56.92 50.01 14.19
C ALA H 93 -55.47 50.39 14.49
N ASP H 94 -54.79 49.57 15.29
CA ASP H 94 -53.39 49.83 15.59
C ASP H 94 -52.51 49.63 14.37
N ALA H 95 -52.82 48.63 13.54
CA ALA H 95 -52.04 48.40 12.33
C ALA H 95 -52.22 49.54 11.33
N GLN H 96 -53.44 50.07 11.21
CA GLN H 96 -53.67 51.19 10.30
C GLN H 96 -53.09 52.48 10.85
N ALA H 97 -53.11 52.66 12.18
CA ALA H 97 -52.50 53.86 12.76
C ALA H 97 -51.00 53.89 12.50
N ALA H 98 -50.34 52.72 12.55
CA ALA H 98 -48.94 52.66 12.16
C ALA H 98 -48.79 52.78 10.65
N LEU H 99 -49.71 52.17 9.90
CA LEU H 99 -49.65 52.25 8.44
C LEU H 99 -49.80 53.68 7.95
N ALA H 100 -50.59 54.50 8.64
CA ALA H 100 -50.73 55.90 8.28
C ALA H 100 -49.46 56.69 8.54
N PHE H 101 -48.57 56.18 9.39
CA PHE H 101 -47.30 56.83 9.68
C PHE H 101 -46.19 56.36 8.74
N ILE H 102 -46.15 55.07 8.44
CA ILE H 102 -45.13 54.54 7.54
C ILE H 102 -45.33 55.08 6.13
N GLN H 103 -46.59 55.13 5.67
CA GLN H 103 -46.95 55.47 4.30
C GLN H 103 -46.15 54.63 3.32
N PRO H 104 -46.43 53.33 3.23
CA PRO H 104 -45.61 52.45 2.39
C PRO H 104 -45.98 52.56 0.92
N ASP H 105 -45.02 52.22 0.07
CA ASP H 105 -45.25 52.24 -1.37
C ASP H 105 -46.34 51.25 -1.75
N VAL H 106 -46.33 50.06 -1.15
CA VAL H 106 -47.36 49.06 -1.35
C VAL H 106 -47.80 48.54 0.03
N SER H 107 -49.10 48.33 0.19
CA SER H 107 -49.65 47.80 1.44
C SER H 107 -50.57 46.63 1.09
N LEU H 108 -50.25 45.45 1.61
CA LEU H 108 -50.98 44.22 1.35
C LEU H 108 -51.72 43.76 2.60
N ARG H 109 -52.66 42.84 2.40
CA ARG H 109 -53.39 42.22 3.51
C ARG H 109 -53.64 40.76 3.15
N VAL H 110 -53.02 39.86 3.92
CA VAL H 110 -53.19 38.42 3.74
C VAL H 110 -53.70 37.85 5.05
N ASP H 111 -54.90 37.27 5.02
CA ASP H 111 -55.44 36.57 6.18
C ASP H 111 -54.78 35.20 6.30
N ILE H 112 -54.03 35.00 7.39
CA ILE H 112 -53.32 33.73 7.59
C ILE H 112 -54.19 32.64 8.18
N LYS H 113 -55.41 32.96 8.59
CA LYS H 113 -56.26 31.96 9.25
C LYS H 113 -56.61 30.77 8.35
N PRO H 114 -56.95 30.93 7.06
CA PRO H 114 -57.24 29.74 6.24
C PRO H 114 -56.08 28.76 6.19
N ALA H 115 -54.85 29.25 6.06
CA ALA H 115 -53.70 28.34 6.00
C ALA H 115 -53.41 27.73 7.35
N VAL H 116 -53.50 28.52 8.42
CA VAL H 116 -53.25 28.00 9.76
C VAL H 116 -54.31 26.99 10.16
N ASP H 117 -55.58 27.30 9.88
CA ASP H 117 -56.65 26.36 10.20
C ASP H 117 -56.51 25.06 9.41
N ALA H 118 -56.06 25.16 8.15
CA ALA H 118 -55.87 23.96 7.35
C ALA H 118 -54.71 23.12 7.86
N MET H 119 -53.61 23.78 8.24
CA MET H 119 -52.49 23.05 8.84
C MET H 119 -52.90 22.38 10.15
N VAL H 120 -53.69 23.07 10.95
CA VAL H 120 -54.17 22.47 12.21
C VAL H 120 -55.08 21.29 11.92
N GLY H 121 -55.99 21.44 10.96
CA GLY H 121 -56.86 20.33 10.59
C GLY H 121 -56.08 19.12 10.11
N SER H 122 -55.03 19.35 9.32
CA SER H 122 -54.21 18.24 8.85
C SER H 122 -53.50 17.56 10.03
N LEU H 123 -52.98 18.35 10.97
CA LEU H 123 -52.30 17.78 12.12
C LEU H 123 -53.27 16.99 13.00
N GLU H 124 -54.44 17.56 13.27
CA GLU H 124 -55.46 16.85 14.03
C GLU H 124 -55.86 15.56 13.30
N ASN H 125 -55.94 15.61 11.97
CA ASN H 125 -56.19 14.42 11.18
C ASN H 125 -55.05 13.41 11.25
N ALA H 126 -53.95 13.74 11.92
CA ALA H 126 -52.83 12.84 12.12
C ALA H 126 -52.70 12.38 13.56
N GLY H 127 -53.63 12.76 14.44
CA GLY H 127 -53.57 12.40 15.84
C GLY H 127 -52.82 13.38 16.71
N VAL H 128 -52.52 14.57 16.21
CA VAL H 128 -51.74 15.57 16.92
C VAL H 128 -52.67 16.71 17.31
N GLN H 129 -52.88 16.88 18.61
CA GLN H 129 -53.64 18.01 19.12
C GLN H 129 -52.72 19.22 19.25
N ILE H 130 -53.24 20.39 18.87
CA ILE H 130 -52.47 21.62 18.84
C ILE H 130 -53.02 22.54 19.93
N SER H 131 -52.20 22.83 20.94
CA SER H 131 -52.59 23.74 22.00
C SER H 131 -52.69 25.17 21.47
N ASP H 132 -53.31 26.03 22.27
CA ASP H 132 -53.41 27.45 21.91
C ASP H 132 -52.02 28.07 21.82
N PHE H 133 -51.15 27.77 22.79
CA PHE H 133 -49.81 28.34 22.78
C PHE H 133 -49.00 27.83 21.60
N ASN H 134 -49.09 26.53 21.31
CA ASN H 134 -48.39 25.98 20.16
C ASN H 134 -48.92 26.58 18.86
N LYS H 135 -50.24 26.77 18.77
CA LYS H 135 -50.81 27.37 17.58
C LYS H 135 -50.35 28.81 17.41
N GLY H 136 -50.00 29.49 18.50
CA GLY H 136 -49.47 30.83 18.38
C GLY H 136 -48.18 30.89 17.58
N ASN H 137 -47.27 29.95 17.84
CA ASN H 137 -46.03 29.89 17.07
C ASN H 137 -46.29 29.46 15.64
N MET H 138 -47.34 28.68 15.40
CA MET H 138 -47.74 28.36 14.03
C MET H 138 -48.12 29.62 13.27
N LYS H 139 -48.89 30.50 13.91
CA LYS H 139 -49.23 31.78 13.30
C LYS H 139 -47.99 32.58 12.96
N ALA H 140 -47.04 32.64 13.90
CA ALA H 140 -45.80 33.39 13.67
C ALA H 140 -45.02 32.81 12.50
N ARG H 141 -45.04 31.49 12.34
CA ARG H 141 -44.33 30.87 11.22
C ARG H 141 -45.11 31.01 9.92
N GLN H 142 -46.45 30.99 10.00
CA GLN H 142 -47.25 31.20 8.80
C GLN H 142 -47.06 32.61 8.26
N ARG H 143 -46.97 33.60 9.15
CA ARG H 143 -46.65 34.95 8.72
C ARG H 143 -45.28 35.02 8.07
N MET H 144 -44.34 34.21 8.56
CA MET H 144 -43.01 34.15 7.93
C MET H 144 -43.11 33.62 6.50
N ILE H 145 -43.98 32.63 6.27
CA ILE H 145 -44.17 32.11 4.93
C ILE H 145 -44.78 33.17 4.03
N THR H 146 -45.79 33.89 4.54
CA THR H 146 -46.45 34.92 3.74
C THR H 146 -45.46 36.00 3.31
N GLN H 147 -44.59 36.43 4.23
CA GLN H 147 -43.65 37.49 3.91
C GLN H 147 -42.60 37.01 2.90
N TYR H 148 -42.11 35.78 3.05
CA TYR H 148 -41.10 35.27 2.14
C TYR H 148 -41.70 34.92 0.78
N ALA H 149 -42.97 34.55 0.73
CA ALA H 149 -43.62 34.28 -0.55
C ALA H 149 -43.79 35.56 -1.35
N VAL H 150 -44.13 36.67 -0.68
CA VAL H 150 -44.28 37.94 -1.38
C VAL H 150 -42.92 38.47 -1.82
N ALA H 151 -41.88 38.26 -1.00
CA ALA H 151 -40.54 38.66 -1.40
C ALA H 151 -40.05 37.85 -2.60
N GLY H 152 -40.48 36.59 -2.71
CA GLY H 152 -40.03 35.74 -3.80
C GLY H 152 -40.61 36.12 -5.15
N GLU H 153 -41.67 36.93 -5.17
CA GLU H 153 -42.27 37.39 -6.41
C GLU H 153 -41.99 38.86 -6.70
N ASN H 154 -41.27 39.55 -5.81
CA ASN H 154 -40.91 40.94 -6.03
C ASN H 154 -39.41 41.19 -5.86
N ALA H 155 -38.61 40.13 -5.77
CA ALA H 155 -37.15 40.22 -5.63
C ALA H 155 -36.77 41.14 -4.47
N GLY H 156 -37.11 40.69 -3.26
CA GLY H 156 -36.91 41.50 -2.08
C GLY H 156 -36.41 40.68 -0.91
N ALA H 157 -36.00 41.39 0.13
CA ALA H 157 -35.54 40.79 1.37
C ALA H 157 -36.55 41.06 2.48
N VAL H 158 -36.60 40.17 3.46
CA VAL H 158 -37.56 40.25 4.54
C VAL H 158 -36.94 41.02 5.69
N ILE H 159 -37.57 42.13 6.07
CA ILE H 159 -37.10 42.92 7.22
C ILE H 159 -37.50 42.21 8.51
N GLY H 160 -36.58 42.19 9.47
CA GLY H 160 -36.82 41.61 10.78
C GLY H 160 -36.95 42.69 11.84
N THR H 161 -37.76 42.40 12.86
CA THR H 161 -38.02 43.35 13.94
C THR H 161 -37.22 43.06 15.19
N ASP H 162 -36.28 42.10 15.13
CA ASP H 162 -35.56 41.70 16.32
C ASP H 162 -34.63 42.80 16.81
N HIS H 163 -34.72 43.13 18.10
CA HIS H 163 -33.83 44.10 18.71
C HIS H 163 -33.21 43.50 19.97
N ALA H 164 -32.49 44.32 20.74
CA ALA H 164 -31.72 43.79 21.86
C ALA H 164 -32.61 43.34 23.00
N ALA H 165 -33.66 44.12 23.32
CA ALA H 165 -34.55 43.74 24.41
C ALA H 165 -35.25 42.42 24.12
N GLU H 166 -35.56 42.14 22.85
CA GLU H 166 -36.21 40.90 22.48
C GLU H 166 -35.20 39.76 22.34
N ASN H 167 -34.00 40.07 21.85
CA ASN H 167 -33.00 39.04 21.60
C ASN H 167 -32.48 38.44 22.90
N VAL H 168 -32.28 39.27 23.92
CA VAL H 168 -31.69 38.78 25.16
C VAL H 168 -32.61 37.76 25.83
N THR H 169 -33.92 37.94 25.72
CA THR H 169 -34.88 37.02 26.30
C THR H 169 -35.33 35.95 25.32
N ALA H 170 -34.85 36.00 24.07
CA ALA H 170 -35.30 35.08 23.01
C ALA H 170 -36.82 35.07 22.89
N PHE H 171 -37.43 36.23 23.13
CA PHE H 171 -38.89 36.37 23.11
C PHE H 171 -39.37 36.53 21.66
N PHE H 172 -39.19 35.45 20.91
CA PHE H 172 -39.66 35.39 19.53
C PHE H 172 -39.74 33.93 19.12
N THR H 173 -40.54 33.69 18.07
CA THR H 173 -40.75 32.33 17.58
C THR H 173 -39.58 31.93 16.68
N LYS H 174 -38.90 30.84 17.04
CA LYS H 174 -37.81 30.32 16.23
C LYS H 174 -38.31 29.99 14.83
N TYR H 175 -37.66 30.59 13.82
CA TYR H 175 -38.04 30.44 12.42
C TYR H 175 -39.44 30.99 12.13
N GLY H 176 -39.96 31.84 13.02
CA GLY H 176 -41.20 32.55 12.80
C GLY H 176 -40.91 34.01 12.47
N ASP H 177 -41.14 34.90 13.44
CA ASP H 177 -40.68 36.27 13.26
C ASP H 177 -39.16 36.39 13.39
N GLY H 178 -38.52 35.38 13.99
CA GLY H 178 -37.06 35.34 13.99
C GLY H 178 -36.49 35.05 12.62
N GLY H 179 -37.26 34.40 11.77
CA GLY H 179 -36.83 34.14 10.40
C GLY H 179 -36.93 35.37 9.53
N ALA H 180 -35.78 35.97 9.21
CA ALA H 180 -35.75 37.19 8.43
C ALA H 180 -34.41 37.29 7.72
N ASP H 181 -34.28 38.31 6.87
CA ASP H 181 -33.08 38.52 6.08
C ASP H 181 -32.15 39.56 6.68
N ILE H 182 -32.67 40.73 7.05
CA ILE H 182 -31.86 41.84 7.54
C ILE H 182 -32.56 42.48 8.73
N LEU H 183 -31.78 42.87 9.74
CA LEU H 183 -32.28 43.37 11.02
C LEU H 183 -31.86 44.82 11.19
N PRO H 184 -32.71 45.79 10.84
CA PRO H 184 -32.33 47.20 11.00
C PRO H 184 -32.37 47.70 12.43
N LEU H 185 -32.96 46.96 13.36
CA LEU H 185 -33.12 47.39 14.74
C LEU H 185 -32.15 46.70 15.70
N PHE H 186 -31.31 45.79 15.21
CA PHE H 186 -30.41 45.03 16.07
C PHE H 186 -29.31 45.93 16.62
N ARG H 187 -29.45 46.32 17.90
CA ARG H 187 -28.47 47.00 18.74
C ARG H 187 -29.21 47.83 19.79
N LEU H 188 -30.48 48.11 19.53
CA LEU H 188 -31.28 48.98 20.37
C LEU H 188 -32.15 48.16 21.31
N ASN H 189 -32.31 48.65 22.53
CA ASN H 189 -33.22 48.03 23.49
C ASN H 189 -34.63 48.57 23.25
N LYS H 190 -35.53 48.34 24.20
CA LYS H 190 -36.92 48.73 23.99
C LYS H 190 -37.10 50.24 24.09
N ARG H 191 -36.56 50.86 25.15
CA ARG H 191 -36.75 52.30 25.33
C ARG H 191 -35.99 53.12 24.30
N GLN H 192 -34.92 52.59 23.71
CA GLN H 192 -34.25 53.31 22.64
C GLN H 192 -35.07 53.27 21.36
N GLY H 193 -35.75 52.15 21.10
CA GLY H 193 -36.64 52.07 19.94
C GLY H 193 -37.71 53.14 19.98
N LYS H 194 -38.21 53.46 21.18
CA LYS H 194 -39.13 54.59 21.32
C LYS H 194 -38.42 55.91 21.02
N ALA H 195 -37.18 56.07 21.53
CA ALA H 195 -36.44 57.30 21.30
C ALA H 195 -36.26 57.57 19.82
N LEU H 196 -36.09 56.52 19.02
CA LEU H 196 -36.07 56.69 17.57
C LEU H 196 -37.43 57.11 17.04
N LEU H 197 -38.47 56.33 17.37
CA LEU H 197 -39.81 56.61 16.86
C LEU H 197 -40.24 58.04 17.17
N LYS H 198 -39.84 58.57 18.32
CA LYS H 198 -40.11 59.97 18.63
C LYS H 198 -39.32 60.90 17.71
N GLU H 199 -38.07 60.52 17.39
CA GLU H 199 -37.24 61.33 16.51
C GLU H 199 -37.82 61.42 15.10
N LEU H 200 -38.52 60.39 14.65
CA LEU H 200 -39.11 60.36 13.32
C LEU H 200 -40.50 60.98 13.27
N GLY H 201 -40.95 61.61 14.35
CA GLY H 201 -42.23 62.28 14.35
C GLY H 201 -43.43 61.37 14.43
N ALA H 202 -43.28 60.18 15.00
CA ALA H 202 -44.42 59.28 15.13
C ALA H 202 -45.38 59.80 16.20
N PRO H 203 -46.69 59.62 16.02
CA PRO H 203 -47.63 60.00 17.07
C PRO H 203 -47.37 59.22 18.34
N GLU H 204 -47.72 59.84 19.47
CA GLU H 204 -47.44 59.24 20.77
C GLU H 204 -48.13 57.89 20.95
N ALA H 205 -49.27 57.69 20.29
CA ALA H 205 -50.00 56.44 20.43
C ALA H 205 -49.26 55.25 19.83
N LEU H 206 -48.26 55.51 18.97
CA LEU H 206 -47.54 54.42 18.33
C LEU H 206 -46.48 53.79 19.21
N TYR H 207 -45.99 54.49 20.23
CA TYR H 207 -44.94 53.91 21.07
C TYR H 207 -45.30 54.05 22.55
N LEU H 208 -45.66 55.26 22.98
CA LEU H 208 -46.11 55.47 24.36
C LEU H 208 -47.63 55.29 24.46
N LYS H 209 -48.12 54.18 23.89
CA LYS H 209 -49.53 53.82 23.86
C LYS H 209 -50.14 53.96 25.24
N ILE H 210 -49.73 53.09 26.16
CA ILE H 210 -50.29 53.11 27.51
C ILE H 210 -49.70 54.23 28.37
N PRO H 211 -48.41 54.61 28.22
CA PRO H 211 -48.08 55.77 29.06
C PRO H 211 -48.43 57.11 28.40
N LYS H 219 -47.85 51.95 37.84
CA LYS H 219 -47.31 51.78 36.50
C LYS H 219 -47.98 50.61 35.79
N PRO H 220 -48.19 50.75 34.48
CA PRO H 220 -48.91 49.71 33.72
C PRO H 220 -48.09 48.44 33.59
N LEU H 221 -48.65 47.39 32.98
CA LEU H 221 -47.86 46.22 32.64
C LEU H 221 -48.44 45.54 31.41
N VAL H 222 -47.56 45.07 30.55
CA VAL H 222 -47.89 44.57 29.23
C VAL H 222 -47.75 43.05 29.22
N ALA H 223 -48.41 42.42 28.22
CA ALA H 223 -48.42 40.96 28.15
C ALA H 223 -47.02 40.37 27.99
N ASP H 224 -46.11 41.09 27.33
CA ASP H 224 -44.74 40.58 27.18
C ASP H 224 -44.04 40.48 28.53
N GLU H 225 -44.14 41.53 29.34
CA GLU H 225 -43.56 41.49 30.68
C GLU H 225 -44.25 40.46 31.56
N VAL H 226 -45.56 40.23 31.35
CA VAL H 226 -46.27 39.22 32.13
C VAL H 226 -45.63 37.84 31.93
N ALA H 227 -45.50 37.43 30.66
CA ALA H 227 -44.92 36.12 30.38
C ALA H 227 -43.45 36.06 30.78
N LEU H 228 -42.73 37.17 30.61
CA LEU H 228 -41.30 37.16 30.88
C LEU H 228 -40.99 37.14 32.37
N GLY H 229 -41.83 37.77 33.18
CA GLY H 229 -41.52 37.89 34.59
C GLY H 229 -40.51 38.98 34.91
N VAL H 230 -40.34 39.94 34.03
CA VAL H 230 -39.41 41.06 34.24
C VAL H 230 -39.81 42.18 33.29
N THR H 231 -39.74 43.41 33.79
CA THR H 231 -40.17 44.56 33.00
C THR H 231 -39.18 44.87 31.90
N TYR H 232 -39.65 45.63 30.90
CA TYR H 232 -38.75 46.09 29.85
C TYR H 232 -37.78 47.14 30.37
N ASP H 233 -38.19 47.89 31.40
CA ASP H 233 -37.28 48.86 32.01
C ASP H 233 -36.07 48.18 32.62
N ALA H 234 -36.29 47.03 33.28
CA ALA H 234 -35.17 46.29 33.85
C ALA H 234 -34.31 45.68 32.75
N ILE H 235 -34.93 45.17 31.69
CA ILE H 235 -34.17 44.62 30.56
C ILE H 235 -33.33 45.71 29.92
N ASP H 236 -33.95 46.87 29.65
CA ASP H 236 -33.23 47.97 29.03
C ASP H 236 -32.11 48.48 29.95
N ASP H 237 -32.40 48.63 31.24
CA ASP H 237 -31.37 49.06 32.19
C ASP H 237 -30.24 48.05 32.26
N TYR H 238 -30.57 46.76 32.21
CA TYR H 238 -29.54 45.72 32.21
C TYR H 238 -28.67 45.81 30.95
N LEU H 239 -29.30 46.01 29.79
CA LEU H 239 -28.54 46.11 28.55
C LEU H 239 -27.77 47.43 28.44
N GLU H 240 -28.09 48.41 29.27
CA GLU H 240 -27.37 49.67 29.31
C GLU H 240 -26.27 49.70 30.36
N GLY H 241 -25.94 48.55 30.95
CA GLY H 241 -24.86 48.46 31.91
C GLY H 241 -25.22 48.84 33.33
N LYS H 242 -26.44 49.31 33.57
CA LYS H 242 -26.83 49.70 34.92
C LYS H 242 -27.08 48.47 35.78
N LYS H 243 -26.97 48.66 37.10
CA LYS H 243 -27.18 47.57 38.04
C LYS H 243 -28.67 47.45 38.33
N VAL H 244 -29.23 46.27 38.05
CA VAL H 244 -30.61 45.97 38.38
C VAL H 244 -30.62 45.04 39.60
N SER H 245 -31.82 44.70 40.08
CA SER H 245 -31.90 43.84 41.25
C SER H 245 -31.36 42.45 40.94
N GLU H 246 -31.03 41.70 41.99
CA GLU H 246 -30.50 40.36 41.81
C GLU H 246 -31.54 39.44 41.19
N THR H 247 -32.81 39.60 41.58
CA THR H 247 -33.86 38.77 41.00
C THR H 247 -34.11 39.13 39.54
N ASP H 248 -34.08 40.42 39.20
CA ASP H 248 -34.23 40.82 37.81
C ASP H 248 -33.09 40.29 36.95
N GLN H 249 -31.85 40.47 37.43
CA GLN H 249 -30.69 39.97 36.68
C GLN H 249 -30.75 38.46 36.51
N GLN H 250 -31.19 37.75 37.55
CA GLN H 250 -31.29 36.30 37.46
C GLN H 250 -32.32 35.88 36.41
N THR H 251 -33.48 36.56 36.40
CA THR H 251 -34.51 36.23 35.42
C THR H 251 -34.03 36.49 34.00
N ILE H 252 -33.36 37.64 33.78
CA ILE H 252 -32.89 37.99 32.44
C ILE H 252 -31.88 36.96 31.94
N GLU H 253 -30.87 36.66 32.77
CA GLU H 253 -29.83 35.73 32.36
C GLU H 253 -30.34 34.30 32.25
N ASN H 254 -31.41 33.97 32.97
CA ASN H 254 -32.04 32.66 32.76
C ASN H 254 -32.67 32.58 31.38
N TRP H 255 -33.37 33.64 30.95
CA TRP H 255 -33.92 33.66 29.61
C TRP H 255 -32.83 33.62 28.55
N TYR H 256 -31.71 34.29 28.80
CA TYR H 256 -30.61 34.30 27.84
C TYR H 256 -30.05 32.91 27.63
N LYS H 257 -29.74 32.21 28.73
CA LYS H 257 -29.21 30.85 28.61
C LYS H 257 -30.25 29.90 28.04
N LYS H 258 -31.51 30.07 28.45
CA LYS H 258 -32.57 29.20 27.94
C LYS H 258 -32.73 29.34 26.42
N GLY H 259 -32.49 30.53 25.88
CA GLY H 259 -32.70 30.77 24.47
C GLY H 259 -31.43 30.89 23.66
N GLN H 260 -30.38 30.17 24.05
CA GLN H 260 -29.14 30.21 23.29
C GLN H 260 -29.27 29.54 21.94
N HIS H 261 -30.10 28.50 21.84
CA HIS H 261 -30.28 27.81 20.57
C HIS H 261 -30.94 28.69 19.52
N LYS H 262 -31.60 29.77 19.92
CA LYS H 262 -32.22 30.69 18.96
C LYS H 262 -31.25 31.73 18.43
N ARG H 263 -30.08 31.89 19.06
CA ARG H 263 -29.07 32.82 18.59
C ARG H 263 -27.94 32.14 17.84
N HIS H 264 -28.08 30.86 17.53
CA HIS H 264 -27.12 30.12 16.75
C HIS H 264 -27.83 29.38 15.64
N LEU H 265 -27.10 29.08 14.56
CA LEU H 265 -27.60 28.25 13.49
C LEU H 265 -27.86 26.85 14.02
N PRO H 266 -28.53 25.98 13.27
CA PRO H 266 -28.75 24.61 13.76
C PRO H 266 -27.46 23.97 14.25
N ILE H 267 -27.57 23.27 15.38
CA ILE H 267 -26.38 22.84 16.12
C ILE H 267 -25.67 21.72 15.37
N THR H 268 -24.37 21.92 15.14
CA THR H 268 -23.51 20.90 14.55
C THR H 268 -22.68 20.23 15.64
N ILE H 269 -21.97 19.17 15.24
CA ILE H 269 -21.12 18.43 16.17
C ILE H 269 -19.92 19.25 16.63
N PHE H 270 -19.64 20.38 15.99
CA PHE H 270 -18.50 21.22 16.35
C PHE H 270 -18.85 22.31 17.36
N ASP H 271 -20.13 22.56 17.60
CA ASP H 271 -20.53 23.64 18.49
C ASP H 271 -20.21 23.31 19.94
N ASP H 272 -19.91 24.36 20.71
CA ASP H 272 -19.57 24.21 22.12
CA ASP H 272 -19.56 24.22 22.12
C ASP H 272 -20.36 25.13 23.04
N PHE H 273 -21.24 25.98 22.51
CA PHE H 273 -21.96 26.93 23.34
C PHE H 273 -22.95 26.24 24.28
N TRP H 274 -23.48 25.09 23.89
CA TRP H 274 -24.50 24.41 24.67
C TRP H 274 -23.92 23.49 25.74
N LYS H 275 -22.63 23.17 25.66
CA LYS H 275 -22.02 22.23 26.60
C LYS H 275 -21.69 22.89 27.94
PA NAD I . 0.33 -10.37 32.12
O1A NAD I . -0.60 -11.18 32.97
O2A NAD I . 1.50 -9.91 32.96
O5B NAD I . -0.45 -9.04 31.52
C5B NAD I . -1.66 -9.25 30.84
C4B NAD I . -2.86 -9.10 31.84
O4B NAD I . -2.93 -7.88 32.24
C3B NAD I . -4.17 -9.43 31.12
O3B NAD I . -4.61 -10.67 31.45
C2B NAD I . -5.17 -8.35 31.64
O2B NAD I . -5.88 -8.88 32.90
C1B NAD I . -4.45 -7.34 31.94
N9A NAD I . -4.43 -6.35 30.88
C8A NAD I . -4.01 -6.49 29.61
N7A NAD I . -4.17 -5.32 28.98
C5A NAD I . -4.67 -4.44 29.85
C6A NAD I . -5.02 -3.13 29.75
N6A NAD I . -4.95 -2.22 28.60
N1A NAD I . -5.52 -2.48 30.80
C2A NAD I . -5.68 -3.10 31.98
N3A NAD I . -5.34 -4.41 32.10
C4A NAD I . -4.84 -5.08 31.03
O3 NAD I . 0.86 -11.28 30.86
PN NAD I . 1.70 -10.69 29.54
O1N NAD I . 1.44 -9.21 29.37
O2N NAD I . 1.27 -11.41 28.29
O5D NAD I . 3.30 -10.93 29.75
C5D NAD I . 3.84 -10.63 31.04
C4D NAD I . 5.17 -11.38 31.23
O4D NAD I . 5.14 -12.54 30.59
C3D NAD I . 6.31 -10.56 30.57
O3D NAD I . 7.45 -10.69 31.26
C2D NAD I . 6.45 -11.20 29.18
O2D NAD I . 7.84 -11.00 28.65
C1D NAD I . 6.23 -12.47 29.38
N1N NAD I . 5.72 -13.05 28.20
C2N NAD I . 6.58 -13.33 27.17
C3N NAD I . 6.10 -13.89 25.97
C7N NAD I . 7.06 -14.20 24.84
O7N NAD I . 8.21 -14.32 25.08
N7N NAD I . 6.55 -14.34 23.44
C4N NAD I . 4.76 -14.15 25.83
C5N NAD I . 3.89 -13.87 26.87
C6N NAD I . 4.39 -13.31 28.07
PA NAD J . -1.53 -9.08 53.30
O1A NAD J . -0.84 -10.05 52.40
O2A NAD J . -2.49 -8.24 52.48
O5B NAD J . -0.43 -8.10 54.04
C5B NAD J . 0.68 -8.70 54.65
C4B NAD J . 1.89 -8.71 53.66
O4B NAD J . 2.06 -7.53 53.18
C3B NAD J . 3.18 -9.07 54.39
O3B NAD J . 3.47 -10.39 54.24
C2B NAD J . 4.26 -8.19 53.72
O2B NAD J . 4.82 -8.94 52.51
C1B NAD J . 3.64 -7.14 53.33
N9A NAD J . 3.79 -6.03 54.26
C8A NAD J . 3.31 -5.95 55.51
N7A NAD J . 3.66 -4.76 56.02
C5A NAD J . 4.36 -4.11 55.09
C6A NAD J . 4.94 -2.87 55.09
N6A NAD J . 5.00 -1.84 56.12
N1A NAD J . 5.60 -2.43 54.00
C2A NAD J . 5.67 -3.22 52.90
N3A NAD J . 5.10 -4.44 52.89
C4A NAD J . 4.44 -4.89 54.00
O3 NAD J . -2.36 -9.89 54.46
PN NAD J . -3.06 -9.17 55.80
O1N NAD J . -2.18 -8.04 56.30
O2N NAD J . -3.22 -10.17 56.89
O5D NAD J . -4.51 -8.59 55.38
C5D NAD J . -5.09 -9.11 54.20
C4D NAD J . -6.58 -9.42 54.46
O4D NAD J . -6.73 -10.63 54.98
C3D NAD J . -7.14 -8.49 55.55
O3D NAD J . -7.47 -7.29 55.04
C2D NAD J . -8.41 -9.27 55.97
O2D NAD J . -9.49 -9.12 54.93
C1D NAD J . -8.00 -10.53 56.00
N1N NAD J . -7.61 -10.88 57.32
C2N NAD J . -8.58 -10.99 58.30
C3N NAD J . -8.22 -11.33 59.62
C7N NAD J . -9.29 -11.46 60.68
O7N NAD J . -10.43 -11.39 60.37
N7N NAD J . -8.92 -11.67 62.11
C4N NAD J . -6.91 -11.54 59.94
C5N NAD J . -5.93 -11.42 58.95
C6N NAD J . -6.31 -11.08 57.63
PA NAD K . 11.95 -6.75 7.18
O1A NAD K . 13.05 -6.16 6.36
O2A NAD K . 11.54 -8.09 6.62
O5B NAD K . 10.63 -5.74 7.16
C5B NAD K . 10.84 -4.38 7.47
C4B NAD K . 11.01 -3.56 6.14
O4B NAD K . 9.97 -3.70 5.40
C3B NAD K . 11.13 -2.07 6.46
O3B NAD K . 12.42 -1.67 6.49
C2B NAD K . 10.36 -1.38 5.32
O2B NAD K . 11.32 -1.07 4.17
C1B NAD K . 9.47 -2.22 4.94
N9A NAD K . 8.17 -1.93 5.51
C8A NAD K . 7.87 -1.93 6.82
N7A NAD K . 6.58 -1.62 6.95
C5A NAD K . 6.07 -1.43 5.73
C6A NAD K . 4.82 -1.10 5.30
N6A NAD K . 3.59 -0.83 6.06
N1A NAD K . 4.58 -0.96 3.99
C2A NAD K . 5.56 -1.16 3.09
N3A NAD K . 6.80 -1.49 3.51
C4A NAD K . 7.06 -1.62 4.83
O3 NAD K . 12.46 -6.91 8.73
PN NAD K . 11.46 -7.34 10.01
O1N NAD K . 10.00 -7.06 9.64
O2N NAD K . 11.82 -6.56 11.23
O5D NAD K . 11.62 -8.92 10.32
C5D NAD K . 11.63 -9.84 9.25
C4D NAD K . 12.08 -11.20 9.83
O4D NAD K . 13.23 -11.05 10.46
C3D NAD K . 11.09 -11.62 10.92
O3D NAD K . 10.06 -12.32 10.41
C2D NAD K . 11.97 -12.51 11.83
O2D NAD K . 12.13 -13.88 11.22
C1D NAD K . 13.12 -11.88 11.86
N1N NAD K . 13.14 -11.02 12.98
C2N NAD K . 13.10 -11.58 14.24
C3N NAD K . 13.12 -10.74 15.38
C7N NAD K . 13.07 -11.38 16.75
O7N NAD K . 13.29 -12.53 16.88
N7N NAD K . 12.76 -10.54 17.95
C4N NAD K . 13.17 -9.38 15.24
C5N NAD K . 13.20 -8.82 13.97
C6N NAD K . 13.20 -9.67 12.83
PA NAD L . 19.33 -10.36 -40.36
O1A NAD L . 19.07 -9.47 -41.56
O2A NAD L . 20.24 -11.48 -40.76
O5B NAD L . 17.89 -10.97 -39.81
C5B NAD L . 17.43 -12.19 -40.32
C4B NAD L . 16.58 -11.93 -41.61
O4B NAD L . 16.36 -13.05 -42.22
C3B NAD L . 15.20 -11.35 -41.22
O3B NAD L . 15.06 -10.09 -41.73
C2B NAD L . 14.16 -12.30 -41.85
O2B NAD L . 13.65 -11.71 -43.17
C1B NAD L . 14.77 -13.40 -42.08
N9A NAD L . 14.55 -14.39 -41.05
C8A NAD L . 14.48 -14.18 -39.71
N7A NAD L . 14.28 -15.35 -39.12
C5A NAD L . 14.21 -16.29 -40.07
C6A NAD L . 14.00 -17.64 -40.01
N6A NAD L . 13.79 -18.53 -38.87
N1A NAD L . 13.97 -18.36 -41.14
C2A NAD L . 14.15 -17.77 -42.34
N3A NAD L . 14.36 -16.44 -42.41
C4A NAD L . 14.38 -15.69 -41.26
O3 NAD L . 20.03 -9.49 -39.17
PN NAD L . 19.59 -9.65 -37.56
O1N NAD L . 19.30 -11.11 -37.27
O2N NAD L . 18.36 -8.84 -37.29
O5D NAD L . 20.80 -9.15 -36.61
C5D NAD L . 22.04 -9.82 -36.72
C4D NAD L . 23.18 -8.82 -36.99
O4D NAD L . 22.73 -7.59 -36.93
C3D NAD L . 24.22 -8.90 -35.84
O3D NAD L . 25.41 -8.45 -36.27
C2D NAD L . 23.64 -7.94 -34.76
O2D NAD L . 24.77 -7.19 -34.10
C1D NAD L . 22.85 -7.09 -35.39
PA NAD M . -34.86 30.33 -0.52
O1A NAD M . -36.11 30.47 0.31
O2A NAD M . -33.97 29.30 0.11
O5B NAD M . -34.08 31.79 -0.59
C5B NAD M . -34.78 32.85 -1.17
C4B NAD M . -34.93 34.02 -0.15
O4B NAD M . -33.76 34.34 0.32
C3B NAD M . -35.43 35.28 -0.88
O3B NAD M . -36.77 35.40 -0.70
C2B NAD M . -34.70 36.46 -0.19
O2B NAD M . -35.64 37.15 0.79
C1B NAD M . -33.70 35.96 0.44
N9A NAD M . -32.46 36.43 -0.12
C8A NAD M . -32.04 36.31 -1.39
N7A NAD M . -30.83 36.87 -1.47
C5A NAD M . -30.50 37.34 -0.27
C6A NAD M . -29.40 38.00 0.19
N6A NAD M . -28.18 38.42 -0.49
N1A NAD M . -29.32 38.37 1.47
C2A NAD M . -30.33 38.09 2.33
N3A NAD M . -31.43 37.44 1.89
C4A NAD M . -31.50 37.07 0.58
O3 NAD M . -35.27 29.90 -2.05
PN NAD M . -34.18 29.76 -3.31
O1N NAD M . -32.82 30.28 -2.88
O2N NAD M . -34.67 30.55 -4.48
O5D NAD M . -34.05 28.19 -3.72
C5D NAD M . -33.83 27.28 -2.66
C4D NAD M . -34.41 25.89 -3.02
O4D NAD M . -34.86 25.89 -4.27
C3D NAD M . -33.25 24.87 -2.99
O3D NAD M . -33.72 23.64 -2.73
C2D NAD M . -32.74 24.94 -4.45
O2D NAD M . -31.91 23.74 -4.77
C1D NAD M . -33.87 24.93 -5.12
N1N NAD M . -33.69 25.43 -6.44
PA NAD N . 26.63 -12.12 -60.08
O1A NAD N . 27.09 -10.91 -59.33
O2A NAD N . 25.54 -12.81 -59.30
O5B NAD N . 27.89 -13.16 -60.30
C5B NAD N . 29.18 -12.62 -60.45
C4B NAD N . 29.87 -12.49 -59.05
O4B NAD N . 29.97 -13.65 -58.50
C3B NAD N . 31.29 -11.95 -59.22
O3B NAD N . 31.34 -10.63 -58.88
C2B NAD N . 32.17 -12.78 -58.25
O2B NAD N . 32.37 -12.01 -56.94
C1B NAD N . 31.51 -13.86 -58.01
N9A NAD N . 32.10 -14.98 -58.70
C8A NAD N . 32.27 -15.11 -60.03
N7A NAD N . 32.84 -16.30 -60.26
C5A NAD N . 33.05 -16.89 -59.08
C6A NAD N . 33.59 -18.10 -58.76
N6A NAD N . 34.16 -19.16 -59.59
N1A NAD N . 33.66 -18.46 -57.47
C2A NAD N . 33.21 -17.65 -56.49
N3A NAD N . 32.66 -16.46 -56.81
C4A NAD N . 32.58 -16.09 -58.12
O3 NAD N . 26.01 -11.65 -61.53
PN NAD N . 26.29 -12.44 -62.99
O1N NAD N . 26.84 -13.83 -62.75
O2N NAD N . 27.28 -11.64 -63.77
O5D NAD N . 24.88 -12.54 -63.79
C5D NAD N . 23.75 -12.98 -63.05
C4D NAD N . 22.44 -12.67 -63.79
O4D NAD N . 22.26 -11.37 -63.93
C3D NAD N . 22.47 -13.25 -65.23
O3D NAD N . 21.41 -14.05 -65.41
C2D NAD N . 22.37 -12.00 -66.15
O2D NAD N . 21.65 -12.37 -67.42
C1D NAD N . 21.65 -11.17 -65.42
N1N NAD N . 21.79 -9.83 -65.84
C2N NAD N . 21.25 -9.41 -67.04
C3N NAD N . 21.39 -8.07 -67.45
C7N NAD N . 20.81 -7.62 -68.77
O7N NAD N . 20.60 -6.47 -68.97
N7N NAD N . 20.49 -8.62 -69.84
C4N NAD N . 22.05 -7.18 -66.65
C5N NAD N . 22.59 -7.59 -65.45
C6N NAD N . 22.45 -8.94 -65.04
PA NAD O . 17.11 -11.41 -12.94
O1A NAD O . 17.69 -11.82 -11.62
O2A NAD O . 16.28 -10.16 -12.75
O5B NAD O . 16.19 -12.63 -13.56
C5B NAD O . 16.82 -13.87 -13.75
C4B NAD O . 16.54 -14.79 -12.52
O4B NAD O . 15.27 -14.89 -12.36
C3B NAD O . 17.06 -16.21 -12.77
O3B NAD O . 18.27 -16.40 -12.17
C2B NAD O . 15.99 -17.13 -12.14
O2B NAD O . 16.35 -17.43 -10.69
C1B NAD O . 14.89 -16.47 -12.21
N9A NAD O . 14.08 -16.91 -13.32
C8A NAD O . 14.42 -16.97 -14.63
N7A NAD O . 13.38 -17.43 -15.32
C5A NAD O . 12.37 -17.66 -14.45
C6A NAD O . 11.10 -18.14 -14.62
N6A NAD O . 10.39 -18.55 -15.83
N1A NAD O . 10.30 -18.28 -13.57
C2A NAD O . 10.73 -17.95 -12.33
N3A NAD O . 11.99 -17.49 -12.16
C4A NAD O . 12.81 -17.34 -13.22
O3 NAD O . 18.33 -11.15 -14.02
PN NAD O . 18.07 -10.94 -15.66
O1N NAD O . 16.61 -11.17 -16.01
O2N NAD O . 18.91 -11.90 -16.44
O5D NAD O . 18.49 -9.43 -16.06
C5D NAD O . 17.69 -8.36 -15.58
C4D NAD O . 17.58 -7.33 -16.72
O4D NAD O . 17.34 -6.13 -16.22
C3D NAD O . 18.96 -7.24 -17.42
O3D NAD O . 18.81 -7.02 -18.74
C2D NAD O . 19.58 -6.00 -16.74
O2D NAD O . 20.71 -5.43 -17.58
C1D NAD O . 18.56 -5.19 -16.72
N1N NAD O . 18.78 -4.10 -15.85
C2N NAD O . 18.83 -2.83 -16.39
C3N NAD O . 19.04 -1.72 -15.56
C7N NAD O . 19.10 -0.34 -16.16
O7N NAD O . 20.13 0.09 -16.56
N7N NAD O . 17.85 0.50 -16.27
C4N NAD O . 19.20 -1.89 -14.21
C5N NAD O . 19.15 -3.17 -13.66
C6N NAD O . 18.94 -4.28 -14.51
PA NAD P . -40.22 28.41 19.76
O1A NAD P . -40.64 27.58 18.59
O2A NAD P . -39.56 29.66 19.26
O5B NAD P . -39.14 27.55 20.69
C5B NAD P . -39.47 26.23 21.06
C4B NAD P . -38.93 25.21 20.01
O4B NAD P . -37.66 25.40 19.83
C3B NAD P . -39.08 23.78 20.53
O3B NAD P . -40.22 23.21 20.06
C2B NAD P . -37.83 23.05 19.96
O2B NAD P . -38.13 22.56 18.55
C1B NAD P . -36.92 23.95 19.93
N9A NAD P . -36.07 23.90 21.11
C8A NAD P . -36.43 24.11 22.39
N7A NAD P . -35.35 23.97 23.16
C5A NAD P . -34.31 23.70 22.36
C6A NAD P . -32.99 23.48 22.63
N6A NAD P . -32.26 23.47 23.90
N1A NAD P . -32.14 23.21 21.63
C2A NAD P . -32.58 23.17 20.35
N3A NAD P . -33.88 23.39 20.08
C4A NAD P . -34.75 23.65 21.09
O3 NAD P . -41.54 28.78 20.67
PN NAD P . -41.49 29.24 22.28
O1N NAD P . -40.08 29.11 22.82
O2N NAD P . -42.41 28.35 23.06
O5D NAD P . -41.98 30.78 22.43
C5D NAD P . -41.34 31.76 21.63
C4D NAD P . -42.11 33.09 21.67
O4D NAD P . -43.35 32.93 21.24
C3D NAD P . -42.23 33.60 23.12
O3D NAD P . -41.93 34.91 23.17
C2D NAD P . -43.72 33.38 23.48
O2D NAD P . -44.13 34.35 24.56
C1D NAD P . -44.29 33.66 22.34
N1N NAD P . -45.61 33.14 22.27
C2N NAD P . -46.64 33.75 22.97
C3N NAD P . -47.95 33.24 22.89
C7N NAD P . -49.07 33.90 23.67
O7N NAD P . -50.19 33.77 23.32
N7N NAD P . -48.75 34.70 24.89
C4N NAD P . -48.22 32.16 22.11
C5N NAD P . -47.20 31.55 21.39
C6N NAD P . -45.88 32.07 21.48
#